data_6XPZ
#
_entry.id   6XPZ
#
_cell.length_a   85.790
_cell.length_b   103.710
_cell.length_c   220.000
_cell.angle_alpha   90.000
_cell.angle_beta   90.000
_cell.angle_gamma   90.000
#
_symmetry.space_group_name_H-M   'P 21 2 21'
#
loop_
_entity.id
_entity.type
_entity.pdbx_description
1 polymer Hemagglutinin
2 polymer 'antibody S1V2-83 heavy chain'
3 polymer 'antibody S1V2-83 light chain'
4 branched 2-acetamido-2-deoxy-beta-D-glucopyranose-(1-4)-2-acetamido-2-deoxy-beta-D-glucopyranose
5 branched beta-D-mannopyranose-(1-4)-2-acetamido-2-deoxy-beta-D-glucopyranose-(1-6)-2-acetamido-2-deoxy-beta-D-glucopyranose
6 branched beta-D-mannopyranose-(1-4)-2-acetamido-2-deoxy-beta-D-glucopyranose-(1-4)-2-acetamido-2-deoxy-beta-D-glucopyranose
7 non-polymer 2-acetamido-2-deoxy-beta-D-glucopyranose
#
loop_
_entity_poly.entity_id
_entity_poly.type
_entity_poly.pdbx_seq_one_letter_code
_entity_poly.pdbx_strand_id
1 'polypeptide(L)'
;TNATELVQSSSTGRICDSPHQILDGENCTLIDALLGDPHCDGFQNKEWDLFVERSKAYSNCYPYDVPDYASLRSLVASSG
TLEFNNESFNWTGVAQNGTSSACKRRSIKSFFSRLNWLHQLENRYPALNVTMPNNDKFDKLYIWGVHHPSTDSVQTSVYV
QASGRVTVSTKRSQQTVIPNIGSRPWVRGVSSRISIYWTIVKPGDILLINSTGNLIAPRGYFKIRSGKSSIMRSDAPIGK
CNSECITPNGSIPNDKPFQNVNRITYGACPRYVKQNTLKLATGALEVLFQ
;
A,D
2 'polypeptide(L)'
;QVQLVESGGGVVQPGRSVRLTCAGSGFSFSNFGMNWVRQAPGKGLEWLAIISYDGSKKWYADSVKGRFTISRDDAKNTLF
LQMNSLTAEDTAVYYCSKDRGDVWSGYYRGGDYHYYFGMDVWGQGTTVTVSGASTKGPSVFPLAPSSKSTSGGTAALGCL
VKDYFPEPVTVSWNSGALTSGVHTFPAVLQSSGLYSLSSVVTVPSSSLGTQTYICNVNHKPSNTKVDKRVEPKSCDKHHH
HHH
;
B,E
3 'polypeptide(L)'
;DIQMTQSPSSLSTSVGDRVTITCQASQDISNFLNWYQQKPGKAPELLIYDASYLQGGVPSRFSGSGSGTDFSFTISSLQP
EDIATYYCQQYNSLPITFGQGTRLEIKRTVAAPSVFIFPPSDEQLKSGTASVVCLLNNFYPREAKVQWKVDNALQSGNSQ
ESVTEQDSKDSTYSLSSTLTLSKADYEKHKVYACEVTHQGLSSPVTKSFNRGEC
;
C,F
#
# COMPACT_ATOMS: atom_id res chain seq x y z
N GLU A 5 -0.20 -65.88 -14.35
CA GLU A 5 -0.73 -65.52 -13.04
C GLU A 5 -0.69 -64.01 -12.84
N LEU A 6 0.51 -63.43 -12.88
CA LEU A 6 0.65 -62.00 -12.71
C LEU A 6 -0.05 -61.26 -13.83
N VAL A 7 -0.60 -60.08 -13.49
CA VAL A 7 -1.36 -59.31 -14.46
C VAL A 7 -0.44 -58.68 -15.50
N GLN A 8 -1.02 -58.30 -16.63
CA GLN A 8 -0.23 -57.86 -17.77
C GLN A 8 0.42 -56.51 -17.49
N SER A 9 1.71 -56.40 -17.82
CA SER A 9 2.47 -55.17 -17.59
C SER A 9 3.22 -54.73 -18.83
N SER A 10 2.98 -55.34 -19.98
CA SER A 10 3.73 -55.06 -21.20
C SER A 10 2.77 -54.61 -22.31
N SER A 11 3.19 -53.59 -23.05
CA SER A 11 2.45 -53.10 -24.20
C SER A 11 3.29 -53.30 -25.46
N THR A 12 2.59 -53.46 -26.59
CA THR A 12 3.29 -53.57 -27.87
C THR A 12 4.04 -52.29 -28.22
N GLY A 13 3.65 -51.16 -27.62
CA GLY A 13 4.25 -49.88 -27.92
C GLY A 13 3.52 -49.06 -28.96
N ARG A 14 2.60 -49.66 -29.70
CA ARG A 14 1.83 -48.97 -30.72
C ARG A 14 0.35 -49.21 -30.49
N ILE A 15 -0.46 -48.39 -31.13
CA ILE A 15 -1.92 -48.47 -31.04
C ILE A 15 -2.45 -49.09 -32.33
N CYS A 16 -3.25 -50.14 -32.20
CA CYS A 16 -3.78 -50.83 -33.37
C CYS A 16 -4.97 -50.07 -33.93
N ASP A 17 -5.01 -49.96 -35.27
CA ASP A 17 -6.11 -49.29 -35.96
C ASP A 17 -7.35 -50.16 -36.08
N SER A 18 -7.35 -51.35 -35.48
CA SER A 18 -8.49 -52.25 -35.51
C SER A 18 -8.73 -52.81 -34.12
N PRO A 19 -9.99 -53.10 -33.77
CA PRO A 19 -11.18 -52.91 -34.61
C PRO A 19 -11.76 -51.50 -34.51
N HIS A 20 -11.26 -50.71 -33.56
CA HIS A 20 -11.75 -49.36 -33.36
C HIS A 20 -11.22 -48.43 -34.44
N GLN A 21 -12.10 -47.61 -35.00
CA GLN A 21 -11.68 -46.61 -36.00
C GLN A 21 -10.87 -45.53 -35.30
N ILE A 22 -9.58 -45.46 -35.61
CA ILE A 22 -8.65 -44.56 -34.95
C ILE A 22 -8.33 -43.41 -35.90
N LEU A 23 -8.78 -42.21 -35.54
CA LEU A 23 -8.36 -40.98 -36.21
C LEU A 23 -7.24 -40.36 -35.38
N ASP A 24 -6.09 -40.15 -36.00
CA ASP A 24 -4.94 -39.61 -35.29
C ASP A 24 -4.88 -38.10 -35.43
N GLY A 25 -4.33 -37.45 -34.40
CA GLY A 25 -4.32 -36.00 -34.35
C GLY A 25 -3.20 -35.35 -35.15
N GLU A 26 -1.99 -35.90 -35.05
CA GLU A 26 -0.79 -35.36 -35.70
C GLU A 26 -0.59 -33.94 -35.20
N ASN A 27 -0.53 -32.93 -36.05
CA ASN A 27 -0.29 -31.56 -35.62
C ASN A 27 -1.58 -30.85 -35.21
N CYS A 28 -2.73 -31.52 -35.26
CA CYS A 28 -4.01 -30.91 -35.00
C CYS A 28 -4.66 -31.55 -33.78
N THR A 29 -5.17 -30.73 -32.87
CA THR A 29 -6.00 -31.19 -31.79
C THR A 29 -7.47 -31.13 -32.20
N LEU A 30 -8.34 -31.65 -31.32
CA LEU A 30 -9.76 -31.70 -31.65
C LEU A 30 -10.36 -30.31 -31.80
N ILE A 31 -9.87 -29.33 -31.04
CA ILE A 31 -10.44 -28.00 -31.09
C ILE A 31 -9.97 -27.25 -32.34
N ASP A 32 -8.69 -27.35 -32.68
CA ASP A 32 -8.22 -26.71 -33.91
C ASP A 32 -8.88 -27.33 -35.14
N ALA A 33 -9.09 -28.65 -35.12
CA ALA A 33 -9.85 -29.27 -36.20
C ALA A 33 -11.31 -28.85 -36.17
N LEU A 34 -11.84 -28.58 -34.98
CA LEU A 34 -13.22 -28.11 -34.87
C LEU A 34 -13.38 -26.71 -35.44
N LEU A 35 -12.43 -25.83 -35.15
CA LEU A 35 -12.53 -24.44 -35.59
C LEU A 35 -12.22 -24.30 -37.08
N GLY A 36 -11.34 -25.13 -37.61
CA GLY A 36 -10.99 -25.06 -39.02
C GLY A 36 -9.63 -24.43 -39.27
N ASP A 37 -8.64 -24.79 -38.45
CA ASP A 37 -7.28 -24.35 -38.68
C ASP A 37 -6.82 -24.83 -40.06
N PRO A 38 -6.28 -23.94 -40.90
CA PRO A 38 -5.89 -24.34 -42.26
C PRO A 38 -5.08 -25.64 -42.35
N HIS A 39 -4.16 -25.87 -41.42
CA HIS A 39 -3.41 -27.12 -41.45
C HIS A 39 -4.20 -28.31 -40.93
N CYS A 40 -5.51 -28.14 -40.69
CA CYS A 40 -6.39 -29.23 -40.27
C CYS A 40 -7.55 -29.43 -41.24
N ASP A 41 -7.43 -28.93 -42.47
CA ASP A 41 -8.51 -29.03 -43.43
C ASP A 41 -8.82 -30.48 -43.82
N GLY A 42 -7.87 -31.40 -43.62
CA GLY A 42 -8.10 -32.79 -43.91
C GLY A 42 -8.95 -33.54 -42.92
N PHE A 43 -9.36 -32.90 -41.83
CA PHE A 43 -10.18 -33.53 -40.80
C PHE A 43 -11.65 -33.14 -40.89
N GLN A 44 -12.05 -32.44 -41.95
CA GLN A 44 -13.44 -31.99 -42.07
C GLN A 44 -14.37 -33.17 -42.30
N ASN A 45 -15.48 -33.18 -41.57
CA ASN A 45 -16.55 -34.17 -41.75
C ASN A 45 -16.04 -35.60 -41.60
N LYS A 46 -15.04 -35.81 -40.74
CA LYS A 46 -14.43 -37.11 -40.55
C LYS A 46 -14.80 -37.67 -39.18
N GLU A 47 -15.15 -38.96 -39.16
CA GLU A 47 -15.62 -39.63 -37.95
C GLU A 47 -14.51 -40.43 -37.31
N TRP A 48 -14.78 -40.91 -36.09
CA TRP A 48 -13.80 -41.67 -35.33
C TRP A 48 -14.49 -42.36 -34.17
N ASP A 49 -13.87 -43.44 -33.70
CA ASP A 49 -14.22 -44.06 -32.42
C ASP A 49 -13.29 -43.61 -31.30
N LEU A 50 -12.02 -43.36 -31.61
CA LEU A 50 -11.08 -42.80 -30.64
C LEU A 50 -10.16 -41.83 -31.36
N PHE A 51 -10.17 -40.57 -30.91
CA PHE A 51 -9.34 -39.53 -31.48
C PHE A 51 -8.14 -39.31 -30.56
N VAL A 52 -6.94 -39.46 -31.10
CA VAL A 52 -5.71 -39.41 -30.32
C VAL A 52 -4.98 -38.11 -30.63
N GLU A 53 -4.83 -37.25 -29.63
CA GLU A 53 -4.09 -36.02 -29.76
C GLU A 53 -2.61 -36.26 -29.48
N ARG A 54 -1.76 -35.52 -30.18
CA ARG A 54 -0.31 -35.64 -30.05
C ARG A 54 0.24 -34.46 -29.26
N SER A 55 1.42 -34.68 -28.67
CA SER A 55 2.13 -33.60 -27.99
C SER A 55 2.76 -32.61 -28.97
N LYS A 56 3.06 -33.04 -30.20
CA LYS A 56 3.66 -32.19 -31.20
C LYS A 56 2.66 -31.27 -31.88
N ALA A 57 1.38 -31.35 -31.52
CA ALA A 57 0.37 -30.51 -32.13
C ALA A 57 0.65 -29.04 -31.86
N TYR A 58 0.14 -28.18 -32.73
CA TYR A 58 0.34 -26.74 -32.60
C TYR A 58 -0.72 -26.01 -33.40
N SER A 59 -0.99 -24.78 -32.99
CA SER A 59 -1.93 -23.91 -33.69
C SER A 59 -1.17 -22.95 -34.59
N ASN A 60 -1.70 -22.74 -35.80
CA ASN A 60 -1.09 -21.86 -36.78
C ASN A 60 -2.14 -20.95 -37.41
N CYS A 61 -3.04 -20.43 -36.59
CA CYS A 61 -4.06 -19.50 -37.06
C CYS A 61 -4.15 -18.29 -36.15
N TYR A 62 -5.35 -17.74 -35.97
CA TYR A 62 -5.48 -16.56 -35.12
C TYR A 62 -5.34 -16.95 -33.66
N PRO A 63 -4.61 -16.17 -32.86
CA PRO A 63 -4.46 -16.49 -31.43
C PRO A 63 -5.79 -16.37 -30.71
N TYR A 64 -6.23 -17.47 -30.11
CA TYR A 64 -7.54 -17.55 -29.48
C TYR A 64 -7.42 -18.18 -28.10
N ASP A 65 -8.53 -18.16 -27.37
CA ASP A 65 -8.61 -18.86 -26.10
C ASP A 65 -10.04 -19.36 -25.89
N VAL A 66 -10.15 -20.50 -25.23
CA VAL A 66 -11.45 -21.10 -24.89
C VAL A 66 -11.57 -21.11 -23.37
N PRO A 67 -12.50 -20.37 -22.79
CA PRO A 67 -12.57 -20.31 -21.31
C PRO A 67 -12.79 -21.65 -20.65
N ASP A 68 -13.73 -22.44 -21.16
CA ASP A 68 -14.00 -23.79 -20.64
C ASP A 68 -13.58 -24.79 -21.71
N TYR A 69 -12.27 -25.01 -21.81
CA TYR A 69 -11.72 -25.82 -22.90
C TYR A 69 -12.12 -27.29 -22.77
N ALA A 70 -12.11 -27.81 -21.55
CA ALA A 70 -12.28 -29.26 -21.36
C ALA A 70 -13.67 -29.73 -21.79
N SER A 71 -14.72 -28.99 -21.40
CA SER A 71 -16.08 -29.43 -21.71
C SER A 71 -16.33 -29.41 -23.22
N LEU A 72 -15.81 -28.40 -23.92
CA LEU A 72 -15.95 -28.37 -25.37
C LEU A 72 -15.15 -29.48 -26.04
N ARG A 73 -14.00 -29.84 -25.44
CA ARG A 73 -13.21 -30.94 -25.98
C ARG A 73 -13.88 -32.29 -25.76
N SER A 74 -14.64 -32.43 -24.67
CA SER A 74 -15.31 -33.70 -24.37
C SER A 74 -16.63 -33.84 -25.12
N LEU A 75 -17.26 -32.73 -25.49
CA LEU A 75 -18.50 -32.80 -26.27
C LEU A 75 -18.25 -33.37 -27.65
N VAL A 76 -17.28 -32.79 -28.37
CA VAL A 76 -16.98 -33.26 -29.71
C VAL A 76 -16.38 -34.66 -29.69
N ALA A 77 -15.63 -34.99 -28.64
CA ALA A 77 -15.00 -36.30 -28.57
C ALA A 77 -16.02 -37.41 -28.37
N SER A 78 -17.04 -37.16 -27.56
CA SER A 78 -18.04 -38.19 -27.30
C SER A 78 -18.97 -38.42 -28.49
N SER A 79 -19.12 -37.42 -29.37
CA SER A 79 -19.96 -37.61 -30.55
C SER A 79 -19.24 -38.38 -31.64
N GLY A 80 -17.92 -38.27 -31.72
CA GLY A 80 -17.16 -39.03 -32.68
C GLY A 80 -17.32 -38.61 -34.12
N THR A 81 -17.78 -37.37 -34.37
CA THR A 81 -17.94 -36.89 -35.73
C THR A 81 -17.72 -35.39 -35.78
N LEU A 82 -17.02 -34.94 -36.82
CA LEU A 82 -16.87 -33.52 -37.12
C LEU A 82 -17.78 -33.09 -38.28
N GLU A 83 -18.93 -33.72 -38.41
CA GLU A 83 -19.86 -33.41 -39.49
C GLU A 83 -20.41 -32.00 -39.33
N PHE A 84 -20.17 -31.16 -40.32
CA PHE A 84 -20.57 -29.75 -40.29
C PHE A 84 -21.59 -29.50 -41.39
N ASN A 85 -22.74 -28.96 -41.01
CA ASN A 85 -23.83 -28.64 -41.94
C ASN A 85 -23.94 -27.13 -42.03
N ASN A 86 -23.63 -26.59 -43.21
CA ASN A 86 -23.67 -25.15 -43.41
C ASN A 86 -25.10 -24.62 -43.32
N GLU A 87 -25.24 -23.44 -42.72
CA GLU A 87 -26.52 -22.75 -42.62
C GLU A 87 -26.35 -21.31 -43.05
N SER A 88 -27.39 -20.76 -43.68
CA SER A 88 -27.36 -19.41 -44.21
C SER A 88 -28.08 -18.48 -43.23
N PHE A 89 -27.30 -17.76 -42.44
CA PHE A 89 -27.85 -16.70 -41.59
C PHE A 89 -27.98 -15.42 -42.39
N ASN A 90 -28.85 -14.53 -41.91
CA ASN A 90 -29.11 -13.26 -42.58
C ASN A 90 -28.26 -12.17 -41.93
N TRP A 91 -26.99 -12.12 -42.35
CA TRP A 91 -26.06 -11.10 -41.87
C TRP A 91 -26.19 -9.83 -42.71
N THR A 92 -27.41 -9.30 -42.73
CA THR A 92 -27.71 -8.12 -43.52
C THR A 92 -27.16 -6.87 -42.84
N GLY A 93 -26.39 -6.08 -43.58
CA GLY A 93 -25.82 -4.85 -43.08
C GLY A 93 -24.37 -4.93 -42.66
N VAL A 94 -23.75 -6.10 -42.74
CA VAL A 94 -22.37 -6.29 -42.32
C VAL A 94 -21.62 -7.04 -43.42
N ALA A 95 -20.28 -6.94 -43.37
CA ALA A 95 -19.42 -7.67 -44.29
C ALA A 95 -18.97 -8.97 -43.64
N GLN A 96 -18.70 -9.96 -44.48
CA GLN A 96 -18.41 -11.32 -44.03
C GLN A 96 -17.01 -11.73 -44.47
N ASN A 97 -16.65 -12.97 -44.14
CA ASN A 97 -15.41 -13.61 -44.56
C ASN A 97 -14.19 -12.72 -44.26
N GLY A 98 -14.15 -12.21 -43.03
CA GLY A 98 -12.97 -11.47 -42.60
C GLY A 98 -11.76 -12.38 -42.51
N THR A 99 -10.63 -11.88 -43.01
CA THR A 99 -9.40 -12.65 -43.08
C THR A 99 -8.29 -11.96 -42.31
N SER A 100 -7.24 -12.70 -42.02
CA SER A 100 -6.09 -12.19 -41.28
C SER A 100 -4.81 -12.80 -41.81
N SER A 101 -3.70 -12.09 -41.60
CA SER A 101 -2.39 -12.58 -42.04
C SER A 101 -1.85 -13.70 -41.17
N ALA A 102 -2.30 -13.80 -39.91
CA ALA A 102 -1.83 -14.82 -38.99
C ALA A 102 -2.44 -16.20 -39.26
N CYS A 103 -3.28 -16.33 -40.30
CA CYS A 103 -4.00 -17.57 -40.58
C CYS A 103 -3.94 -17.78 -42.10
N LYS A 104 -2.81 -18.30 -42.58
CA LYS A 104 -2.56 -18.45 -44.01
C LYS A 104 -3.06 -19.81 -44.48
N ARG A 105 -4.05 -19.80 -45.37
CA ARG A 105 -4.51 -21.00 -46.06
C ARG A 105 -4.18 -20.84 -47.54
N ARG A 106 -3.40 -21.79 -48.08
CA ARG A 106 -2.96 -21.73 -49.48
C ARG A 106 -2.24 -20.42 -49.78
N SER A 107 -1.39 -20.00 -48.84
CA SER A 107 -0.55 -18.79 -49.00
C SER A 107 -1.39 -17.53 -49.20
N ILE A 108 -2.60 -17.51 -48.65
CA ILE A 108 -3.49 -16.35 -48.73
C ILE A 108 -4.04 -16.08 -47.34
N LYS A 109 -4.26 -14.79 -47.04
CA LYS A 109 -4.96 -14.41 -45.82
C LYS A 109 -6.30 -15.13 -45.76
N SER A 110 -6.55 -15.80 -44.65
CA SER A 110 -7.77 -16.57 -44.47
C SER A 110 -8.18 -16.47 -43.00
N PHE A 111 -8.94 -17.46 -42.54
CA PHE A 111 -9.49 -17.48 -41.20
C PHE A 111 -9.95 -18.90 -40.91
N PHE A 112 -10.54 -19.09 -39.73
CA PHE A 112 -11.13 -20.38 -39.40
C PHE A 112 -12.21 -20.74 -40.40
N SER A 113 -12.07 -21.91 -41.04
CA SER A 113 -13.02 -22.31 -42.08
C SER A 113 -14.43 -22.49 -41.55
N ARG A 114 -14.58 -22.67 -40.24
CA ARG A 114 -15.88 -22.86 -39.61
C ARG A 114 -16.39 -21.60 -38.90
N LEU A 115 -15.70 -20.48 -39.08
CA LEU A 115 -16.07 -19.23 -38.42
C LEU A 115 -16.15 -18.12 -39.46
N ASN A 116 -17.06 -17.18 -39.21
CA ASN A 116 -17.27 -16.02 -40.09
C ASN A 116 -17.01 -14.75 -39.29
N TRP A 117 -15.92 -14.07 -39.61
CA TRP A 117 -15.49 -12.87 -38.90
C TRP A 117 -16.20 -11.67 -39.50
N LEU A 118 -17.29 -11.26 -38.87
CA LEU A 118 -18.08 -10.12 -39.34
C LEU A 118 -17.37 -8.83 -39.00
N HIS A 119 -17.18 -7.97 -40.01
CA HIS A 119 -16.58 -6.66 -39.81
C HIS A 119 -17.48 -5.60 -40.45
N GLN A 120 -17.00 -4.36 -40.43
CA GLN A 120 -17.80 -3.22 -40.88
C GLN A 120 -18.14 -3.34 -42.36
N LEU A 121 -19.18 -2.62 -42.77
CA LEU A 121 -19.58 -2.51 -44.17
C LEU A 121 -19.86 -1.04 -44.46
N GLU A 122 -18.88 -0.36 -45.07
CA GLU A 122 -18.99 1.06 -45.43
C GLU A 122 -19.21 1.91 -44.18
N ASN A 123 -18.37 1.68 -43.16
CA ASN A 123 -18.45 2.40 -41.89
C ASN A 123 -19.84 2.30 -41.26
N ARG A 124 -20.54 1.20 -41.52
CA ARG A 124 -21.86 0.96 -40.99
C ARG A 124 -21.89 -0.43 -40.36
N TYR A 125 -22.48 -0.52 -39.17
CA TYR A 125 -22.58 -1.78 -38.44
C TYR A 125 -23.84 -1.73 -37.59
N PRO A 126 -24.92 -2.37 -38.04
CA PRO A 126 -26.18 -2.36 -37.29
C PRO A 126 -26.22 -3.43 -36.22
N ALA A 127 -27.19 -3.29 -35.32
CA ALA A 127 -27.44 -4.29 -34.29
C ALA A 127 -28.03 -5.52 -34.95
N LEU A 128 -27.20 -6.55 -35.12
CA LEU A 128 -27.63 -7.75 -35.82
C LEU A 128 -28.53 -8.60 -34.94
N ASN A 129 -29.66 -9.03 -35.49
CA ASN A 129 -30.54 -9.99 -34.84
C ASN A 129 -30.90 -11.07 -35.85
N VAL A 130 -30.51 -12.31 -35.55
CA VAL A 130 -30.78 -13.45 -36.42
C VAL A 130 -31.28 -14.61 -35.56
N THR A 131 -32.04 -15.50 -36.20
CA THR A 131 -32.60 -16.66 -35.53
C THR A 131 -32.37 -17.91 -36.36
N MET A 132 -32.44 -19.07 -35.71
CA MET A 132 -32.30 -20.35 -36.37
C MET A 132 -33.19 -21.36 -35.66
N PRO A 133 -34.07 -22.05 -36.38
CA PRO A 133 -35.14 -22.82 -35.71
C PRO A 133 -34.71 -24.15 -35.13
N ASN A 134 -33.79 -24.85 -35.80
CA ASN A 134 -33.42 -26.22 -35.45
C ASN A 134 -34.67 -27.11 -35.48
N ASN A 135 -35.07 -27.54 -36.68
CA ASN A 135 -36.24 -28.38 -36.86
C ASN A 135 -35.92 -29.87 -36.79
N ASP A 136 -34.73 -30.24 -36.34
CA ASP A 136 -34.30 -31.62 -36.36
C ASP A 136 -34.59 -32.30 -35.03
N LYS A 137 -34.32 -33.62 -34.97
CA LYS A 137 -34.51 -34.41 -33.76
C LYS A 137 -33.20 -34.72 -33.06
N PHE A 138 -32.23 -33.79 -33.12
CA PHE A 138 -30.95 -33.97 -32.44
C PHE A 138 -30.40 -32.61 -32.06
N ASP A 139 -29.47 -32.61 -31.11
CA ASP A 139 -28.88 -31.37 -30.62
C ASP A 139 -27.90 -30.80 -31.63
N LYS A 140 -27.83 -29.46 -31.68
CA LYS A 140 -26.91 -28.75 -32.53
C LYS A 140 -25.84 -28.08 -31.67
N LEU A 141 -24.60 -28.07 -32.18
CA LEU A 141 -23.48 -27.44 -31.49
C LEU A 141 -22.99 -26.28 -32.36
N TYR A 142 -23.26 -25.05 -31.92
CA TYR A 142 -22.82 -23.84 -32.61
C TYR A 142 -21.56 -23.33 -31.96
N ILE A 143 -20.52 -23.08 -32.77
CA ILE A 143 -19.24 -22.57 -32.28
C ILE A 143 -19.09 -21.14 -32.77
N TRP A 144 -19.05 -20.19 -31.83
CA TRP A 144 -18.92 -18.78 -32.11
C TRP A 144 -17.80 -18.19 -31.26
N GLY A 145 -17.51 -16.91 -31.47
CA GLY A 145 -16.43 -16.27 -30.73
C GLY A 145 -16.63 -14.78 -30.63
N VAL A 146 -15.73 -14.16 -29.86
CA VAL A 146 -15.72 -12.72 -29.64
C VAL A 146 -14.30 -12.21 -29.83
N HIS A 147 -14.14 -11.19 -30.68
CA HIS A 147 -12.82 -10.66 -31.00
C HIS A 147 -12.43 -9.56 -30.04
N HIS A 148 -11.19 -9.60 -29.55
CA HIS A 148 -10.67 -8.61 -28.62
C HIS A 148 -9.64 -7.73 -29.34
N PRO A 149 -10.02 -6.54 -29.79
CA PRO A 149 -9.06 -5.67 -30.49
C PRO A 149 -7.92 -5.23 -29.57
N SER A 150 -6.89 -4.66 -30.20
CA SER A 150 -5.70 -4.23 -29.47
C SER A 150 -5.83 -2.81 -28.93
N THR A 151 -6.39 -1.90 -29.73
CA THR A 151 -6.58 -0.52 -29.32
C THR A 151 -8.00 -0.07 -29.69
N ASP A 152 -8.36 1.14 -29.24
CA ASP A 152 -9.67 1.67 -29.56
C ASP A 152 -9.80 2.01 -31.04
N SER A 153 -8.69 2.33 -31.70
CA SER A 153 -8.74 2.62 -33.13
C SER A 153 -9.01 1.37 -33.94
N VAL A 154 -8.51 0.21 -33.50
CA VAL A 154 -8.83 -1.03 -34.17
C VAL A 154 -10.29 -1.40 -33.95
N GLN A 155 -10.81 -1.16 -32.74
CA GLN A 155 -12.22 -1.38 -32.48
C GLN A 155 -13.09 -0.46 -33.35
N THR A 156 -12.61 0.74 -33.65
CA THR A 156 -13.36 1.65 -34.51
C THR A 156 -13.17 1.31 -35.98
N SER A 157 -11.95 0.95 -36.37
CA SER A 157 -11.67 0.68 -37.78
C SER A 157 -12.39 -0.57 -38.28
N VAL A 158 -12.77 -1.47 -37.38
CA VAL A 158 -13.31 -2.76 -37.81
C VAL A 158 -14.81 -2.82 -37.56
N TYR A 159 -15.27 -2.14 -36.52
CA TYR A 159 -16.70 -2.23 -36.16
C TYR A 159 -17.40 -0.89 -36.02
N VAL A 160 -16.68 0.23 -35.87
CA VAL A 160 -17.27 1.56 -35.68
C VAL A 160 -18.25 1.53 -34.52
N GLN A 161 -17.83 0.94 -33.40
CA GLN A 161 -18.63 0.90 -32.18
C GLN A 161 -17.69 1.07 -30.99
N ALA A 162 -17.97 2.04 -30.13
CA ALA A 162 -17.11 2.30 -28.98
C ALA A 162 -17.02 1.09 -28.06
N SER A 163 -18.14 0.41 -27.86
CA SER A 163 -18.19 -0.79 -27.04
C SER A 163 -18.98 -1.87 -27.76
N GLY A 164 -18.40 -3.06 -27.86
CA GLY A 164 -19.08 -4.18 -28.45
C GLY A 164 -19.89 -4.96 -27.43
N ARG A 165 -20.94 -5.62 -27.91
CA ARG A 165 -21.77 -6.48 -27.09
C ARG A 165 -22.20 -7.68 -27.93
N VAL A 166 -22.13 -8.87 -27.34
CA VAL A 166 -22.52 -10.11 -27.99
C VAL A 166 -23.41 -10.89 -27.03
N THR A 167 -24.52 -11.42 -27.55
CA THR A 167 -25.46 -12.21 -26.75
C THR A 167 -25.97 -13.36 -27.60
N VAL A 168 -25.81 -14.58 -27.10
CA VAL A 168 -26.31 -15.79 -27.74
C VAL A 168 -27.25 -16.47 -26.76
N SER A 169 -28.54 -16.55 -27.12
CA SER A 169 -29.57 -17.03 -26.21
C SER A 169 -30.43 -18.10 -26.89
N THR A 170 -31.01 -18.96 -26.06
CA THR A 170 -31.98 -19.95 -26.50
C THR A 170 -33.21 -19.89 -25.60
N LYS A 171 -34.08 -20.89 -25.68
CA LYS A 171 -35.21 -20.96 -24.78
C LYS A 171 -34.80 -21.33 -23.36
N ARG A 172 -33.67 -22.00 -23.20
CA ARG A 172 -33.21 -22.47 -21.90
C ARG A 172 -32.09 -21.61 -21.31
N SER A 173 -31.07 -21.30 -22.10
CA SER A 173 -29.87 -20.62 -21.61
C SER A 173 -29.66 -19.31 -22.36
N GLN A 174 -28.76 -18.49 -21.81
CA GLN A 174 -28.34 -17.26 -22.44
C GLN A 174 -26.87 -17.02 -22.10
N GLN A 175 -26.15 -16.42 -23.05
CA GLN A 175 -24.72 -16.15 -22.87
C GLN A 175 -24.42 -14.74 -23.35
N THR A 176 -23.85 -13.92 -22.46
CA THR A 176 -23.49 -12.55 -22.78
C THR A 176 -21.99 -12.37 -22.55
N VAL A 177 -21.30 -11.83 -23.56
CA VAL A 177 -19.86 -11.62 -23.52
C VAL A 177 -19.59 -10.17 -23.89
N ILE A 178 -18.64 -9.55 -23.19
CA ILE A 178 -18.22 -8.18 -23.46
C ILE A 178 -16.75 -8.21 -23.88
N PRO A 179 -16.39 -7.63 -25.02
CA PRO A 179 -14.99 -7.64 -25.44
C PRO A 179 -14.13 -6.75 -24.54
N ASN A 180 -12.89 -7.18 -24.35
CA ASN A 180 -11.92 -6.46 -23.52
C ASN A 180 -10.83 -5.92 -24.44
N ILE A 181 -10.81 -4.60 -24.62
CA ILE A 181 -9.82 -3.95 -25.49
C ILE A 181 -8.53 -3.73 -24.71
N GLY A 182 -7.43 -4.21 -25.27
CA GLY A 182 -6.14 -4.05 -24.61
C GLY A 182 -5.04 -4.60 -25.48
N SER A 183 -3.80 -4.26 -25.10
CA SER A 183 -2.62 -4.68 -25.85
C SER A 183 -2.17 -6.06 -25.37
N ARG A 184 -2.16 -7.02 -26.28
CA ARG A 184 -1.68 -8.35 -26.02
C ARG A 184 -0.31 -8.55 -26.65
N PRO A 185 0.54 -9.41 -26.06
CA PRO A 185 1.83 -9.70 -26.69
C PRO A 185 1.63 -10.35 -28.05
N TRP A 186 2.49 -9.96 -29.01
CA TRP A 186 2.27 -10.33 -30.41
C TRP A 186 2.44 -11.83 -30.62
N VAL A 187 1.47 -12.43 -31.29
CA VAL A 187 1.47 -13.84 -31.64
C VAL A 187 1.13 -13.93 -33.12
N ARG A 188 2.09 -14.38 -33.93
CA ARG A 188 1.93 -14.43 -35.38
C ARG A 188 1.56 -13.05 -35.94
N GLY A 189 2.18 -12.01 -35.37
CA GLY A 189 1.98 -10.66 -35.85
C GLY A 189 0.64 -10.04 -35.53
N VAL A 190 0.04 -10.39 -34.40
CA VAL A 190 -1.30 -9.92 -34.03
C VAL A 190 -1.30 -9.61 -32.54
N SER A 191 -1.69 -8.38 -32.19
CA SER A 191 -1.84 -7.97 -30.79
C SER A 191 -3.27 -8.12 -30.29
N SER A 192 -4.04 -9.03 -30.88
CA SER A 192 -5.44 -9.23 -30.54
C SER A 192 -5.69 -10.71 -30.25
N ARG A 193 -6.83 -10.99 -29.61
CA ARG A 193 -7.21 -12.34 -29.24
C ARG A 193 -8.67 -12.57 -29.61
N ILE A 194 -9.09 -13.84 -29.52
CA ILE A 194 -10.46 -14.26 -29.79
C ILE A 194 -10.88 -15.25 -28.71
N SER A 195 -12.06 -15.05 -28.15
CA SER A 195 -12.60 -15.93 -27.10
C SER A 195 -13.67 -16.81 -27.73
N ILE A 196 -13.41 -18.12 -27.79
CA ILE A 196 -14.31 -19.07 -28.42
C ILE A 196 -15.33 -19.56 -27.40
N TYR A 197 -16.61 -19.59 -27.79
CA TYR A 197 -17.69 -20.09 -26.96
C TYR A 197 -18.55 -21.03 -27.79
N TRP A 198 -19.54 -21.63 -27.14
CA TRP A 198 -20.43 -22.58 -27.79
C TRP A 198 -21.80 -22.52 -27.12
N THR A 199 -22.81 -23.01 -27.84
CA THR A 199 -24.18 -23.01 -27.36
C THR A 199 -24.89 -24.22 -27.92
N ILE A 200 -25.50 -25.01 -27.03
CA ILE A 200 -26.23 -26.21 -27.43
C ILE A 200 -27.70 -25.85 -27.64
N VAL A 201 -28.24 -26.22 -28.80
CA VAL A 201 -29.63 -25.94 -29.15
C VAL A 201 -30.35 -27.27 -29.25
N LYS A 202 -31.27 -27.51 -28.31
CA LYS A 202 -32.04 -28.75 -28.27
C LYS A 202 -33.16 -28.69 -29.30
N PRO A 203 -33.70 -29.85 -29.71
CA PRO A 203 -34.78 -29.86 -30.71
C PRO A 203 -35.99 -29.06 -30.26
N GLY A 204 -36.53 -28.28 -31.18
CA GLY A 204 -37.63 -27.38 -30.87
C GLY A 204 -37.21 -26.04 -30.29
N ASP A 205 -35.94 -25.88 -29.92
CA ASP A 205 -35.43 -24.63 -29.38
C ASP A 205 -34.84 -23.79 -30.51
N ILE A 206 -34.88 -22.46 -30.32
CA ILE A 206 -34.44 -21.51 -31.32
C ILE A 206 -33.15 -20.85 -30.85
N LEU A 207 -32.21 -20.67 -31.78
CA LEU A 207 -30.98 -19.95 -31.49
C LEU A 207 -31.17 -18.46 -31.78
N LEU A 208 -30.62 -17.63 -30.90
CA LEU A 208 -30.77 -16.19 -31.02
C LEU A 208 -29.44 -15.50 -30.79
N ILE A 209 -29.16 -14.46 -31.57
CA ILE A 209 -27.90 -13.72 -31.49
C ILE A 209 -28.20 -12.24 -31.69
N ASN A 210 -27.99 -11.44 -30.64
CA ASN A 210 -28.05 -9.98 -30.71
C ASN A 210 -26.64 -9.46 -30.41
N SER A 211 -25.93 -9.05 -31.46
CA SER A 211 -24.56 -8.60 -31.35
C SER A 211 -24.41 -7.19 -31.92
N THR A 212 -23.72 -6.33 -31.18
CA THR A 212 -23.45 -4.97 -31.62
C THR A 212 -21.95 -4.73 -31.82
N GLY A 213 -21.20 -5.78 -32.10
CA GLY A 213 -19.79 -5.67 -32.41
C GLY A 213 -19.01 -6.88 -31.95
N ASN A 214 -17.87 -7.10 -32.61
CA ASN A 214 -16.88 -8.09 -32.18
C ASN A 214 -17.46 -9.50 -32.20
N LEU A 215 -18.30 -9.81 -33.18
CA LEU A 215 -18.94 -11.11 -33.28
C LEU A 215 -18.17 -11.99 -34.26
N ILE A 216 -17.67 -13.12 -33.79
CA ILE A 216 -17.11 -14.16 -34.65
C ILE A 216 -18.26 -15.14 -34.91
N ALA A 217 -19.03 -14.86 -35.95
CA ALA A 217 -20.26 -15.59 -36.18
C ALA A 217 -19.97 -17.02 -36.68
N PRO A 218 -20.83 -17.97 -36.34
CA PRO A 218 -20.68 -19.33 -36.86
C PRO A 218 -21.23 -19.45 -38.27
N ARG A 219 -20.84 -20.55 -38.94
CA ARG A 219 -21.32 -20.86 -40.27
C ARG A 219 -22.27 -22.05 -40.30
N GLY A 220 -22.60 -22.61 -39.14
CA GLY A 220 -23.46 -23.79 -39.09
C GLY A 220 -23.32 -24.47 -37.74
N TYR A 221 -23.55 -25.78 -37.75
CA TYR A 221 -23.58 -26.56 -36.51
C TYR A 221 -22.90 -27.90 -36.73
N PHE A 222 -22.61 -28.57 -35.61
CA PHE A 222 -22.15 -29.94 -35.59
C PHE A 222 -23.19 -30.82 -34.93
N LYS A 223 -23.26 -32.09 -35.37
CA LYS A 223 -24.20 -33.04 -34.79
C LYS A 223 -23.59 -33.63 -33.52
N ILE A 224 -24.14 -33.26 -32.37
CA ILE A 224 -23.60 -33.69 -31.08
C ILE A 224 -24.48 -34.80 -30.50
N ARG A 225 -23.87 -35.66 -29.70
CA ARG A 225 -24.54 -36.76 -29.04
C ARG A 225 -23.58 -37.38 -28.03
N SER A 226 -24.13 -37.85 -26.91
CA SER A 226 -23.34 -38.51 -25.88
C SER A 226 -23.10 -39.97 -26.27
N GLY A 227 -22.27 -40.15 -27.29
CA GLY A 227 -22.00 -41.45 -27.85
C GLY A 227 -20.91 -42.21 -27.11
N LYS A 228 -20.38 -43.24 -27.77
CA LYS A 228 -19.38 -44.11 -27.19
C LYS A 228 -17.95 -43.68 -27.48
N SER A 229 -17.76 -42.78 -28.44
CA SER A 229 -16.41 -42.33 -28.78
C SER A 229 -15.80 -41.50 -27.65
N SER A 230 -14.51 -41.25 -27.77
CA SER A 230 -13.78 -40.51 -26.75
C SER A 230 -12.51 -39.94 -27.37
N ILE A 231 -11.69 -39.30 -26.53
CA ILE A 231 -10.43 -38.69 -26.93
C ILE A 231 -9.36 -39.15 -25.97
N MET A 232 -8.11 -39.18 -26.45
CA MET A 232 -7.00 -39.67 -25.65
C MET A 232 -5.72 -38.95 -26.06
N ARG A 233 -4.93 -38.56 -25.07
CA ARG A 233 -3.63 -37.95 -25.32
C ARG A 233 -2.56 -39.03 -25.30
N SER A 234 -1.90 -39.24 -26.43
CA SER A 234 -0.90 -40.30 -26.54
C SER A 234 0.08 -39.96 -27.65
N ASP A 235 1.33 -40.37 -27.45
CA ASP A 235 2.38 -40.23 -28.45
C ASP A 235 2.74 -41.54 -29.13
N ALA A 236 2.09 -42.64 -28.75
CA ALA A 236 2.40 -43.93 -29.35
C ALA A 236 1.89 -43.96 -30.80
N PRO A 237 2.73 -44.35 -31.76
CA PRO A 237 2.28 -44.38 -33.16
C PRO A 237 1.19 -45.42 -33.38
N ILE A 238 0.47 -45.25 -34.48
CA ILE A 238 -0.60 -46.15 -34.85
C ILE A 238 -0.04 -47.22 -35.78
N GLY A 239 -0.14 -48.48 -35.38
CA GLY A 239 0.34 -49.59 -36.15
C GLY A 239 -0.79 -50.40 -36.80
N LYS A 240 -0.39 -51.24 -37.75
CA LYS A 240 -1.34 -52.09 -38.47
C LYS A 240 -1.47 -53.41 -37.72
N CYS A 241 -2.47 -53.47 -36.84
CA CYS A 241 -2.74 -54.66 -36.04
C CYS A 241 -4.18 -54.58 -35.54
N ASN A 242 -4.59 -55.60 -34.79
CA ASN A 242 -5.89 -55.61 -34.13
C ASN A 242 -5.67 -55.76 -32.63
N SER A 243 -6.53 -55.08 -31.85
CA SER A 243 -6.46 -55.13 -30.40
C SER A 243 -7.71 -54.47 -29.81
N GLU A 244 -8.42 -55.21 -28.95
CA GLU A 244 -9.67 -54.70 -28.41
C GLU A 244 -9.45 -53.58 -27.39
N CYS A 245 -8.28 -53.53 -26.76
CA CYS A 245 -7.98 -52.52 -25.76
C CYS A 245 -6.92 -51.55 -26.29
N ILE A 246 -7.00 -50.31 -25.83
CA ILE A 246 -6.10 -49.24 -26.27
C ILE A 246 -5.74 -48.39 -25.06
N THR A 247 -4.45 -48.13 -24.87
CA THR A 247 -3.93 -47.31 -23.80
C THR A 247 -3.03 -46.23 -24.39
N PRO A 248 -2.78 -45.15 -23.65
CA PRO A 248 -1.81 -44.15 -24.14
C PRO A 248 -0.42 -44.71 -24.37
N ASN A 249 -0.07 -45.83 -23.74
CA ASN A 249 1.21 -46.47 -23.95
C ASN A 249 1.19 -47.48 -25.11
N GLY A 250 0.03 -47.74 -25.69
CA GLY A 250 -0.10 -48.67 -26.79
C GLY A 250 -1.25 -49.64 -26.58
N SER A 251 -1.48 -50.44 -27.62
CA SER A 251 -2.54 -51.43 -27.59
C SER A 251 -2.22 -52.53 -26.58
N ILE A 252 -3.27 -53.16 -26.05
CA ILE A 252 -3.12 -54.14 -24.98
C ILE A 252 -4.06 -55.32 -25.22
N PRO A 253 -3.57 -56.55 -25.16
CA PRO A 253 -4.47 -57.71 -25.16
C PRO A 253 -5.32 -57.73 -23.90
N ASN A 254 -6.61 -58.05 -24.07
CA ASN A 254 -7.57 -58.05 -22.98
C ASN A 254 -7.80 -59.45 -22.40
N ASP A 255 -6.76 -60.30 -22.39
CA ASP A 255 -6.92 -61.67 -21.93
C ASP A 255 -6.71 -61.82 -20.43
N LYS A 256 -5.76 -61.08 -19.85
CA LYS A 256 -5.49 -61.18 -18.43
C LYS A 256 -6.54 -60.41 -17.63
N PRO A 257 -6.75 -60.78 -16.36
CA PRO A 257 -7.85 -60.15 -15.59
C PRO A 257 -7.57 -58.70 -15.21
N PHE A 258 -6.31 -58.34 -14.99
CA PHE A 258 -5.96 -56.95 -14.72
C PHE A 258 -4.79 -56.49 -15.58
N GLN A 259 -4.28 -55.31 -15.29
CA GLN A 259 -3.18 -54.67 -16.01
C GLN A 259 -2.75 -53.47 -15.19
N ASN A 260 -1.45 -53.17 -15.21
CA ASN A 260 -0.93 -52.04 -14.44
C ASN A 260 -0.28 -50.99 -15.32
N VAL A 261 -0.57 -51.00 -16.61
CA VAL A 261 -0.01 -50.04 -17.56
C VAL A 261 -1.02 -48.90 -17.71
N ASN A 262 -0.77 -47.80 -16.98
CA ASN A 262 -1.53 -46.56 -17.08
C ASN A 262 -2.96 -46.70 -16.57
N ARG A 263 -3.53 -45.59 -16.10
CA ARG A 263 -4.90 -45.57 -15.59
C ARG A 263 -5.92 -45.20 -16.66
N ILE A 264 -5.48 -44.73 -17.83
CA ILE A 264 -6.38 -44.32 -18.90
C ILE A 264 -6.41 -45.42 -19.95
N THR A 265 -7.59 -45.69 -20.49
CA THR A 265 -7.75 -46.77 -21.47
C THR A 265 -9.09 -46.60 -22.17
N TYR A 266 -9.29 -47.41 -23.20
CA TYR A 266 -10.52 -47.36 -24.00
C TYR A 266 -10.82 -48.76 -24.53
N GLY A 267 -12.08 -49.17 -24.39
CA GLY A 267 -12.50 -50.49 -24.80
C GLY A 267 -12.66 -51.43 -23.62
N ALA A 268 -12.75 -52.72 -23.94
CA ALA A 268 -12.88 -53.77 -22.92
C ALA A 268 -11.51 -54.03 -22.31
N CYS A 269 -11.06 -53.07 -21.50
CA CYS A 269 -9.75 -53.17 -20.90
C CYS A 269 -9.85 -53.65 -19.47
N PRO A 270 -9.07 -54.64 -19.08
CA PRO A 270 -9.04 -55.08 -17.67
C PRO A 270 -8.60 -53.95 -16.76
N ARG A 271 -8.93 -54.11 -15.47
CA ARG A 271 -8.75 -53.02 -14.51
C ARG A 271 -7.28 -52.63 -14.39
N TYR A 272 -7.03 -51.32 -14.32
CA TYR A 272 -5.69 -50.82 -14.09
C TYR A 272 -5.35 -50.84 -12.60
N GLN B 8 -13.53 -29.28 6.47
CA GLN B 8 -12.86 -28.35 5.59
C GLN B 8 -12.23 -27.22 6.38
N SER B 9 -10.98 -26.87 6.05
CA SER B 9 -10.25 -25.83 6.76
C SER B 9 -9.67 -24.75 5.87
N SER B 10 -9.45 -25.01 4.57
CA SER B 10 -8.80 -24.06 3.69
C SER B 10 -9.71 -23.70 2.53
N SER B 11 -9.42 -22.56 1.90
CA SER B 11 -10.17 -22.08 0.75
C SER B 11 -9.22 -21.81 -0.41
N THR B 12 -9.75 -21.91 -1.62
CA THR B 12 -8.97 -21.52 -2.80
C THR B 12 -8.63 -20.03 -2.77
N GLY B 13 -9.40 -19.23 -2.06
CA GLY B 13 -9.19 -17.81 -1.97
C GLY B 13 -10.05 -16.99 -2.91
N ARG B 14 -10.84 -17.63 -3.76
CA ARG B 14 -11.69 -16.93 -4.72
C ARG B 14 -13.06 -17.58 -4.75
N ILE B 15 -13.99 -16.88 -5.39
CA ILE B 15 -15.36 -17.33 -5.58
C ILE B 15 -15.53 -17.72 -7.04
N CYS B 16 -15.99 -18.95 -7.28
CA CYS B 16 -16.15 -19.44 -8.64
C CYS B 16 -17.42 -18.89 -9.27
N ASP B 17 -17.32 -18.57 -10.56
CA ASP B 17 -18.45 -18.03 -11.31
C ASP B 17 -19.45 -19.11 -11.73
N SER B 18 -19.26 -20.35 -11.30
CA SER B 18 -20.12 -21.46 -11.63
C SER B 18 -20.34 -22.30 -10.39
N PRO B 19 -21.52 -22.94 -10.25
CA PRO B 19 -22.65 -22.88 -11.19
C PRO B 19 -23.59 -21.70 -10.92
N HIS B 20 -23.42 -21.06 -9.76
CA HIS B 20 -24.28 -19.94 -9.39
C HIS B 20 -23.92 -18.70 -10.20
N GLN B 21 -24.94 -18.00 -10.68
CA GLN B 21 -24.73 -16.75 -11.40
C GLN B 21 -24.29 -15.67 -10.41
N ILE B 22 -23.05 -15.25 -10.51
CA ILE B 22 -22.46 -14.27 -9.61
C ILE B 22 -22.42 -12.91 -10.30
N LEU B 23 -22.84 -11.88 -9.59
CA LEU B 23 -22.76 -10.51 -10.08
C LEU B 23 -21.82 -9.74 -9.16
N ASP B 24 -20.71 -9.25 -9.73
CA ASP B 24 -19.72 -8.49 -8.97
C ASP B 24 -20.13 -7.01 -8.98
N GLY B 25 -20.42 -6.48 -7.79
CA GLY B 25 -20.81 -5.08 -7.67
C GLY B 25 -19.68 -4.09 -7.76
N GLU B 26 -18.43 -4.57 -7.75
CA GLU B 26 -17.21 -3.75 -7.78
C GLU B 26 -17.36 -2.46 -6.98
N ASN B 27 -17.44 -1.32 -7.67
CA ASN B 27 -17.53 -0.02 -7.00
C ASN B 27 -18.95 0.36 -6.61
N CYS B 28 -19.93 -0.52 -6.79
CA CYS B 28 -21.33 -0.21 -6.58
C CYS B 28 -21.96 -1.22 -5.61
N THR B 29 -22.71 -0.71 -4.64
CA THR B 29 -23.49 -1.57 -3.77
C THR B 29 -24.88 -1.80 -4.37
N LEU B 30 -25.65 -2.68 -3.71
CA LEU B 30 -26.98 -3.00 -4.21
C LEU B 30 -27.89 -1.79 -4.21
N ILE B 31 -27.79 -0.95 -3.18
CA ILE B 31 -28.67 0.20 -3.08
C ILE B 31 -28.28 1.27 -4.08
N ASP B 32 -26.98 1.46 -4.32
CA ASP B 32 -26.55 2.40 -5.35
C ASP B 32 -26.97 1.93 -6.74
N ALA B 33 -26.95 0.62 -6.97
CA ALA B 33 -27.44 0.09 -8.24
C ALA B 33 -28.96 0.16 -8.32
N LEU B 34 -29.64 -0.01 -7.19
CA LEU B 34 -31.10 0.08 -7.17
C LEU B 34 -31.56 1.50 -7.48
N LEU B 35 -30.92 2.50 -6.86
CA LEU B 35 -31.31 3.89 -7.07
C LEU B 35 -30.91 4.40 -8.44
N GLY B 36 -29.80 3.91 -8.98
CA GLY B 36 -29.35 4.36 -10.28
C GLY B 36 -28.23 5.38 -10.20
N ASP B 37 -27.25 5.11 -9.34
CA ASP B 37 -26.03 5.91 -9.31
C ASP B 37 -25.38 5.89 -10.69
N PRO B 38 -25.04 7.06 -11.28
CA PRO B 38 -24.47 7.09 -12.63
C PRO B 38 -23.37 6.07 -12.90
N HIS B 39 -22.43 5.89 -11.97
CA HIS B 39 -21.37 4.91 -12.17
C HIS B 39 -21.85 3.47 -11.99
N CYS B 40 -23.16 3.25 -11.90
CA CYS B 40 -23.73 1.91 -11.80
C CYS B 40 -24.78 1.65 -12.89
N ASP B 41 -24.73 2.39 -13.99
CA ASP B 41 -25.70 2.23 -15.06
C ASP B 41 -25.61 0.87 -15.74
N GLY B 42 -24.48 0.17 -15.61
CA GLY B 42 -24.35 -1.13 -16.21
C GLY B 42 -25.05 -2.25 -15.47
N PHE B 43 -25.65 -1.95 -14.32
CA PHE B 43 -26.35 -2.95 -13.52
C PHE B 43 -27.86 -2.92 -13.73
N GLN B 44 -28.35 -2.14 -14.68
CA GLN B 44 -29.79 -2.02 -14.90
C GLN B 44 -30.36 -3.32 -15.45
N ASN B 45 -31.48 -3.76 -14.85
CA ASN B 45 -32.25 -4.90 -15.34
C ASN B 45 -31.42 -6.19 -15.39
N LYS B 46 -30.43 -6.32 -14.52
CA LYS B 46 -29.56 -7.48 -14.48
C LYS B 46 -29.93 -8.38 -13.31
N GLU B 47 -29.83 -9.69 -13.52
CA GLU B 47 -30.22 -10.69 -12.53
C GLU B 47 -28.99 -11.34 -11.91
N TRP B 48 -29.23 -12.10 -10.84
CA TRP B 48 -28.13 -12.77 -10.14
C TRP B 48 -28.71 -13.84 -9.21
N ASP B 49 -27.85 -14.81 -8.88
CA ASP B 49 -28.12 -15.76 -7.81
C ASP B 49 -27.45 -15.33 -6.50
N LEU B 50 -26.27 -14.72 -6.60
CA LEU B 50 -25.57 -14.18 -5.44
C LEU B 50 -24.88 -12.88 -5.85
N PHE B 51 -25.16 -11.82 -5.11
CA PHE B 51 -24.62 -10.49 -5.38
C PHE B 51 -23.58 -10.17 -4.31
N VAL B 52 -22.35 -9.90 -4.75
CA VAL B 52 -21.22 -9.69 -3.84
C VAL B 52 -20.91 -8.20 -3.82
N GLU B 53 -20.93 -7.61 -2.63
CA GLU B 53 -20.53 -6.23 -2.43
C GLU B 53 -19.06 -6.16 -2.01
N ARG B 54 -18.38 -5.10 -2.46
CA ARG B 54 -16.97 -4.90 -2.18
C ARG B 54 -16.78 -3.80 -1.16
N SER B 55 -15.63 -3.83 -0.48
CA SER B 55 -15.29 -2.79 0.49
C SER B 55 -14.86 -1.50 -0.19
N LYS B 56 -14.50 -1.56 -1.47
CA LYS B 56 -14.10 -0.38 -2.23
C LYS B 56 -15.27 0.37 -2.82
N ALA B 57 -16.49 -0.14 -2.68
CA ALA B 57 -17.65 0.51 -3.27
C ALA B 57 -17.88 1.87 -2.63
N TYR B 58 -18.39 2.81 -3.43
CA TYR B 58 -18.65 4.15 -2.95
C TYR B 58 -19.85 4.73 -3.69
N SER B 59 -20.38 5.82 -3.14
CA SER B 59 -21.50 6.54 -3.74
C SER B 59 -21.01 7.86 -4.29
N ASN B 60 -21.32 8.11 -5.57
CA ASN B 60 -20.87 9.31 -6.28
C ASN B 60 -22.05 10.07 -6.85
N CYS B 61 -23.11 10.23 -6.05
CA CYS B 61 -24.29 10.98 -6.47
C CYS B 61 -24.78 11.87 -5.33
N TYR B 62 -26.09 12.12 -5.28
CA TYR B 62 -26.62 12.98 -4.23
C TYR B 62 -26.48 12.30 -2.87
N PRO B 63 -26.04 13.04 -1.85
CA PRO B 63 -25.90 12.44 -0.51
C PRO B 63 -27.26 12.03 0.04
N TYR B 64 -27.42 10.74 0.29
CA TYR B 64 -28.70 10.15 0.68
C TYR B 64 -28.50 9.19 1.85
N ASP B 65 -29.54 9.05 2.67
CA ASP B 65 -29.59 8.01 3.68
C ASP B 65 -30.86 7.18 3.49
N VAL B 66 -30.85 6.01 4.12
CA VAL B 66 -31.99 5.09 4.09
C VAL B 66 -32.27 4.70 5.53
N PRO B 67 -33.44 5.04 6.08
CA PRO B 67 -33.68 4.80 7.51
C PRO B 67 -33.67 3.33 7.90
N ASP B 68 -34.08 2.41 7.01
CA ASP B 68 -34.05 0.98 7.29
C ASP B 68 -33.27 0.31 6.15
N TYR B 69 -31.95 0.47 6.17
CA TYR B 69 -31.11 0.04 5.07
C TYR B 69 -31.15 -1.48 4.88
N ALA B 70 -31.08 -2.23 5.98
CA ALA B 70 -30.87 -3.67 5.88
C ALA B 70 -32.07 -4.37 5.25
N SER B 71 -33.28 -3.92 5.55
CA SER B 71 -34.46 -4.58 5.01
C SER B 71 -34.59 -4.34 3.51
N LEU B 72 -34.35 -3.11 3.06
CA LEU B 72 -34.34 -2.83 1.62
C LEU B 72 -33.21 -3.56 0.94
N ARG B 73 -32.07 -3.72 1.62
CA ARG B 73 -30.95 -4.45 1.05
C ARG B 73 -31.24 -5.95 0.95
N SER B 74 -32.03 -6.49 1.88
CA SER B 74 -32.37 -7.91 1.86
C SER B 74 -33.54 -8.20 0.94
N LEU B 75 -34.44 -7.23 0.74
CA LEU B 75 -35.55 -7.41 -0.19
C LEU B 75 -35.04 -7.65 -1.60
N VAL B 76 -34.28 -6.68 -2.14
CA VAL B 76 -33.76 -6.80 -3.50
C VAL B 76 -32.82 -7.99 -3.62
N ALA B 77 -32.04 -8.28 -2.57
CA ALA B 77 -31.12 -9.40 -2.63
C ALA B 77 -31.83 -10.73 -2.78
N SER B 78 -33.01 -10.88 -2.17
CA SER B 78 -33.72 -12.16 -2.24
C SER B 78 -34.36 -12.37 -3.61
N SER B 79 -34.79 -11.30 -4.27
CA SER B 79 -35.44 -11.44 -5.56
C SER B 79 -34.44 -11.82 -6.67
N GLY B 80 -33.20 -11.38 -6.53
CA GLY B 80 -32.20 -11.69 -7.54
C GLY B 80 -32.43 -11.03 -8.88
N THR B 81 -33.09 -9.89 -8.90
CA THR B 81 -33.33 -9.17 -10.14
C THR B 81 -33.46 -7.68 -9.84
N LEU B 82 -32.92 -6.86 -10.74
CA LEU B 82 -33.10 -5.42 -10.72
C LEU B 82 -33.98 -4.95 -11.87
N GLU B 83 -34.86 -5.83 -12.35
CA GLU B 83 -35.72 -5.50 -13.48
C GLU B 83 -36.64 -4.34 -13.12
N PHE B 84 -36.57 -3.28 -13.92
CA PHE B 84 -37.33 -2.06 -13.69
C PHE B 84 -38.31 -1.86 -14.84
N ASN B 85 -39.57 -1.64 -14.50
CA ASN B 85 -40.63 -1.43 -15.49
C ASN B 85 -41.15 -0.01 -15.32
N ASN B 86 -40.90 0.84 -16.31
CA ASN B 86 -41.33 2.22 -16.25
C ASN B 86 -42.85 2.32 -16.23
N GLU B 87 -43.36 3.26 -15.44
CA GLU B 87 -44.77 3.59 -15.42
C GLU B 87 -44.92 5.10 -15.60
N SER B 88 -46.03 5.50 -16.22
CA SER B 88 -46.29 6.91 -16.51
C SER B 88 -47.27 7.44 -15.47
N PHE B 89 -46.73 8.12 -14.45
CA PHE B 89 -47.55 8.84 -13.50
C PHE B 89 -47.92 10.20 -14.08
N ASN B 90 -49.07 10.73 -13.65
CA ASN B 90 -49.56 12.01 -14.18
C ASN B 90 -49.18 13.14 -13.23
N TRP B 91 -47.90 13.49 -13.29
CA TRP B 91 -47.35 14.59 -12.47
C TRP B 91 -47.70 15.93 -13.12
N THR B 92 -49.00 16.21 -13.14
CA THR B 92 -49.51 17.42 -13.78
C THR B 92 -49.36 18.60 -12.83
N GLY B 93 -48.87 19.71 -13.36
CA GLY B 93 -48.65 20.90 -12.57
C GLY B 93 -47.27 21.04 -11.98
N VAL B 94 -46.34 20.15 -12.30
CA VAL B 94 -44.98 20.18 -11.76
C VAL B 94 -44.00 19.90 -12.88
N ALA B 95 -42.77 20.37 -12.68
CA ALA B 95 -41.67 20.08 -13.59
C ALA B 95 -40.88 18.89 -13.06
N GLN B 96 -40.40 18.05 -13.96
CA GLN B 96 -39.76 16.79 -13.60
C GLN B 96 -38.29 16.80 -14.02
N ASN B 97 -37.65 15.65 -13.87
CA ASN B 97 -36.27 15.42 -14.29
C ASN B 97 -35.33 16.46 -13.68
N GLY B 98 -35.49 16.70 -12.38
CA GLY B 98 -34.58 17.60 -11.69
C GLY B 98 -33.18 17.04 -11.63
N THR B 99 -32.19 17.93 -11.76
CA THR B 99 -30.80 17.54 -11.81
C THR B 99 -30.00 18.31 -10.77
N SER B 100 -28.78 17.81 -10.50
CA SER B 100 -27.89 18.42 -9.52
C SER B 100 -26.45 18.29 -9.99
N SER B 101 -25.60 19.20 -9.50
CA SER B 101 -24.20 19.18 -9.88
C SER B 101 -23.42 18.07 -9.18
N ALA B 102 -23.97 17.51 -8.10
CA ALA B 102 -23.29 16.48 -7.33
C ALA B 102 -23.57 15.08 -7.86
N CYS B 103 -24.26 14.96 -9.00
CA CYS B 103 -24.60 13.65 -9.59
C CYS B 103 -24.40 13.78 -11.11
N LYS B 104 -23.15 13.67 -11.55
CA LYS B 104 -22.80 13.86 -12.94
C LYS B 104 -22.95 12.56 -13.72
N ARG B 105 -23.67 12.61 -14.84
CA ARG B 105 -23.74 11.51 -15.78
C ARG B 105 -23.35 12.03 -17.16
N ARG B 106 -22.31 11.44 -17.75
CA ARG B 106 -21.80 11.85 -19.05
C ARG B 106 -21.41 13.34 -19.05
N SER B 107 -20.66 13.73 -18.01
CA SER B 107 -20.14 15.09 -17.86
C SER B 107 -21.26 16.14 -17.83
N ILE B 108 -22.45 15.73 -17.38
CA ILE B 108 -23.61 16.62 -17.34
C ILE B 108 -24.32 16.41 -16.01
N LYS B 109 -24.85 17.50 -15.45
CA LYS B 109 -25.69 17.39 -14.25
C LYS B 109 -26.82 16.40 -14.50
N SER B 110 -27.04 15.52 -13.52
CA SER B 110 -28.06 14.49 -13.68
C SER B 110 -28.64 14.18 -12.30
N PHE B 111 -29.20 12.98 -12.17
CA PHE B 111 -29.84 12.53 -10.93
C PHE B 111 -29.91 11.02 -10.98
N PHE B 112 -30.55 10.43 -9.97
CA PHE B 112 -30.76 8.98 -9.98
C PHE B 112 -31.66 8.61 -11.16
N SER B 113 -31.19 7.65 -11.97
CA SER B 113 -31.94 7.24 -13.15
C SER B 113 -33.27 6.59 -12.80
N ARG B 114 -33.41 6.08 -11.58
CA ARG B 114 -34.63 5.42 -11.13
C ARG B 114 -35.50 6.35 -10.30
N LEU B 115 -35.13 7.62 -10.18
CA LEU B 115 -35.89 8.58 -9.38
C LEU B 115 -36.18 9.82 -10.20
N ASN B 116 -37.26 10.51 -9.84
CA ASN B 116 -37.71 11.72 -10.52
C ASN B 116 -37.83 12.84 -9.49
N TRP B 117 -36.94 13.83 -9.58
CA TRP B 117 -36.88 14.94 -8.62
C TRP B 117 -37.84 16.02 -9.09
N LEU B 118 -39.06 15.97 -8.60
CA LEU B 118 -40.06 16.98 -8.94
C LEU B 118 -39.71 18.31 -8.29
N HIS B 119 -39.80 19.39 -9.05
CA HIS B 119 -39.53 20.73 -8.54
C HIS B 119 -40.62 21.66 -9.04
N GLN B 120 -40.44 22.96 -8.80
CA GLN B 120 -41.45 23.95 -9.14
C GLN B 120 -41.62 24.06 -10.65
N LEU B 121 -42.78 24.58 -11.06
CA LEU B 121 -43.08 24.85 -12.46
C LEU B 121 -43.72 26.24 -12.51
N GLU B 122 -42.89 27.25 -12.76
CA GLU B 122 -43.32 28.65 -12.84
C GLU B 122 -43.95 29.10 -11.52
N ASN B 123 -43.21 28.89 -10.43
CA ASN B 123 -43.63 29.31 -9.08
C ASN B 123 -44.99 28.73 -8.70
N ARG B 124 -45.29 27.53 -9.19
CA ARG B 124 -46.56 26.87 -8.90
C ARG B 124 -46.26 25.42 -8.54
N TYR B 125 -46.87 24.95 -7.45
CA TYR B 125 -46.64 23.60 -6.94
C TYR B 125 -47.88 23.13 -6.20
N PRO B 126 -48.75 22.38 -6.86
CA PRO B 126 -50.00 21.94 -6.23
C PRO B 126 -49.82 20.66 -5.42
N ALA B 127 -50.84 20.34 -4.64
CA ALA B 127 -50.90 19.08 -3.91
C ALA B 127 -51.10 17.94 -4.90
N LEU B 128 -50.08 17.12 -5.08
CA LEU B 128 -50.12 16.04 -6.05
C LEU B 128 -50.77 14.81 -5.44
N ASN B 129 -51.72 14.23 -6.19
CA ASN B 129 -52.37 12.98 -5.79
C ASN B 129 -52.42 12.07 -7.01
N VAL B 130 -51.58 11.04 -7.02
CA VAL B 130 -51.52 10.08 -8.11
C VAL B 130 -51.77 8.69 -7.56
N THR B 131 -52.22 7.79 -8.45
CA THR B 131 -52.53 6.42 -8.10
C THR B 131 -51.89 5.48 -9.12
N MET B 132 -51.72 4.22 -8.72
CA MET B 132 -51.20 3.20 -9.61
C MET B 132 -51.82 1.85 -9.22
N PRO B 133 -52.48 1.17 -10.17
CA PRO B 133 -53.36 0.05 -9.79
C PRO B 133 -52.64 -1.23 -9.41
N ASN B 134 -51.52 -1.54 -10.06
CA ASN B 134 -50.84 -2.83 -9.90
C ASN B 134 -51.81 -3.98 -10.18
N ASN B 135 -52.10 -4.14 -11.47
CA ASN B 135 -53.01 -5.19 -11.94
C ASN B 135 -52.33 -6.54 -12.07
N ASP B 136 -51.06 -6.66 -11.68
CA ASP B 136 -50.30 -7.88 -11.91
C ASP B 136 -50.57 -8.90 -10.80
N LYS B 137 -49.94 -10.07 -10.96
CA LYS B 137 -50.02 -11.14 -9.97
C LYS B 137 -48.76 -11.24 -9.13
N PHE B 138 -48.02 -10.14 -8.98
CA PHE B 138 -46.79 -10.14 -8.21
C PHE B 138 -46.65 -8.80 -7.50
N ASP B 139 -45.86 -8.81 -6.42
CA ASP B 139 -45.64 -7.61 -5.65
C ASP B 139 -44.76 -6.62 -6.41
N LYS B 140 -45.07 -5.34 -6.27
CA LYS B 140 -44.27 -4.25 -6.82
C LYS B 140 -43.50 -3.56 -5.71
N LEU B 141 -42.29 -3.11 -6.04
CA LEU B 141 -41.44 -2.39 -5.09
C LEU B 141 -41.15 -1.00 -5.63
N TYR B 142 -41.79 0.01 -5.04
CA TYR B 142 -41.60 1.40 -5.43
C TYR B 142 -40.59 2.04 -4.49
N ILE B 143 -39.55 2.66 -5.06
CA ILE B 143 -38.51 3.34 -4.30
C ILE B 143 -38.66 4.84 -4.51
N TRP B 144 -38.90 5.56 -3.43
CA TRP B 144 -39.09 7.01 -3.48
C TRP B 144 -38.19 7.68 -2.44
N GLY B 145 -38.24 9.01 -2.40
CA GLY B 145 -37.39 9.76 -1.51
C GLY B 145 -38.00 11.09 -1.12
N VAL B 146 -37.37 11.72 -0.12
CA VAL B 146 -37.79 13.00 0.42
C VAL B 146 -36.56 13.88 0.58
N HIS B 147 -36.60 15.07 -0.01
CA HIS B 147 -35.47 15.98 -0.01
C HIS B 147 -35.48 16.86 1.24
N HIS B 148 -34.31 17.06 1.83
CA HIS B 148 -34.16 17.90 3.01
C HIS B 148 -33.37 19.16 2.64
N PRO B 149 -34.04 20.28 2.38
CA PRO B 149 -33.32 21.48 1.95
C PRO B 149 -32.39 22.02 3.03
N SER B 150 -31.47 22.87 2.60
CA SER B 150 -30.49 23.45 3.52
C SER B 150 -31.08 24.62 4.30
N THR B 151 -31.80 25.52 3.63
CA THR B 151 -32.39 26.69 4.25
C THR B 151 -33.84 26.82 3.81
N ASP B 152 -34.54 27.77 4.42
CA ASP B 152 -35.93 28.01 4.05
C ASP B 152 -36.05 28.61 2.65
N SER B 153 -35.03 29.36 2.21
CA SER B 153 -35.07 29.91 0.86
C SER B 153 -34.88 28.81 -0.19
N VAL B 154 -34.15 27.75 0.15
CA VAL B 154 -34.01 26.62 -0.77
C VAL B 154 -35.32 25.84 -0.85
N GLN B 155 -35.99 25.67 0.31
CA GLN B 155 -37.33 25.08 0.29
C GLN B 155 -38.31 25.93 -0.51
N THR B 156 -38.13 27.26 -0.50
CA THR B 156 -38.98 28.14 -1.29
C THR B 156 -38.57 28.14 -2.76
N SER B 157 -37.26 28.21 -3.03
CA SER B 157 -36.79 28.34 -4.40
C SER B 157 -37.07 27.10 -5.24
N VAL B 158 -37.34 25.95 -4.62
CA VAL B 158 -37.58 24.73 -5.35
C VAL B 158 -39.04 24.29 -5.29
N TYR B 159 -39.77 24.61 -4.21
CA TYR B 159 -41.13 24.10 -4.02
C TYR B 159 -42.17 25.17 -3.74
N VAL B 160 -41.78 26.38 -3.33
CA VAL B 160 -42.69 27.49 -3.03
C VAL B 160 -43.74 27.02 -2.03
N GLN B 161 -43.30 26.29 -0.99
CA GLN B 161 -44.16 25.88 0.11
C GLN B 161 -43.32 25.95 1.38
N ALA B 162 -43.83 26.67 2.38
CA ALA B 162 -43.08 26.82 3.63
C ALA B 162 -42.73 25.47 4.23
N SER B 163 -43.70 24.56 4.28
CA SER B 163 -43.50 23.21 4.78
C SER B 163 -43.87 22.21 3.69
N GLY B 164 -43.08 21.15 3.58
CA GLY B 164 -43.38 20.05 2.68
C GLY B 164 -44.01 18.90 3.44
N ARG B 165 -44.81 18.12 2.72
CA ARG B 165 -45.44 16.92 3.27
C ARG B 165 -45.52 15.87 2.17
N VAL B 166 -45.22 14.62 2.53
CA VAL B 166 -45.27 13.50 1.61
C VAL B 166 -46.01 12.35 2.28
N THR B 167 -46.90 11.70 1.52
CA THR B 167 -47.64 10.55 2.02
C THR B 167 -47.73 9.51 0.91
N VAL B 168 -47.30 8.29 1.20
CA VAL B 168 -47.40 7.16 0.28
C VAL B 168 -48.17 6.07 1.00
N SER B 169 -49.36 5.75 0.50
CA SER B 169 -50.27 4.83 1.18
C SER B 169 -50.76 3.75 0.23
N THR B 170 -51.19 2.64 0.82
CA THR B 170 -51.86 1.57 0.09
C THR B 170 -53.11 1.15 0.86
N LYS B 171 -53.75 0.05 0.44
CA LYS B 171 -54.88 -0.48 1.19
C LYS B 171 -54.45 -1.19 2.46
N ARG B 172 -53.17 -1.52 2.61
CA ARG B 172 -52.67 -2.22 3.79
C ARG B 172 -51.79 -1.37 4.70
N SER B 173 -51.03 -0.43 4.14
CA SER B 173 -50.05 0.33 4.92
C SER B 173 -50.10 1.79 4.49
N GLN B 174 -49.20 2.58 5.09
CA GLN B 174 -49.09 4.00 4.80
C GLN B 174 -47.74 4.49 5.30
N GLN B 175 -47.27 5.58 4.69
CA GLN B 175 -45.97 6.15 5.04
C GLN B 175 -46.03 7.66 4.83
N THR B 176 -45.74 8.42 5.87
CA THR B 176 -45.71 9.87 5.82
C THR B 176 -44.34 10.37 6.28
N VAL B 177 -43.76 11.28 5.51
CA VAL B 177 -42.45 11.85 5.83
C VAL B 177 -42.56 13.37 5.81
N ILE B 178 -41.94 14.02 6.80
CA ILE B 178 -41.89 15.47 6.92
C ILE B 178 -40.45 15.92 6.74
N PRO B 179 -40.15 16.79 5.78
CA PRO B 179 -38.77 17.21 5.58
C PRO B 179 -38.25 18.05 6.75
N ASN B 180 -36.97 17.87 7.07
CA ASN B 180 -36.30 18.61 8.13
C ASN B 180 -35.37 19.63 7.47
N ILE B 181 -35.72 20.90 7.58
CA ILE B 181 -34.91 21.97 7.00
C ILE B 181 -33.78 22.32 7.95
N GLY B 182 -32.55 22.29 7.44
CA GLY B 182 -31.40 22.58 8.27
C GLY B 182 -30.13 22.50 7.43
N SER B 183 -29.07 23.08 7.98
CA SER B 183 -27.78 23.12 7.30
C SER B 183 -27.03 21.81 7.52
N ARG B 184 -26.65 21.17 6.43
CA ARG B 184 -25.89 19.94 6.45
C ARG B 184 -24.44 20.21 6.07
N PRO B 185 -23.49 19.42 6.58
CA PRO B 185 -22.10 19.56 6.12
C PRO B 185 -22.01 19.23 4.63
N TRP B 186 -21.25 20.05 3.91
CA TRP B 186 -21.22 19.97 2.46
C TRP B 186 -20.61 18.65 1.99
N VAL B 187 -21.38 17.89 1.23
CA VAL B 187 -20.94 16.63 0.64
C VAL B 187 -21.10 16.78 -0.86
N ARG B 188 -19.98 16.75 -1.59
CA ARG B 188 -19.98 16.99 -3.03
C ARG B 188 -20.65 18.32 -3.36
N GLY B 189 -20.36 19.33 -2.54
CA GLY B 189 -20.85 20.67 -2.78
C GLY B 189 -22.34 20.86 -2.63
N VAL B 190 -22.98 20.15 -1.71
CA VAL B 190 -24.42 20.25 -1.47
C VAL B 190 -24.67 20.20 0.03
N SER B 191 -25.41 21.17 0.55
CA SER B 191 -25.74 21.26 1.96
C SER B 191 -27.10 20.64 2.28
N SER B 192 -27.58 19.73 1.45
CA SER B 192 -28.88 19.11 1.60
C SER B 192 -28.72 17.58 1.65
N ARG B 193 -29.84 16.90 1.90
CA ARG B 193 -29.86 15.44 1.96
C ARG B 193 -31.17 14.92 1.37
N ILE B 194 -31.22 13.62 1.14
CA ILE B 194 -32.40 12.93 0.64
C ILE B 194 -32.59 11.64 1.42
N SER B 195 -33.79 11.42 1.93
CA SER B 195 -34.12 10.22 2.68
C SER B 195 -34.91 9.27 1.79
N ILE B 196 -34.36 8.08 1.56
CA ILE B 196 -34.94 7.10 0.64
C ILE B 196 -35.87 6.18 1.42
N TYR B 197 -37.06 5.95 0.89
CA TYR B 197 -38.03 5.02 1.46
C TYR B 197 -38.51 4.08 0.36
N TRP B 198 -39.39 3.15 0.73
CA TRP B 198 -39.93 2.20 -0.23
C TRP B 198 -41.31 1.75 0.23
N THR B 199 -42.05 1.17 -0.72
CA THR B 199 -43.41 0.70 -0.46
C THR B 199 -43.70 -0.47 -1.37
N ILE B 200 -44.11 -1.59 -0.78
CA ILE B 200 -44.53 -2.77 -1.53
C ILE B 200 -46.02 -2.67 -1.81
N VAL B 201 -46.41 -2.97 -3.04
CA VAL B 201 -47.80 -2.91 -3.48
C VAL B 201 -48.19 -4.32 -3.91
N LYS B 202 -48.95 -5.01 -3.07
CA LYS B 202 -49.35 -6.37 -3.35
C LYS B 202 -50.39 -6.41 -4.48
N PRO B 203 -50.59 -7.56 -5.11
CA PRO B 203 -51.58 -7.64 -6.20
C PRO B 203 -52.98 -7.29 -5.71
N GLY B 204 -53.69 -6.54 -6.56
CA GLY B 204 -55.01 -6.04 -6.21
C GLY B 204 -55.01 -4.80 -5.36
N ASP B 205 -53.86 -4.41 -4.80
CA ASP B 205 -53.74 -3.21 -3.98
C ASP B 205 -53.32 -2.04 -4.85
N ILE B 206 -53.72 -0.84 -4.44
CA ILE B 206 -53.45 0.39 -5.18
C ILE B 206 -52.40 1.20 -4.43
N LEU B 207 -51.51 1.84 -5.18
CA LEU B 207 -50.55 2.76 -4.61
C LEU B 207 -51.12 4.17 -4.61
N LEU B 208 -50.88 4.91 -3.53
CA LEU B 208 -51.36 6.27 -3.38
C LEU B 208 -50.19 7.15 -2.97
N ILE B 209 -50.05 8.30 -3.63
CA ILE B 209 -48.96 9.23 -3.38
C ILE B 209 -49.57 10.63 -3.23
N ASN B 210 -49.81 11.05 -2.00
CA ASN B 210 -50.12 12.44 -1.70
C ASN B 210 -48.84 13.17 -1.34
N SER B 211 -48.68 14.38 -1.87
CA SER B 211 -47.50 15.18 -1.56
C SER B 211 -47.75 16.63 -1.92
N THR B 212 -47.34 17.53 -1.03
CA THR B 212 -47.36 18.96 -1.29
C THR B 212 -45.96 19.55 -1.46
N GLY B 213 -44.92 18.76 -1.21
CA GLY B 213 -43.55 19.25 -1.33
C GLY B 213 -42.47 18.22 -1.08
N ASN B 214 -41.30 18.44 -1.66
CA ASN B 214 -40.07 17.69 -1.35
C ASN B 214 -40.19 16.21 -1.71
N LEU B 215 -40.95 15.87 -2.74
CA LEU B 215 -41.14 14.49 -3.13
C LEU B 215 -40.11 14.11 -4.20
N ILE B 216 -39.35 13.06 -3.92
CA ILE B 216 -38.51 12.42 -4.95
C ILE B 216 -39.35 11.26 -5.49
N ALA B 217 -40.06 11.53 -6.59
CA ALA B 217 -41.04 10.59 -7.09
C ALA B 217 -40.36 9.37 -7.72
N PRO B 218 -40.95 8.19 -7.60
CA PRO B 218 -40.43 7.01 -8.29
C PRO B 218 -40.86 7.00 -9.75
N ARG B 219 -40.02 6.37 -10.58
CA ARG B 219 -40.30 6.23 -12.00
C ARG B 219 -40.92 4.88 -12.35
N GLY B 220 -41.15 4.02 -11.37
CA GLY B 220 -41.70 2.71 -11.63
C GLY B 220 -41.44 1.79 -10.45
N TYR B 221 -41.49 0.48 -10.74
CA TYR B 221 -41.38 -0.53 -9.71
C TYR B 221 -40.34 -1.57 -10.10
N PHE B 222 -40.00 -2.41 -9.12
CA PHE B 222 -39.18 -3.60 -9.34
C PHE B 222 -40.00 -4.83 -8.97
N LYS B 223 -39.76 -5.92 -9.70
CA LYS B 223 -40.45 -7.18 -9.42
C LYS B 223 -39.77 -7.84 -8.22
N ILE B 224 -40.46 -7.84 -7.08
CA ILE B 224 -39.91 -8.37 -5.83
C ILE B 224 -40.49 -9.77 -5.59
N ARG B 225 -39.71 -10.58 -4.87
CA ARG B 225 -40.10 -11.93 -4.51
C ARG B 225 -39.07 -12.48 -3.54
N SER B 226 -39.53 -13.34 -2.62
CA SER B 226 -38.65 -13.96 -1.63
C SER B 226 -38.01 -15.21 -2.24
N GLY B 227 -37.11 -14.96 -3.19
CA GLY B 227 -36.45 -16.02 -3.94
C GLY B 227 -35.25 -16.60 -3.21
N LYS B 228 -34.47 -17.39 -3.95
CA LYS B 228 -33.31 -18.06 -3.38
C LYS B 228 -32.07 -17.18 -3.36
N SER B 229 -32.06 -16.09 -4.11
CA SER B 229 -30.86 -15.26 -4.20
C SER B 229 -30.55 -14.60 -2.87
N SER B 230 -29.31 -14.12 -2.75
CA SER B 230 -28.84 -13.51 -1.52
C SER B 230 -27.77 -12.47 -1.84
N ILE B 231 -27.23 -11.85 -0.79
CA ILE B 231 -26.16 -10.87 -0.92
C ILE B 231 -25.08 -11.22 0.08
N MET B 232 -23.83 -10.90 -0.27
CA MET B 232 -22.68 -11.23 0.56
C MET B 232 -21.63 -10.14 0.43
N ARG B 233 -21.00 -9.81 1.55
CA ARG B 233 -19.90 -8.86 1.57
C ARG B 233 -18.58 -9.63 1.56
N SER B 234 -17.80 -9.44 0.50
CA SER B 234 -16.58 -10.20 0.31
C SER B 234 -15.62 -9.42 -0.56
N ASP B 235 -14.32 -9.63 -0.34
CA ASP B 235 -13.27 -9.01 -1.15
C ASP B 235 -12.54 -10.01 -2.03
N ALA B 236 -12.88 -11.29 -1.97
CA ALA B 236 -12.24 -12.28 -2.81
C ALA B 236 -12.69 -12.11 -4.25
N PRO B 237 -11.78 -11.90 -5.20
CA PRO B 237 -12.19 -11.66 -6.59
C PRO B 237 -12.87 -12.88 -7.19
N ILE B 238 -13.49 -12.65 -8.35
CA ILE B 238 -14.25 -13.68 -9.04
C ILE B 238 -13.33 -14.40 -10.01
N GLY B 239 -13.14 -15.70 -9.81
CA GLY B 239 -12.32 -16.53 -10.67
C GLY B 239 -13.17 -17.42 -11.57
N LYS B 240 -12.48 -18.02 -12.55
CA LYS B 240 -13.10 -18.92 -13.50
C LYS B 240 -12.91 -20.35 -13.02
N CYS B 241 -13.95 -20.91 -12.39
CA CYS B 241 -13.94 -22.27 -11.89
C CYS B 241 -15.38 -22.66 -11.57
N ASN B 242 -15.54 -23.88 -11.07
CA ASN B 242 -16.83 -24.34 -10.57
C ASN B 242 -16.69 -24.75 -9.11
N SER B 243 -17.73 -24.48 -8.33
CA SER B 243 -17.76 -24.81 -6.91
C SER B 243 -19.17 -24.58 -6.37
N GLU B 244 -19.74 -25.60 -5.73
CA GLU B 244 -21.12 -25.50 -5.26
C GLU B 244 -21.27 -24.62 -4.03
N CYS B 245 -20.22 -24.48 -3.22
CA CYS B 245 -20.28 -23.69 -2.00
C CYS B 245 -19.48 -22.40 -2.18
N ILE B 246 -19.93 -21.35 -1.47
CA ILE B 246 -19.35 -20.01 -1.57
C ILE B 246 -19.30 -19.40 -0.18
N THR B 247 -18.15 -18.82 0.17
CA THR B 247 -17.94 -18.14 1.43
C THR B 247 -17.33 -16.78 1.16
N PRO B 248 -17.42 -15.84 2.11
CA PRO B 248 -16.75 -14.54 1.93
C PRO B 248 -15.23 -14.65 1.84
N ASN B 249 -14.65 -15.78 2.23
CA ASN B 249 -13.22 -16.01 2.07
C ASN B 249 -12.87 -16.72 0.77
N GLY B 250 -13.87 -17.23 0.05
CA GLY B 250 -13.62 -17.93 -1.19
C GLY B 250 -14.46 -19.19 -1.34
N SER B 251 -14.52 -19.74 -2.56
CA SER B 251 -15.27 -20.95 -2.79
C SER B 251 -14.71 -22.11 -1.97
N ILE B 252 -15.58 -23.06 -1.64
CA ILE B 252 -15.20 -24.19 -0.79
C ILE B 252 -15.71 -25.49 -1.41
N PRO B 253 -14.90 -26.54 -1.46
CA PRO B 253 -15.41 -27.85 -1.87
C PRO B 253 -16.39 -28.39 -0.84
N ASN B 254 -17.54 -28.89 -1.32
CA ASN B 254 -18.58 -29.43 -0.45
C ASN B 254 -18.43 -30.94 -0.22
N ASP B 255 -17.20 -31.45 -0.24
CA ASP B 255 -16.99 -32.88 -0.05
C ASP B 255 -16.86 -33.27 1.42
N LYS B 256 -16.11 -32.49 2.19
CA LYS B 256 -15.96 -32.76 3.62
C LYS B 256 -17.27 -32.43 4.35
N PRO B 257 -17.47 -32.98 5.55
CA PRO B 257 -18.73 -32.74 6.26
C PRO B 257 -18.77 -31.45 7.07
N PHE B 258 -17.66 -30.72 7.19
CA PHE B 258 -17.62 -29.56 8.07
C PHE B 258 -16.91 -28.40 7.37
N GLN B 259 -17.03 -27.22 7.99
CA GLN B 259 -16.43 -25.99 7.48
C GLN B 259 -16.19 -25.06 8.65
N ASN B 260 -14.92 -24.66 8.86
CA ASN B 260 -14.60 -23.61 9.82
C ASN B 260 -14.10 -22.35 9.13
N VAL B 261 -14.38 -22.20 7.83
CA VAL B 261 -13.90 -21.04 7.09
C VAL B 261 -14.65 -19.78 7.53
N ASN B 262 -15.97 -19.80 7.41
CA ASN B 262 -16.80 -18.64 7.77
C ASN B 262 -18.20 -19.12 8.07
N ARG B 263 -18.89 -18.38 8.93
CA ARG B 263 -20.28 -18.71 9.26
C ARG B 263 -21.24 -18.33 8.14
N ILE B 264 -20.81 -17.49 7.20
CA ILE B 264 -21.63 -17.06 6.09
C ILE B 264 -21.33 -17.95 4.89
N THR B 265 -22.35 -18.58 4.33
CA THR B 265 -22.21 -19.45 3.17
C THR B 265 -23.36 -19.21 2.22
N TYR B 266 -23.22 -19.74 1.00
CA TYR B 266 -24.28 -19.70 0.01
C TYR B 266 -24.22 -20.97 -0.84
N GLY B 267 -25.35 -21.66 -0.93
CA GLY B 267 -25.43 -22.93 -1.62
C GLY B 267 -25.31 -24.11 -0.67
N ALA B 268 -25.28 -25.30 -1.26
CA ALA B 268 -25.14 -26.53 -0.48
C ALA B 268 -23.76 -26.56 0.17
N CYS B 269 -23.71 -26.37 1.48
CA CYS B 269 -22.45 -26.26 2.20
C CYS B 269 -22.50 -27.08 3.49
N PRO B 270 -21.35 -27.54 3.97
CA PRO B 270 -21.29 -28.25 5.27
C PRO B 270 -21.63 -27.40 6.48
N ARG B 271 -21.02 -27.72 7.62
CA ARG B 271 -21.53 -27.41 8.95
C ARG B 271 -20.77 -26.25 9.59
N TYR B 272 -20.74 -26.22 10.92
CA TYR B 272 -20.42 -25.05 11.73
C TYR B 272 -18.91 -24.81 11.82
N VAL B 273 -18.57 -23.54 12.11
CA VAL B 273 -17.19 -23.17 12.41
C VAL B 273 -16.91 -23.48 13.87
N LYS B 274 -15.66 -23.83 14.16
CA LYS B 274 -15.23 -24.14 15.51
C LYS B 274 -13.79 -23.63 15.67
N GLN B 275 -13.09 -24.15 16.69
CA GLN B 275 -11.70 -23.77 16.88
C GLN B 275 -10.82 -24.33 15.78
N ASN B 276 -10.88 -25.63 15.56
CA ASN B 276 -10.16 -26.27 14.45
C ASN B 276 -10.74 -27.65 14.18
N GLN C 1 -0.26 4.93 -9.37
CA GLN C 1 1.11 4.54 -9.69
C GLN C 1 1.29 3.03 -9.58
N VAL C 2 1.92 2.43 -10.60
CA VAL C 2 2.12 0.98 -10.64
C VAL C 2 3.45 0.68 -9.95
N GLN C 3 3.38 0.04 -8.78
CA GLN C 3 4.56 -0.29 -8.01
C GLN C 3 4.38 -1.67 -7.41
N LEU C 4 5.51 -2.27 -7.02
CA LEU C 4 5.53 -3.56 -6.34
C LEU C 4 6.51 -3.46 -5.18
N VAL C 5 5.99 -3.49 -3.96
CA VAL C 5 6.79 -3.40 -2.75
C VAL C 5 6.79 -4.76 -2.07
N GLU C 6 7.97 -5.23 -1.68
CA GLU C 6 8.13 -6.54 -1.07
C GLU C 6 8.95 -6.43 0.21
N SER C 7 8.78 -7.43 1.07
CA SER C 7 9.48 -7.47 2.35
C SER C 7 9.68 -8.92 2.75
N GLY C 8 10.09 -9.14 3.99
CA GLY C 8 10.39 -10.47 4.49
C GLY C 8 11.82 -10.91 4.28
N GLY C 9 12.70 -10.03 3.81
CA GLY C 9 14.09 -10.38 3.60
C GLY C 9 14.92 -10.11 4.84
N GLY C 10 15.73 -11.08 5.23
CA GLY C 10 16.58 -10.94 6.39
C GLY C 10 17.54 -12.10 6.49
N VAL C 11 18.32 -12.09 7.57
CA VAL C 11 19.29 -13.15 7.81
C VAL C 11 18.58 -14.33 8.46
N VAL C 12 18.78 -15.52 7.90
CA VAL C 12 18.13 -16.73 8.38
C VAL C 12 19.13 -17.88 8.38
N GLN C 13 18.96 -18.81 9.32
CA GLN C 13 19.86 -19.93 9.46
C GLN C 13 19.57 -21.01 8.42
N PRO C 14 20.60 -21.74 7.97
CA PRO C 14 20.39 -22.75 6.94
C PRO C 14 19.46 -23.86 7.41
N GLY C 15 18.72 -24.42 6.46
CA GLY C 15 17.77 -25.47 6.75
C GLY C 15 16.47 -25.01 7.38
N ARG C 16 16.21 -23.70 7.40
CA ARG C 16 15.01 -23.14 8.00
C ARG C 16 14.17 -22.46 6.94
N SER C 17 12.85 -22.47 7.15
CA SER C 17 11.91 -21.93 6.18
C SER C 17 11.83 -20.41 6.26
N VAL C 18 11.49 -19.79 5.14
CA VAL C 18 11.32 -18.35 5.03
C VAL C 18 10.16 -18.05 4.08
N ARG C 19 9.35 -17.07 4.44
CA ARG C 19 8.21 -16.63 3.63
C ARG C 19 8.47 -15.21 3.13
N LEU C 20 8.49 -15.05 1.81
CA LEU C 20 8.66 -13.75 1.18
C LEU C 20 7.30 -13.16 0.79
N THR C 21 7.11 -11.88 1.06
CA THR C 21 5.86 -11.20 0.78
C THR C 21 6.08 -10.09 -0.24
N CYS C 22 5.14 -9.95 -1.17
CA CYS C 22 5.18 -8.89 -2.17
C CYS C 22 3.76 -8.45 -2.48
N ALA C 23 3.46 -7.18 -2.22
CA ALA C 23 2.16 -6.60 -2.52
C ALA C 23 2.33 -5.36 -3.38
N GLY C 24 1.35 -5.10 -4.24
CA GLY C 24 1.44 -4.01 -5.18
C GLY C 24 0.13 -3.25 -5.29
N SER C 25 0.25 -1.96 -5.58
CA SER C 25 -0.88 -1.07 -5.74
C SER C 25 -0.78 -0.34 -7.07
N GLY C 26 -1.92 0.15 -7.54
CA GLY C 26 -1.96 0.94 -8.75
C GLY C 26 -2.36 0.21 -10.02
N PHE C 27 -2.73 -1.06 -9.92
CA PHE C 27 -3.16 -1.80 -11.10
C PHE C 27 -4.05 -2.95 -10.65
N SER C 28 -4.78 -3.51 -11.61
CA SER C 28 -5.64 -4.66 -11.36
C SER C 28 -4.76 -5.90 -11.14
N PHE C 29 -4.58 -6.27 -9.88
CA PHE C 29 -3.67 -7.37 -9.55
C PHE C 29 -4.26 -8.72 -9.92
N SER C 30 -5.55 -8.91 -9.68
CA SER C 30 -6.20 -10.16 -10.05
C SER C 30 -6.39 -10.30 -11.57
N ASN C 31 -5.81 -9.40 -12.36
CA ASN C 31 -5.90 -9.44 -13.80
C ASN C 31 -4.62 -9.90 -14.48
N PHE C 32 -3.53 -10.06 -13.72
CA PHE C 32 -2.28 -10.59 -14.24
C PHE C 32 -1.72 -11.60 -13.25
N GLY C 33 -0.64 -12.27 -13.66
CA GLY C 33 0.13 -13.11 -12.77
C GLY C 33 1.33 -12.38 -12.21
N MET C 34 2.23 -13.16 -11.59
CA MET C 34 3.43 -12.58 -10.97
C MET C 34 4.59 -13.55 -11.13
N ASN C 35 5.80 -13.03 -10.99
CA ASN C 35 7.03 -13.81 -11.09
C ASN C 35 7.97 -13.50 -9.94
N TRP C 36 8.89 -14.43 -9.68
CA TRP C 36 9.97 -14.25 -8.72
C TRP C 36 11.31 -14.45 -9.40
N VAL C 37 12.27 -13.57 -9.11
CA VAL C 37 13.61 -13.64 -9.67
C VAL C 37 14.61 -13.22 -8.61
N ARG C 38 15.68 -13.99 -8.44
CA ARG C 38 16.75 -13.66 -7.53
C ARG C 38 18.03 -13.37 -8.30
N GLN C 39 18.95 -12.68 -7.64
CA GLN C 39 20.24 -12.34 -8.24
C GLN C 39 21.33 -12.55 -7.20
N ALA C 40 22.17 -13.56 -7.41
CA ALA C 40 23.29 -13.79 -6.53
C ALA C 40 24.25 -12.60 -6.55
N PRO C 41 24.97 -12.34 -5.46
CA PRO C 41 25.86 -11.17 -5.42
C PRO C 41 26.93 -11.24 -6.50
N GLY C 42 26.92 -10.24 -7.38
CA GLY C 42 27.84 -10.17 -8.48
C GLY C 42 27.53 -11.07 -9.65
N LYS C 43 26.63 -12.03 -9.49
CA LYS C 43 26.26 -12.94 -10.57
C LYS C 43 25.03 -12.40 -11.30
N GLY C 44 24.64 -13.11 -12.36
CA GLY C 44 23.55 -12.66 -13.19
C GLY C 44 22.19 -12.86 -12.54
N LEU C 45 21.17 -12.79 -13.38
CA LEU C 45 19.78 -12.89 -12.96
C LEU C 45 19.29 -14.32 -13.18
N GLU C 46 18.78 -14.94 -12.12
CA GLU C 46 18.27 -16.31 -12.15
C GLU C 46 16.76 -16.27 -11.95
N TRP C 47 16.01 -16.83 -12.90
CA TRP C 47 14.57 -16.91 -12.80
C TRP C 47 14.16 -18.00 -11.82
N LEU C 48 12.98 -17.84 -11.22
CA LEU C 48 12.57 -18.72 -10.14
C LEU C 48 11.20 -19.37 -10.36
N ALA C 49 10.12 -18.59 -10.30
CA ALA C 49 8.78 -19.17 -10.32
C ALA C 49 7.78 -18.21 -10.93
N ILE C 50 6.61 -18.75 -11.28
CA ILE C 50 5.52 -18.01 -11.92
C ILE C 50 4.19 -18.50 -11.35
N ILE C 51 3.24 -17.58 -11.19
CA ILE C 51 1.84 -17.91 -10.97
C ILE C 51 1.02 -17.21 -12.05
N SER C 52 -0.03 -17.89 -12.53
CA SER C 52 -0.95 -17.29 -13.49
C SER C 52 -1.88 -16.31 -12.80
N TYR C 53 -2.97 -15.94 -13.49
CA TYR C 53 -3.91 -15.00 -12.88
C TYR C 53 -4.80 -15.67 -11.84
N ASP C 54 -5.09 -16.97 -12.00
CA ASP C 54 -6.03 -17.66 -11.13
C ASP C 54 -5.34 -18.68 -10.21
N GLY C 55 -4.02 -18.66 -10.15
CA GLY C 55 -3.28 -19.60 -9.31
C GLY C 55 -3.32 -21.04 -9.76
N SER C 56 -4.02 -21.35 -10.85
CA SER C 56 -4.09 -22.73 -11.33
C SER C 56 -2.86 -23.13 -12.14
N LYS C 57 -2.14 -22.17 -12.71
CA LYS C 57 -0.93 -22.44 -13.49
C LYS C 57 0.27 -21.95 -12.71
N LYS C 58 1.09 -22.88 -12.23
CA LYS C 58 2.30 -22.56 -11.49
C LYS C 58 3.45 -23.41 -12.00
N TRP C 59 4.66 -22.84 -11.98
CA TRP C 59 5.84 -23.55 -12.46
C TRP C 59 7.05 -23.09 -11.67
N TYR C 60 7.84 -24.05 -11.20
CA TYR C 60 9.05 -23.78 -10.43
C TYR C 60 10.28 -24.21 -11.22
N ALA C 61 11.35 -23.42 -11.12
CA ALA C 61 12.60 -23.79 -11.75
C ALA C 61 13.14 -25.08 -11.14
N ASP C 62 13.89 -25.83 -11.95
CA ASP C 62 14.39 -27.13 -11.50
C ASP C 62 15.39 -26.99 -10.36
N SER C 63 16.18 -25.92 -10.36
CA SER C 63 17.06 -25.63 -9.22
C SER C 63 16.27 -25.24 -7.98
N VAL C 64 14.98 -24.99 -8.11
CA VAL C 64 14.16 -24.51 -7.01
C VAL C 64 12.94 -25.40 -6.75
N LYS C 65 12.50 -26.18 -7.74
CA LYS C 65 11.34 -27.05 -7.59
C LYS C 65 11.47 -27.95 -6.37
N GLY C 66 10.34 -28.19 -5.70
CA GLY C 66 10.32 -29.03 -4.53
C GLY C 66 10.67 -28.28 -3.26
N ARG C 67 11.62 -27.35 -3.36
CA ARG C 67 12.07 -26.60 -2.18
C ARG C 67 11.13 -25.42 -1.89
N PHE C 68 10.82 -24.62 -2.90
CA PHE C 68 10.00 -23.44 -2.71
C PHE C 68 8.58 -23.68 -3.22
N THR C 69 7.63 -22.97 -2.62
CA THR C 69 6.25 -22.97 -3.06
C THR C 69 5.76 -21.53 -3.13
N ILE C 70 5.05 -21.20 -4.22
CA ILE C 70 4.63 -19.84 -4.50
C ILE C 70 3.12 -19.76 -4.40
N SER C 71 2.62 -18.69 -3.79
CA SER C 71 1.20 -18.54 -3.50
C SER C 71 0.74 -17.14 -3.85
N ARG C 72 -0.58 -16.96 -3.91
CA ARG C 72 -1.19 -15.70 -4.32
C ARG C 72 -2.36 -15.36 -3.41
N ASP C 73 -2.44 -14.08 -3.01
CA ASP C 73 -3.56 -13.55 -2.25
C ASP C 73 -4.08 -12.33 -3.01
N ASP C 74 -5.18 -12.52 -3.74
CA ASP C 74 -5.73 -11.42 -4.53
C ASP C 74 -6.53 -10.45 -3.69
N ALA C 75 -7.07 -10.90 -2.55
CA ALA C 75 -7.87 -10.02 -1.70
C ALA C 75 -7.04 -8.84 -1.21
N LYS C 76 -5.79 -9.09 -0.82
CA LYS C 76 -4.86 -8.02 -0.45
C LYS C 76 -3.93 -7.62 -1.58
N ASN C 77 -4.08 -8.23 -2.76
CA ASN C 77 -3.18 -8.01 -3.89
C ASN C 77 -1.73 -8.28 -3.50
N THR C 78 -1.50 -9.46 -2.93
CA THR C 78 -0.21 -9.81 -2.33
C THR C 78 0.29 -11.13 -2.90
N LEU C 79 1.58 -11.16 -3.23
CA LEU C 79 2.25 -12.35 -3.76
C LEU C 79 3.19 -12.91 -2.71
N PHE C 80 3.22 -14.24 -2.59
CA PHE C 80 4.02 -14.92 -1.58
C PHE C 80 4.97 -15.90 -2.23
N LEU C 81 6.05 -16.22 -1.50
CA LEU C 81 7.03 -17.21 -1.95
C LEU C 81 7.58 -17.90 -0.69
N GLN C 82 7.12 -19.12 -0.45
CA GLN C 82 7.62 -19.90 0.68
C GLN C 82 8.93 -20.58 0.28
N MET C 83 9.93 -20.47 1.15
CA MET C 83 11.26 -21.00 0.88
C MET C 83 11.64 -21.97 2.00
N ASN C 84 11.67 -23.27 1.68
CA ASN C 84 11.96 -24.32 2.63
C ASN C 84 13.33 -24.92 2.37
N SER C 85 14.00 -25.34 3.43
CA SER C 85 15.31 -25.99 3.36
C SER C 85 16.30 -25.14 2.56
N LEU C 86 16.72 -24.05 3.19
CA LEU C 86 17.58 -23.07 2.54
C LEU C 86 19.03 -23.49 2.67
N THR C 87 19.71 -23.59 1.53
CA THR C 87 21.15 -23.85 1.49
C THR C 87 21.90 -22.55 1.20
N ALA C 88 23.23 -22.63 1.22
CA ALA C 88 24.05 -21.42 1.13
C ALA C 88 23.87 -20.70 -0.20
N GLU C 89 23.48 -21.41 -1.25
CA GLU C 89 23.33 -20.80 -2.57
C GLU C 89 22.15 -19.85 -2.66
N ASP C 90 21.25 -19.85 -1.67
CA ASP C 90 20.05 -19.03 -1.75
C ASP C 90 20.29 -17.58 -1.34
N THR C 91 21.51 -17.21 -0.95
CA THR C 91 21.85 -15.81 -0.74
C THR C 91 21.69 -15.03 -2.03
N ALA C 92 20.62 -14.25 -2.16
CA ALA C 92 20.38 -13.49 -3.37
C ALA C 92 19.34 -12.42 -3.10
N VAL C 93 19.35 -11.40 -3.94
CA VAL C 93 18.33 -10.34 -3.88
C VAL C 93 17.11 -10.82 -4.65
N TYR C 94 16.04 -11.13 -3.94
CA TYR C 94 14.84 -11.69 -4.54
C TYR C 94 13.94 -10.55 -5.01
N TYR C 95 13.68 -10.51 -6.33
CA TYR C 95 12.87 -9.47 -6.93
C TYR C 95 11.45 -9.98 -7.17
N CYS C 96 10.53 -9.02 -7.28
CA CYS C 96 9.12 -9.28 -7.54
C CYS C 96 8.74 -8.58 -8.84
N SER C 97 8.21 -9.35 -9.79
CA SER C 97 7.89 -8.82 -11.11
C SER C 97 6.48 -9.24 -11.53
N LYS C 98 6.03 -8.66 -12.64
CA LYS C 98 4.67 -8.81 -13.13
C LYS C 98 4.63 -9.75 -14.34
N ASP C 99 3.52 -10.46 -14.47
CA ASP C 99 3.37 -11.44 -15.54
C ASP C 99 3.37 -10.79 -16.92
N ARG C 100 2.91 -9.54 -17.02
CA ARG C 100 2.60 -8.91 -18.30
C ARG C 100 1.57 -9.72 -19.06
N GLY C 101 0.78 -10.51 -18.33
CA GLY C 101 -0.17 -11.40 -18.94
C GLY C 101 -1.62 -11.06 -18.62
N ASP C 102 -2.30 -10.41 -19.56
CA ASP C 102 -3.73 -10.22 -19.46
C ASP C 102 -4.41 -11.59 -19.35
N VAL C 103 -5.50 -11.65 -18.57
CA VAL C 103 -6.24 -12.89 -18.41
C VAL C 103 -6.65 -13.45 -19.76
N TRP C 104 -6.91 -12.58 -20.73
CA TRP C 104 -7.36 -12.99 -22.05
C TRP C 104 -6.20 -13.31 -23.01
N SER C 105 -4.99 -12.84 -22.71
CA SER C 105 -3.82 -13.11 -23.55
C SER C 105 -3.28 -14.50 -23.25
N GLY C 106 -4.08 -15.50 -23.64
CA GLY C 106 -3.70 -16.88 -23.46
C GLY C 106 -3.80 -17.66 -24.75
N TYR C 107 -2.93 -17.39 -25.71
CA TYR C 107 -3.04 -18.02 -27.01
C TYR C 107 -2.69 -19.50 -26.91
N TYR C 108 -3.54 -20.35 -27.47
CA TYR C 108 -3.34 -21.78 -27.41
C TYR C 108 -2.43 -22.26 -28.53
N ARG C 109 -1.50 -23.14 -28.18
CA ARG C 109 -0.74 -23.87 -29.19
C ARG C 109 -1.42 -25.21 -29.44
N GLY C 110 -0.67 -26.30 -29.33
CA GLY C 110 -1.27 -27.61 -29.42
C GLY C 110 -2.11 -27.91 -28.20
N GLY C 111 -1.47 -28.00 -27.04
CA GLY C 111 -2.17 -28.18 -25.79
C GLY C 111 -1.59 -27.30 -24.70
N ASP C 112 -0.59 -26.49 -25.06
CA ASP C 112 0.09 -25.62 -24.12
C ASP C 112 -0.60 -24.27 -24.09
N TYR C 113 -1.24 -23.95 -22.97
CA TYR C 113 -1.79 -22.62 -22.76
C TYR C 113 -0.64 -21.66 -22.48
N HIS C 114 -0.32 -20.82 -23.46
CA HIS C 114 0.87 -19.98 -23.41
C HIS C 114 0.56 -18.66 -22.71
N TYR C 115 0.44 -18.75 -21.39
CA TYR C 115 0.17 -17.60 -20.54
C TYR C 115 1.43 -16.85 -20.12
N TYR C 116 2.59 -17.53 -20.16
CA TYR C 116 3.83 -16.95 -19.65
C TYR C 116 4.42 -15.95 -20.64
N PHE C 117 4.68 -14.74 -20.17
CA PHE C 117 5.29 -13.69 -20.98
C PHE C 117 6.36 -13.01 -20.15
N GLY C 118 6.87 -11.89 -20.66
CA GLY C 118 7.94 -11.17 -20.00
C GLY C 118 7.46 -10.45 -18.75
N MET C 119 8.35 -9.62 -18.21
CA MET C 119 8.12 -8.89 -16.98
C MET C 119 8.20 -7.40 -17.28
N ASP C 120 7.11 -6.67 -17.02
CA ASP C 120 7.04 -5.26 -17.33
C ASP C 120 7.19 -4.35 -16.12
N VAL C 121 6.81 -4.82 -14.93
CA VAL C 121 6.90 -4.04 -13.71
C VAL C 121 7.73 -4.84 -12.69
N TRP C 122 8.77 -4.22 -12.15
CA TRP C 122 9.68 -4.86 -11.22
C TRP C 122 9.55 -4.24 -9.83
N GLY C 123 9.87 -5.03 -8.82
CA GLY C 123 9.95 -4.55 -7.45
C GLY C 123 11.32 -3.96 -7.16
N GLN C 124 11.57 -3.75 -5.86
CA GLN C 124 12.86 -3.25 -5.41
C GLN C 124 13.83 -4.35 -5.01
N GLY C 125 13.32 -5.48 -4.52
CA GLY C 125 14.19 -6.58 -4.14
C GLY C 125 14.62 -6.52 -2.68
N THR C 126 14.34 -7.59 -1.94
CA THR C 126 14.78 -7.69 -0.56
C THR C 126 15.99 -8.62 -0.47
N THR C 127 16.96 -8.24 0.35
CA THR C 127 18.18 -9.01 0.52
C THR C 127 17.92 -10.15 1.50
N VAL C 128 18.00 -11.38 1.01
CA VAL C 128 17.81 -12.58 1.82
C VAL C 128 19.16 -13.27 1.96
N THR C 129 19.63 -13.41 3.19
CA THR C 129 20.95 -13.97 3.49
C THR C 129 20.77 -15.25 4.31
N VAL C 130 21.30 -16.35 3.80
CA VAL C 130 21.25 -17.64 4.47
C VAL C 130 22.66 -17.97 4.97
N SER C 131 22.79 -18.09 6.29
CA SER C 131 24.07 -18.43 6.90
C SER C 131 23.83 -18.75 8.37
N GLY C 132 24.82 -19.39 8.97
CA GLY C 132 24.81 -19.70 10.39
C GLY C 132 25.59 -18.72 11.24
N ALA C 133 26.05 -17.61 10.68
CA ALA C 133 26.84 -16.64 11.42
C ALA C 133 25.94 -15.75 12.25
N SER C 134 26.55 -15.02 13.18
CA SER C 134 25.85 -14.11 14.07
C SER C 134 26.36 -12.68 13.87
N THR C 135 25.65 -11.74 14.48
CA THR C 135 26.02 -10.34 14.38
C THR C 135 27.35 -10.10 15.10
N LYS C 136 28.25 -9.38 14.44
CA LYS C 136 29.55 -9.07 15.01
C LYS C 136 30.08 -7.77 14.42
N GLY C 137 30.75 -6.98 15.26
CA GLY C 137 31.46 -5.81 14.80
C GLY C 137 32.80 -6.18 14.21
N PRO C 138 33.23 -5.44 13.18
CA PRO C 138 34.48 -5.76 12.51
C PRO C 138 35.70 -5.34 13.32
N SER C 139 36.84 -5.95 12.96
CA SER C 139 38.13 -5.61 13.55
C SER C 139 38.92 -4.83 12.50
N VAL C 140 39.04 -3.53 12.72
CA VAL C 140 39.69 -2.63 11.76
C VAL C 140 41.18 -2.57 12.07
N PHE C 141 42.00 -2.69 11.02
CA PHE C 141 43.45 -2.67 11.16
C PHE C 141 44.05 -1.71 10.14
N PRO C 142 45.08 -0.96 10.54
CA PRO C 142 45.66 0.04 9.63
C PRO C 142 46.57 -0.60 8.59
N LEU C 143 46.45 -0.11 7.36
CA LEU C 143 47.39 -0.44 6.28
C LEU C 143 48.37 0.73 6.19
N ALA C 144 49.44 0.64 6.97
CA ALA C 144 50.32 1.77 7.14
C ALA C 144 51.12 2.05 5.87
N PRO C 145 51.38 3.30 5.53
CA PRO C 145 52.22 3.61 4.38
C PRO C 145 53.70 3.44 4.70
N SER C 146 54.47 3.19 3.65
CA SER C 146 55.92 2.99 3.78
C SER C 146 56.55 3.23 2.43
N SER C 147 57.84 2.87 2.30
CA SER C 147 58.52 2.99 1.03
C SER C 147 58.00 2.00 -0.01
N LYS C 148 57.38 0.91 0.43
CA LYS C 148 56.78 -0.05 -0.48
C LYS C 148 55.40 0.38 -0.98
N SER C 149 54.89 1.52 -0.50
CA SER C 149 53.59 2.04 -0.93
C SER C 149 53.73 3.44 -1.52
N THR C 150 54.88 3.72 -2.15
CA THR C 150 55.14 5.02 -2.76
C THR C 150 55.37 4.81 -4.26
N SER C 151 54.59 5.50 -5.08
CA SER C 151 54.75 5.44 -6.52
C SER C 151 55.74 6.49 -6.99
N GLY C 152 55.29 7.74 -7.09
CA GLY C 152 56.16 8.85 -7.42
C GLY C 152 56.22 9.88 -6.31
N GLY C 153 55.26 10.79 -6.30
CA GLY C 153 55.12 11.76 -5.24
C GLY C 153 53.96 11.49 -4.29
N THR C 154 53.29 10.35 -4.43
CA THR C 154 52.14 10.00 -3.60
C THR C 154 52.45 8.77 -2.78
N ALA C 155 51.62 8.53 -1.76
CA ALA C 155 51.76 7.40 -0.87
C ALA C 155 50.39 6.76 -0.64
N ALA C 156 50.37 5.44 -0.52
CA ALA C 156 49.14 4.68 -0.38
C ALA C 156 49.01 4.18 1.06
N LEU C 157 47.83 4.39 1.65
CA LEU C 157 47.52 3.88 2.98
C LEU C 157 46.04 3.52 2.99
N GLY C 158 45.64 2.80 4.03
CA GLY C 158 44.25 2.40 4.12
C GLY C 158 43.97 1.66 5.41
N CYS C 159 42.78 1.06 5.46
CA CYS C 159 42.31 0.31 6.61
C CYS C 159 41.74 -1.02 6.14
N LEU C 160 41.93 -2.06 6.96
CA LEU C 160 41.46 -3.41 6.64
C LEU C 160 40.29 -3.73 7.57
N VAL C 161 39.07 -3.63 7.03
CA VAL C 161 37.86 -3.97 7.77
C VAL C 161 37.66 -5.48 7.64
N LYS C 162 38.12 -6.24 8.63
CA LYS C 162 38.14 -7.68 8.55
C LYS C 162 37.20 -8.30 9.58
N ASP C 163 36.48 -9.33 9.14
CA ASP C 163 35.65 -10.18 10.01
C ASP C 163 34.49 -9.44 10.65
N TYR C 164 33.43 -9.20 9.88
CA TYR C 164 32.15 -8.72 10.38
C TYR C 164 31.04 -9.54 9.73
N PHE C 165 29.83 -9.35 10.22
CA PHE C 165 28.63 -9.93 9.66
C PHE C 165 27.42 -9.31 10.35
N PRO C 166 26.38 -8.92 9.60
CA PRO C 166 26.32 -9.02 8.14
C PRO C 166 26.71 -7.72 7.43
N GLU C 167 26.54 -7.71 6.12
CA GLU C 167 26.72 -6.51 5.33
C GLU C 167 25.66 -5.47 5.70
N PRO C 168 25.93 -4.18 5.46
CA PRO C 168 27.18 -3.62 4.95
C PRO C 168 27.97 -2.81 5.98
N VAL C 169 29.12 -2.29 5.55
CA VAL C 169 29.91 -1.36 6.35
C VAL C 169 30.16 -0.11 5.52
N THR C 170 30.16 1.04 6.17
CA THR C 170 30.42 2.32 5.54
C THR C 170 31.76 2.85 6.03
N VAL C 171 32.62 3.26 5.09
CA VAL C 171 33.96 3.73 5.41
C VAL C 171 34.12 5.14 4.85
N SER C 172 34.54 6.07 5.71
CA SER C 172 34.92 7.41 5.33
C SER C 172 36.30 7.72 5.90
N TRP C 173 36.89 8.80 5.41
CA TRP C 173 38.21 9.23 5.83
C TRP C 173 38.17 10.65 6.34
N ASN C 174 38.69 10.87 7.55
CA ASN C 174 38.70 12.18 8.19
C ASN C 174 37.30 12.77 8.29
N SER C 175 36.34 11.94 8.71
CA SER C 175 34.94 12.35 8.88
C SER C 175 34.37 12.89 7.57
N GLY C 176 34.75 12.28 6.46
CA GLY C 176 34.27 12.69 5.15
C GLY C 176 34.99 13.86 4.53
N ALA C 177 36.06 14.36 5.17
CA ALA C 177 36.80 15.47 4.60
C ALA C 177 37.73 15.03 3.48
N LEU C 178 38.21 13.80 3.53
CA LEU C 178 39.09 13.25 2.50
C LEU C 178 38.29 12.32 1.61
N THR C 179 38.01 12.77 0.39
CA THR C 179 37.23 11.98 -0.56
C THR C 179 37.98 11.64 -1.85
N SER C 180 38.87 12.52 -2.31
CA SER C 180 39.60 12.25 -3.54
C SER C 180 40.66 11.18 -3.32
N GLY C 181 40.74 10.23 -4.26
CA GLY C 181 41.73 9.18 -4.19
C GLY C 181 41.36 8.00 -3.31
N VAL C 182 40.13 7.94 -2.83
CA VAL C 182 39.68 6.86 -1.95
C VAL C 182 39.10 5.73 -2.78
N HIS C 183 39.43 4.49 -2.41
CA HIS C 183 38.90 3.30 -3.05
C HIS C 183 38.45 2.33 -1.96
N THR C 184 37.16 2.27 -1.70
CA THR C 184 36.58 1.28 -0.79
C THR C 184 36.03 0.13 -1.63
N PHE C 185 36.66 -1.02 -1.51
CA PHE C 185 36.37 -2.16 -2.36
C PHE C 185 35.18 -2.96 -1.84
N PRO C 186 34.41 -3.57 -2.73
CA PRO C 186 33.32 -4.44 -2.27
C PRO C 186 33.85 -5.58 -1.43
N ALA C 187 33.09 -5.95 -0.41
CA ALA C 187 33.54 -6.95 0.54
C ALA C 187 33.62 -8.33 -0.11
N VAL C 188 34.44 -9.19 0.48
CA VAL C 188 34.57 -10.57 0.06
C VAL C 188 34.07 -11.47 1.18
N LEU C 189 33.52 -12.62 0.81
CA LEU C 189 32.97 -13.57 1.76
C LEU C 189 34.00 -14.68 1.95
N GLN C 190 34.81 -14.56 3.00
CA GLN C 190 35.79 -15.59 3.31
C GLN C 190 35.11 -16.84 3.87
N SER C 191 35.86 -17.94 3.87
CA SER C 191 35.30 -19.25 4.18
C SER C 191 34.77 -19.35 5.61
N SER C 192 35.07 -18.40 6.48
CA SER C 192 34.60 -18.43 7.86
C SER C 192 33.18 -17.88 8.01
N GLY C 193 32.52 -17.49 6.92
CA GLY C 193 31.18 -16.96 6.98
C GLY C 193 31.10 -15.48 7.30
N LEU C 194 32.23 -14.82 7.54
CA LEU C 194 32.26 -13.39 7.80
C LEU C 194 32.69 -12.64 6.55
N TYR C 195 32.49 -11.33 6.57
CA TYR C 195 32.87 -10.45 5.47
C TYR C 195 34.15 -9.71 5.80
N SER C 196 34.80 -9.21 4.75
CA SER C 196 36.03 -8.44 4.90
C SER C 196 36.25 -7.63 3.64
N LEU C 197 36.82 -6.43 3.82
CA LEU C 197 37.16 -5.56 2.70
C LEU C 197 38.32 -4.67 3.10
N SER C 198 38.75 -3.84 2.15
CA SER C 198 39.80 -2.87 2.40
C SER C 198 39.42 -1.55 1.75
N SER C 199 39.81 -0.45 2.38
CA SER C 199 39.54 0.89 1.89
C SER C 199 40.83 1.69 1.90
N VAL C 200 41.36 1.97 0.72
CA VAL C 200 42.66 2.61 0.58
C VAL C 200 42.46 4.06 0.13
N VAL C 201 43.54 4.84 0.22
CA VAL C 201 43.54 6.23 -0.24
C VAL C 201 44.98 6.61 -0.54
N THR C 202 45.16 7.34 -1.65
CA THR C 202 46.48 7.81 -2.07
C THR C 202 46.62 9.28 -1.70
N VAL C 203 47.66 9.60 -0.94
CA VAL C 203 47.86 10.95 -0.42
C VAL C 203 49.28 11.39 -0.77
N PRO C 204 49.55 12.70 -0.76
CA PRO C 204 50.91 13.17 -1.01
C PRO C 204 51.89 12.60 0.01
N SER C 205 53.01 12.06 -0.50
CA SER C 205 54.01 11.46 0.36
C SER C 205 54.73 12.49 1.23
N SER C 206 54.63 13.78 0.91
CA SER C 206 55.25 14.82 1.70
C SER C 206 54.44 15.21 2.93
N SER C 207 53.18 14.76 3.02
CA SER C 207 52.32 15.10 4.14
C SER C 207 52.15 13.95 5.13
N LEU C 208 52.89 12.85 4.95
CA LEU C 208 52.78 11.72 5.86
C LEU C 208 53.24 12.08 7.26
N GLY C 209 54.22 12.99 7.39
CA GLY C 209 54.74 13.32 8.70
C GLY C 209 53.89 14.29 9.48
N THR C 210 53.09 15.11 8.79
CA THR C 210 52.28 16.14 9.44
C THR C 210 50.79 15.84 9.42
N GLN C 211 50.25 15.37 8.29
CA GLN C 211 48.82 15.18 8.17
C GLN C 211 48.36 13.93 8.90
N THR C 212 47.21 14.02 9.56
CA THR C 212 46.60 12.90 10.27
C THR C 212 45.55 12.25 9.37
N TYR C 213 45.60 10.92 9.28
CA TYR C 213 44.68 10.15 8.46
C TYR C 213 43.93 9.16 9.35
N ILE C 214 42.61 9.26 9.36
CA ILE C 214 41.75 8.42 10.19
C ILE C 214 40.60 7.90 9.34
N CYS C 215 40.42 6.59 9.31
CA CYS C 215 39.29 5.97 8.63
C CYS C 215 38.16 5.74 9.62
N ASN C 216 36.94 6.04 9.18
CA ASN C 216 35.75 5.96 10.02
C ASN C 216 34.91 4.78 9.54
N VAL C 217 34.96 3.68 10.30
CA VAL C 217 34.23 2.46 9.97
C VAL C 217 32.98 2.39 10.85
N ASN C 218 31.84 2.12 10.23
CA ASN C 218 30.57 2.02 10.93
C ASN C 218 29.84 0.78 10.48
N HIS C 219 29.34 0.00 11.44
CA HIS C 219 28.62 -1.26 11.19
C HIS C 219 27.38 -1.25 12.06
N LYS C 220 26.27 -0.75 11.51
CA LYS C 220 25.03 -0.63 12.26
C LYS C 220 24.45 -1.95 12.75
N PRO C 221 24.54 -3.07 12.03
CA PRO C 221 24.04 -4.33 12.60
C PRO C 221 24.58 -4.66 13.98
N SER C 222 25.84 -4.32 14.26
CA SER C 222 26.44 -4.55 15.56
C SER C 222 26.49 -3.30 16.42
N ASN C 223 26.06 -2.15 15.90
CA ASN C 223 26.07 -0.88 16.62
C ASN C 223 27.46 -0.54 17.12
N THR C 224 28.43 -0.57 16.21
CA THR C 224 29.83 -0.30 16.53
C THR C 224 30.40 0.73 15.55
N LYS C 225 31.00 1.78 16.09
CA LYS C 225 31.71 2.78 15.31
C LYS C 225 33.19 2.73 15.72
N VAL C 226 34.08 2.72 14.73
CA VAL C 226 35.51 2.54 14.95
C VAL C 226 36.26 3.63 14.21
N ASP C 227 37.19 4.30 14.90
CA ASP C 227 38.07 5.30 14.31
C ASP C 227 39.51 4.88 14.55
N LYS C 228 40.19 4.49 13.47
CA LYS C 228 41.57 4.01 13.53
C LYS C 228 42.49 5.03 12.86
N ARG C 229 43.57 5.39 13.54
CA ARG C 229 44.58 6.29 12.99
C ARG C 229 45.60 5.50 12.20
N VAL C 230 45.79 5.88 10.94
CA VAL C 230 46.76 5.24 10.06
C VAL C 230 48.02 6.10 10.05
N GLU C 231 49.08 5.60 10.66
CA GLU C 231 50.34 6.33 10.80
C GLU C 231 51.46 5.58 10.10
N PRO C 232 52.49 6.28 9.63
CA PRO C 232 53.62 5.60 8.98
C PRO C 232 54.31 4.64 9.93
N LYS C 233 54.95 3.63 9.35
CA LYS C 233 55.64 2.61 10.12
C LYS C 233 56.85 3.19 10.85
N ASP D 1 13.68 -26.62 -21.26
CA ASP D 1 15.02 -26.27 -20.83
C ASP D 1 15.82 -25.69 -21.99
N ILE D 2 15.65 -24.39 -22.23
CA ILE D 2 16.27 -23.70 -23.35
C ILE D 2 17.39 -22.82 -22.83
N GLN D 3 18.58 -22.98 -23.42
CA GLN D 3 19.75 -22.20 -23.02
C GLN D 3 19.77 -20.86 -23.75
N MET D 4 20.23 -19.83 -23.05
CA MET D 4 20.35 -18.49 -23.61
C MET D 4 21.79 -18.04 -23.46
N THR D 5 22.50 -17.95 -24.59
CA THR D 5 23.88 -17.49 -24.63
C THR D 5 23.91 -16.03 -25.07
N GLN D 6 24.72 -15.23 -24.39
CA GLN D 6 24.78 -13.79 -24.60
C GLN D 6 26.23 -13.38 -24.82
N SER D 7 26.51 -12.77 -25.98
CA SER D 7 27.86 -12.40 -26.35
C SER D 7 27.90 -10.95 -26.83
N PRO D 8 28.94 -10.19 -26.47
CA PRO D 8 30.04 -10.64 -25.61
C PRO D 8 29.68 -10.57 -24.13
N SER D 9 30.55 -11.08 -23.26
CA SER D 9 30.32 -10.94 -21.82
C SER D 9 30.49 -9.50 -21.37
N SER D 10 31.27 -8.70 -22.09
CA SER D 10 31.44 -7.29 -21.82
C SER D 10 32.11 -6.65 -23.03
N LEU D 11 31.92 -5.34 -23.17
CA LEU D 11 32.58 -4.58 -24.20
C LEU D 11 32.81 -3.16 -23.70
N SER D 12 33.55 -2.39 -24.49
CA SER D 12 33.92 -1.02 -24.12
C SER D 12 33.79 -0.14 -25.35
N THR D 13 32.94 0.88 -25.25
CA THR D 13 32.77 1.85 -26.33
C THR D 13 32.71 3.24 -25.73
N SER D 14 32.87 4.25 -26.59
CA SER D 14 32.82 5.63 -26.17
C SER D 14 31.38 6.15 -26.24
N VAL D 15 31.19 7.40 -25.87
CA VAL D 15 29.88 8.03 -25.95
C VAL D 15 29.64 8.48 -27.38
N GLY D 16 28.54 8.04 -27.96
CA GLY D 16 28.17 8.38 -29.32
C GLY D 16 28.36 7.26 -30.33
N ASP D 17 29.01 6.16 -29.96
CA ASP D 17 29.25 5.06 -30.86
C ASP D 17 28.06 4.11 -30.89
N ARG D 18 28.02 3.28 -31.93
CA ARG D 18 26.95 2.29 -32.11
C ARG D 18 27.34 1.00 -31.40
N VAL D 19 26.56 0.62 -30.39
CA VAL D 19 26.80 -0.58 -29.60
C VAL D 19 25.78 -1.63 -30.01
N THR D 20 26.25 -2.87 -30.20
CA THR D 20 25.39 -3.96 -30.64
C THR D 20 25.75 -5.20 -29.84
N ILE D 21 24.85 -5.64 -28.97
CA ILE D 21 24.99 -6.90 -28.26
C ILE D 21 23.91 -7.85 -28.76
N THR D 22 24.18 -9.14 -28.67
CA THR D 22 23.30 -10.16 -29.24
C THR D 22 22.92 -11.19 -28.18
N CYS D 23 22.15 -12.17 -28.62
CA CYS D 23 21.63 -13.21 -27.73
C CYS D 23 21.22 -14.39 -28.59
N GLN D 24 21.79 -15.57 -28.33
CA GLN D 24 21.54 -16.76 -29.12
C GLN D 24 20.83 -17.80 -28.26
N ALA D 25 19.70 -18.29 -28.75
CA ALA D 25 18.90 -19.30 -28.07
C ALA D 25 19.21 -20.68 -28.61
N SER D 26 19.13 -21.68 -27.72
CA SER D 26 19.49 -23.05 -28.09
C SER D 26 18.45 -23.70 -29.00
N GLN D 27 17.30 -23.09 -29.20
CA GLN D 27 16.30 -23.61 -30.12
C GLN D 27 15.42 -22.46 -30.58
N ASP D 28 14.57 -22.75 -31.57
CA ASP D 28 13.67 -21.74 -32.12
C ASP D 28 12.70 -21.27 -31.05
N ILE D 29 12.71 -19.96 -30.77
CA ILE D 29 11.81 -19.35 -29.81
C ILE D 29 10.92 -18.30 -30.45
N SER D 30 10.86 -18.25 -31.78
CA SER D 30 10.03 -17.30 -32.54
C SER D 30 10.44 -15.89 -32.13
N ASN D 31 9.50 -15.00 -31.81
CA ASN D 31 9.82 -13.66 -31.34
C ASN D 31 9.58 -13.51 -29.84
N PHE D 32 9.53 -14.62 -29.11
CA PHE D 32 9.26 -14.61 -27.67
C PHE D 32 10.57 -14.36 -26.91
N LEU D 33 11.04 -13.12 -27.01
CA LEU D 33 12.33 -12.72 -26.46
C LEU D 33 12.23 -11.27 -25.99
N ASN D 34 12.85 -10.96 -24.86
CA ASN D 34 12.79 -9.63 -24.27
C ASN D 34 14.19 -9.17 -23.86
N TRP D 35 14.34 -7.85 -23.70
CA TRP D 35 15.60 -7.23 -23.34
C TRP D 35 15.39 -6.33 -22.12
N TYR D 36 16.30 -6.42 -21.16
CA TYR D 36 16.22 -5.67 -19.92
C TYR D 36 17.51 -4.90 -19.68
N GLN D 37 17.40 -3.84 -18.88
CA GLN D 37 18.54 -3.03 -18.46
C GLN D 37 18.63 -3.04 -16.94
N GLN D 38 19.82 -3.31 -16.41
CA GLN D 38 20.06 -3.31 -14.97
C GLN D 38 21.20 -2.36 -14.66
N LYS D 39 20.86 -1.12 -14.34
CA LYS D 39 21.85 -0.15 -13.88
C LYS D 39 22.44 -0.63 -12.55
N PRO D 40 23.65 -0.17 -12.21
CA PRO D 40 24.32 -0.68 -11.00
C PRO D 40 23.52 -0.42 -9.74
N GLY D 41 23.19 -1.50 -9.03
CA GLY D 41 22.50 -1.41 -7.77
C GLY D 41 20.99 -1.35 -7.85
N LYS D 42 20.42 -1.14 -9.03
CA LYS D 42 18.99 -1.02 -9.21
C LYS D 42 18.41 -2.34 -9.70
N ALA D 43 17.10 -2.35 -9.91
CA ALA D 43 16.37 -3.50 -10.42
C ALA D 43 16.34 -3.47 -11.94
N PRO D 44 16.09 -4.61 -12.58
CA PRO D 44 16.00 -4.64 -14.05
C PRO D 44 14.91 -3.72 -14.57
N GLU D 45 15.17 -3.13 -15.73
CA GLU D 45 14.23 -2.25 -16.41
C GLU D 45 13.96 -2.80 -17.81
N LEU D 46 12.69 -2.97 -18.16
CA LEU D 46 12.33 -3.49 -19.47
C LEU D 46 12.52 -2.44 -20.54
N LEU D 47 13.18 -2.81 -21.64
CA LEU D 47 13.44 -1.91 -22.76
C LEU D 47 12.81 -2.41 -24.06
N ILE D 48 13.11 -3.64 -24.45
CA ILE D 48 12.61 -4.23 -25.70
C ILE D 48 11.81 -5.46 -25.34
N TYR D 49 10.61 -5.59 -25.92
CA TYR D 49 9.77 -6.76 -25.73
C TYR D 49 9.32 -7.28 -27.09
N ASP D 50 9.05 -8.58 -27.14
CA ASP D 50 8.69 -9.28 -28.37
C ASP D 50 9.74 -9.05 -29.45
N ALA D 51 11.01 -9.02 -29.02
CA ALA D 51 12.18 -8.91 -29.89
C ALA D 51 12.31 -7.55 -30.57
N SER D 52 11.19 -6.98 -31.05
CA SER D 52 11.24 -5.82 -31.91
C SER D 52 10.69 -4.54 -31.29
N TYR D 53 9.79 -4.63 -30.32
CA TYR D 53 9.07 -3.46 -29.83
C TYR D 53 9.78 -2.81 -28.65
N LEU D 54 9.59 -1.49 -28.54
CA LEU D 54 10.24 -0.68 -27.52
C LEU D 54 9.20 -0.23 -26.50
N GLN D 55 9.51 -0.43 -25.21
CA GLN D 55 8.58 -0.06 -24.15
C GLN D 55 8.51 1.46 -24.00
N GLY D 56 7.32 1.94 -23.63
CA GLY D 56 7.12 3.38 -23.52
C GLY D 56 8.05 4.01 -22.50
N GLY D 57 8.42 5.25 -22.77
CA GLY D 57 9.35 5.98 -21.92
C GLY D 57 10.81 5.73 -22.22
N VAL D 58 11.13 4.79 -23.10
CA VAL D 58 12.51 4.45 -23.44
C VAL D 58 12.94 5.28 -24.64
N PRO D 59 14.16 5.83 -24.65
CA PRO D 59 14.60 6.63 -25.79
C PRO D 59 14.65 5.82 -27.08
N SER D 60 14.61 6.54 -28.20
CA SER D 60 14.55 5.89 -29.51
C SER D 60 15.89 5.30 -29.92
N ARG D 61 16.98 5.67 -29.25
CA ARG D 61 18.29 5.13 -29.59
C ARG D 61 18.35 3.62 -29.38
N PHE D 62 17.50 3.08 -28.52
CA PHE D 62 17.43 1.64 -28.31
C PHE D 62 16.53 1.00 -29.36
N SER D 63 16.82 -0.26 -29.68
CA SER D 63 16.07 -1.02 -30.68
C SER D 63 16.49 -2.47 -30.60
N GLY D 64 15.62 -3.34 -31.11
CA GLY D 64 15.90 -4.76 -31.14
C GLY D 64 15.48 -5.36 -32.48
N SER D 65 16.01 -6.54 -32.75
CA SER D 65 15.71 -7.25 -33.99
C SER D 65 16.04 -8.72 -33.82
N GLY D 66 15.50 -9.53 -34.73
CA GLY D 66 15.79 -10.96 -34.73
C GLY D 66 14.57 -11.84 -34.59
N SER D 67 14.69 -13.09 -35.00
CA SER D 67 13.62 -14.07 -34.86
C SER D 67 14.21 -15.46 -35.05
N GLY D 68 13.74 -16.40 -34.24
CA GLY D 68 14.21 -17.77 -34.33
C GLY D 68 15.25 -18.13 -33.28
N THR D 69 16.53 -17.98 -33.64
CA THR D 69 17.63 -18.32 -32.74
C THR D 69 18.56 -17.16 -32.45
N ASP D 70 18.74 -16.22 -33.38
CA ASP D 70 19.65 -15.10 -33.21
C ASP D 70 18.86 -13.80 -33.12
N PHE D 71 19.13 -13.03 -32.07
CA PHE D 71 18.51 -11.73 -31.86
C PHE D 71 19.59 -10.70 -31.59
N SER D 72 19.30 -9.44 -31.91
CA SER D 72 20.26 -8.36 -31.74
C SER D 72 19.65 -7.26 -30.91
N PHE D 73 20.51 -6.56 -30.17
CA PHE D 73 20.15 -5.39 -29.38
C PHE D 73 21.10 -4.27 -29.76
N THR D 74 20.55 -3.12 -30.14
CA THR D 74 21.33 -2.06 -30.75
C THR D 74 21.06 -0.72 -30.06
N ILE D 75 22.13 0.00 -29.73
CA ILE D 75 22.06 1.36 -29.22
C ILE D 75 22.72 2.25 -30.27
N SER D 76 21.92 3.07 -30.96
CA SER D 76 22.45 3.85 -32.07
C SER D 76 23.45 4.90 -31.63
N SER D 77 23.27 5.47 -30.44
CA SER D 77 24.20 6.46 -29.90
C SER D 77 24.32 6.23 -28.40
N LEU D 78 25.45 5.68 -27.96
CA LEU D 78 25.66 5.41 -26.55
C LEU D 78 25.75 6.72 -25.77
N GLN D 79 25.20 6.71 -24.56
CA GLN D 79 25.18 7.86 -23.68
C GLN D 79 25.75 7.48 -22.33
N PRO D 80 26.28 8.45 -21.58
CA PRO D 80 26.82 8.12 -20.24
C PRO D 80 25.81 7.47 -19.32
N GLU D 81 24.52 7.76 -19.48
CA GLU D 81 23.47 7.13 -18.68
C GLU D 81 23.07 5.75 -19.19
N ASP D 82 23.86 5.16 -20.08
CA ASP D 82 23.60 3.83 -20.61
C ASP D 82 24.56 2.78 -20.05
N ILE D 83 25.41 3.15 -19.10
CA ILE D 83 26.34 2.21 -18.48
C ILE D 83 25.55 1.25 -17.59
N ALA D 84 25.34 0.04 -18.07
CA ALA D 84 24.58 -0.96 -17.34
C ALA D 84 24.86 -2.32 -17.95
N THR D 85 24.27 -3.35 -17.37
CA THR D 85 24.37 -4.72 -17.87
C THR D 85 23.00 -5.15 -18.41
N TYR D 86 22.98 -5.64 -19.64
CA TYR D 86 21.74 -5.95 -20.34
C TYR D 86 21.58 -7.45 -20.47
N TYR D 87 20.37 -7.93 -20.19
CA TYR D 87 20.04 -9.35 -20.26
C TYR D 87 19.01 -9.59 -21.35
N CYS D 88 18.93 -10.85 -21.78
CA CYS D 88 17.89 -11.30 -22.71
C CYS D 88 17.11 -12.44 -22.07
N GLN D 89 15.79 -12.39 -22.19
CA GLN D 89 14.90 -13.35 -21.56
C GLN D 89 13.92 -13.91 -22.59
N GLN D 90 13.69 -15.21 -22.51
CA GLN D 90 12.74 -15.89 -23.38
C GLN D 90 11.45 -16.17 -22.62
N TYR D 91 10.43 -16.58 -23.39
CA TYR D 91 9.23 -17.17 -22.81
C TYR D 91 8.55 -18.12 -23.79
N ASN D 92 9.34 -18.78 -24.64
CA ASN D 92 8.78 -19.73 -25.59
C ASN D 92 8.11 -20.90 -24.88
N SER D 93 8.76 -21.42 -23.83
CA SER D 93 8.20 -22.51 -23.06
C SER D 93 8.77 -22.45 -21.65
N LEU D 94 8.27 -23.35 -20.79
CA LEU D 94 8.75 -23.43 -19.41
C LEU D 94 9.94 -24.38 -19.32
N PRO D 95 10.95 -24.07 -18.50
CA PRO D 95 11.05 -22.86 -17.67
C PRO D 95 11.54 -21.63 -18.42
N ILE D 96 11.14 -20.45 -17.95
CA ILE D 96 11.65 -19.19 -18.48
C ILE D 96 13.08 -19.01 -18.02
N THR D 97 14.01 -18.84 -18.96
CA THR D 97 15.41 -18.70 -18.66
C THR D 97 15.94 -17.35 -19.14
N PHE D 98 16.93 -16.83 -18.42
CA PHE D 98 17.57 -15.56 -18.76
C PHE D 98 18.87 -15.82 -19.51
N GLY D 99 19.56 -14.74 -19.85
CA GLY D 99 20.86 -14.81 -20.48
C GLY D 99 21.99 -14.61 -19.48
N GLN D 100 23.21 -14.74 -19.99
CA GLN D 100 24.39 -14.59 -19.14
C GLN D 100 24.59 -13.15 -18.71
N GLY D 101 24.38 -12.20 -19.60
CA GLY D 101 24.56 -10.81 -19.29
C GLY D 101 25.73 -10.20 -20.05
N THR D 102 25.59 -8.92 -20.36
CA THR D 102 26.62 -8.18 -21.10
C THR D 102 26.82 -6.83 -20.41
N ARG D 103 28.01 -6.61 -19.89
CA ARG D 103 28.32 -5.37 -19.18
C ARG D 103 28.89 -4.33 -20.15
N LEU D 104 28.44 -3.09 -19.98
CA LEU D 104 28.91 -1.98 -20.79
C LEU D 104 29.99 -1.22 -20.02
N GLU D 105 31.15 -1.04 -20.65
CA GLU D 105 32.26 -0.32 -20.05
C GLU D 105 32.79 0.71 -21.06
N ILE D 106 33.86 1.39 -20.66
CA ILE D 106 34.45 2.46 -21.47
C ILE D 106 35.91 2.09 -21.77
N LYS D 107 36.39 2.55 -22.92
CA LYS D 107 37.72 2.22 -23.43
C LYS D 107 38.62 3.44 -23.34
N ARG D 108 39.86 3.27 -23.84
CA ARG D 108 40.80 4.31 -24.27
C ARG D 108 41.69 4.86 -23.16
N THR D 109 41.66 4.24 -21.97
CA THR D 109 42.66 4.60 -20.96
C THR D 109 43.95 3.81 -21.18
N VAL D 110 43.89 2.49 -21.03
CA VAL D 110 45.01 1.58 -21.28
C VAL D 110 46.22 2.03 -20.46
N ALA D 111 46.01 2.28 -19.16
CA ALA D 111 47.06 2.71 -18.26
C ALA D 111 47.41 1.60 -17.28
N ALA D 112 48.69 1.47 -16.98
CA ALA D 112 49.16 0.38 -16.12
C ALA D 112 48.78 0.64 -14.66
N PRO D 113 48.65 -0.41 -13.86
CA PRO D 113 48.28 -0.22 -12.46
C PRO D 113 49.44 0.26 -11.60
N SER D 114 49.10 0.93 -10.51
CA SER D 114 50.05 1.30 -9.47
C SER D 114 49.97 0.26 -8.37
N VAL D 115 51.06 -0.47 -8.15
CA VAL D 115 51.09 -1.60 -7.25
C VAL D 115 51.64 -1.16 -5.90
N PHE D 116 50.93 -1.52 -4.83
CA PHE D 116 51.36 -1.27 -3.47
C PHE D 116 51.11 -2.52 -2.65
N ILE D 117 51.88 -2.68 -1.57
CA ILE D 117 51.76 -3.83 -0.69
C ILE D 117 51.70 -3.35 0.75
N PHE D 118 50.88 -4.00 1.57
CA PHE D 118 50.68 -3.63 2.96
C PHE D 118 50.89 -4.84 3.86
N PRO D 119 51.97 -4.88 4.65
CA PRO D 119 52.15 -5.97 5.61
C PRO D 119 51.05 -5.97 6.65
N PRO D 120 50.83 -7.08 7.35
CA PRO D 120 49.82 -7.09 8.42
C PRO D 120 50.21 -6.16 9.55
N SER D 121 49.23 -5.40 10.03
CA SER D 121 49.48 -4.49 11.13
C SER D 121 49.77 -5.27 12.42
N ASP D 122 50.45 -4.59 13.35
CA ASP D 122 50.78 -5.22 14.62
C ASP D 122 49.56 -5.45 15.50
N GLU D 123 48.46 -4.74 15.24
CA GLU D 123 47.24 -4.96 16.00
C GLU D 123 46.52 -6.22 15.55
N GLN D 124 46.51 -6.49 14.25
CA GLN D 124 45.94 -7.73 13.74
C GLN D 124 46.74 -8.94 14.19
N LEU D 125 48.07 -8.80 14.28
CA LEU D 125 48.90 -9.89 14.76
C LEU D 125 48.54 -10.26 16.20
N LYS D 126 48.22 -9.27 17.02
CA LYS D 126 47.83 -9.55 18.41
C LYS D 126 46.59 -10.43 18.47
N SER D 127 45.65 -10.24 17.54
CA SER D 127 44.44 -11.05 17.54
C SER D 127 44.69 -12.49 17.12
N GLY D 128 45.80 -12.76 16.46
CA GLY D 128 46.17 -14.11 16.05
C GLY D 128 46.19 -14.35 14.55
N THR D 129 45.71 -13.42 13.74
CA THR D 129 45.66 -13.57 12.29
C THR D 129 46.63 -12.60 11.64
N ALA D 130 46.74 -12.71 10.31
CA ALA D 130 47.63 -11.84 9.54
C ALA D 130 47.12 -11.79 8.11
N SER D 131 46.91 -10.58 7.59
CA SER D 131 46.39 -10.37 6.25
C SER D 131 47.29 -9.37 5.52
N VAL D 132 47.90 -9.82 4.43
CA VAL D 132 48.72 -8.97 3.58
C VAL D 132 47.86 -8.47 2.43
N VAL D 133 47.80 -7.16 2.26
CA VAL D 133 46.93 -6.53 1.26
C VAL D 133 47.80 -6.01 0.12
N CYS D 134 47.41 -6.34 -1.10
CA CYS D 134 48.08 -5.88 -2.31
C CYS D 134 47.10 -5.05 -3.12
N LEU D 135 47.57 -3.88 -3.58
CA LEU D 135 46.70 -2.88 -4.18
C LEU D 135 47.08 -2.63 -5.63
N LEU D 136 46.11 -2.75 -6.52
CA LEU D 136 46.24 -2.39 -7.94
C LEU D 136 45.33 -1.19 -8.16
N ASN D 137 45.92 0.00 -8.20
CA ASN D 137 45.17 1.25 -8.21
C ASN D 137 45.17 1.86 -9.61
N ASN D 138 43.97 2.17 -10.11
CA ASN D 138 43.77 2.87 -11.37
C ASN D 138 44.45 2.16 -12.54
N PHE D 139 43.78 1.17 -13.12
CA PHE D 139 44.30 0.48 -14.29
C PHE D 139 43.17 0.17 -15.25
N TYR D 140 43.55 -0.15 -16.49
CA TYR D 140 42.60 -0.54 -17.53
C TYR D 140 43.37 -1.32 -18.58
N PRO D 141 42.83 -2.42 -19.11
CA PRO D 141 41.48 -2.97 -18.89
C PRO D 141 41.29 -3.71 -17.56
N ARG D 142 40.13 -4.36 -17.42
CA ARG D 142 39.81 -5.05 -16.19
C ARG D 142 40.71 -6.26 -15.97
N GLU D 143 41.06 -6.97 -17.04
CA GLU D 143 41.85 -8.18 -16.92
C GLU D 143 43.18 -7.89 -16.22
N ALA D 144 43.36 -8.53 -15.06
CA ALA D 144 44.57 -8.36 -14.27
C ALA D 144 44.87 -9.67 -13.54
N LYS D 145 46.16 -9.95 -13.38
CA LYS D 145 46.61 -11.19 -12.76
C LYS D 145 47.48 -10.83 -11.55
N VAL D 146 47.06 -11.28 -10.37
CA VAL D 146 47.77 -11.03 -9.12
C VAL D 146 48.18 -12.38 -8.55
N GLN D 147 49.48 -12.56 -8.32
CA GLN D 147 50.02 -13.78 -7.74
C GLN D 147 50.83 -13.44 -6.50
N TRP D 148 50.68 -14.26 -5.47
CA TRP D 148 51.38 -14.08 -4.21
C TRP D 148 52.61 -14.98 -4.14
N LYS D 149 53.69 -14.46 -3.58
CA LYS D 149 54.93 -15.20 -3.39
C LYS D 149 55.34 -15.11 -1.94
N VAL D 150 55.43 -16.25 -1.28
CA VAL D 150 55.91 -16.34 0.10
C VAL D 150 57.24 -17.09 0.06
N ASP D 151 58.33 -16.35 0.27
CA ASP D 151 59.69 -16.87 0.14
C ASP D 151 59.90 -17.49 -1.26
N ASN D 152 59.59 -16.69 -2.28
CA ASN D 152 59.76 -17.01 -3.70
C ASN D 152 58.87 -18.16 -4.17
N ALA D 153 58.03 -18.71 -3.31
CA ALA D 153 57.15 -19.82 -3.67
C ALA D 153 55.76 -19.29 -4.00
N LEU D 154 55.23 -19.70 -5.16
CA LEU D 154 53.93 -19.24 -5.59
C LEU D 154 52.83 -19.79 -4.69
N GLN D 155 51.84 -18.97 -4.40
CA GLN D 155 50.72 -19.31 -3.53
C GLN D 155 49.44 -19.41 -4.33
N SER D 156 48.44 -20.08 -3.74
CA SER D 156 47.13 -20.22 -4.33
C SER D 156 46.16 -20.72 -3.27
N GLY D 157 44.89 -20.37 -3.44
CA GLY D 157 43.84 -20.81 -2.55
C GLY D 157 43.78 -20.11 -1.21
N ASN D 158 44.76 -19.26 -0.88
CA ASN D 158 44.78 -18.55 0.39
C ASN D 158 44.72 -17.04 0.20
N SER D 159 44.16 -16.57 -0.92
CA SER D 159 44.06 -15.14 -1.18
C SER D 159 42.68 -14.84 -1.75
N GLN D 160 42.27 -13.57 -1.62
CA GLN D 160 40.99 -13.11 -2.13
C GLN D 160 41.16 -11.69 -2.66
N GLU D 161 40.51 -11.41 -3.78
CA GLU D 161 40.61 -10.12 -4.45
C GLU D 161 39.22 -9.55 -4.68
N SER D 162 39.16 -8.22 -4.77
CA SER D 162 37.91 -7.49 -5.00
C SER D 162 38.21 -6.31 -5.91
N VAL D 163 37.29 -6.03 -6.84
CA VAL D 163 37.47 -5.02 -7.86
C VAL D 163 36.35 -3.99 -7.74
N THR D 164 36.73 -2.71 -7.83
CA THR D 164 35.76 -1.62 -7.82
C THR D 164 35.13 -1.46 -9.21
N GLU D 165 34.11 -0.61 -9.28
CA GLU D 165 33.55 -0.23 -10.56
C GLU D 165 34.45 0.81 -11.23
N GLN D 166 34.22 1.01 -12.53
CA GLN D 166 35.00 1.99 -13.27
C GLN D 166 34.83 3.37 -12.66
N ASP D 167 35.95 4.06 -12.47
CA ASP D 167 35.91 5.41 -11.91
C ASP D 167 35.18 6.35 -12.86
N SER D 168 34.41 7.28 -12.29
CA SER D 168 33.59 8.18 -13.09
C SER D 168 34.40 9.22 -13.83
N LYS D 169 35.71 9.32 -13.58
CA LYS D 169 36.55 10.34 -14.20
C LYS D 169 37.47 9.76 -15.26
N ASP D 170 38.29 8.76 -14.92
CA ASP D 170 39.25 8.20 -15.86
C ASP D 170 38.90 6.79 -16.32
N SER D 171 37.78 6.24 -15.88
CA SER D 171 37.29 4.93 -16.33
C SER D 171 38.33 3.85 -16.10
N THR D 172 38.91 3.82 -14.91
CA THR D 172 39.92 2.84 -14.54
C THR D 172 39.40 1.97 -13.39
N TYR D 173 39.98 0.78 -13.28
CA TYR D 173 39.63 -0.17 -12.24
C TYR D 173 40.66 -0.12 -11.10
N SER D 174 40.21 -0.57 -9.93
CA SER D 174 41.08 -0.72 -8.77
C SER D 174 40.84 -2.10 -8.17
N LEU D 175 41.94 -2.79 -7.83
CA LEU D 175 41.88 -4.16 -7.34
C LEU D 175 42.66 -4.26 -6.04
N SER D 176 42.15 -5.09 -5.12
CA SER D 176 42.77 -5.29 -3.82
C SER D 176 42.75 -6.79 -3.51
N SER D 177 43.92 -7.43 -3.60
CA SER D 177 44.06 -8.83 -3.25
C SER D 177 44.54 -8.96 -1.81
N THR D 178 43.94 -9.88 -1.07
CA THR D 178 44.21 -10.05 0.36
C THR D 178 44.70 -11.46 0.62
N LEU D 179 45.96 -11.58 1.03
CA LEU D 179 46.54 -12.86 1.43
C LEU D 179 46.33 -13.06 2.92
N THR D 180 45.57 -14.09 3.28
CA THR D 180 45.18 -14.33 4.67
C THR D 180 45.94 -15.53 5.22
N LEU D 181 46.54 -15.36 6.39
CA LEU D 181 47.26 -16.41 7.08
C LEU D 181 47.18 -16.18 8.58
N SER D 182 47.39 -17.25 9.34
CA SER D 182 47.55 -17.10 10.78
C SER D 182 48.91 -16.49 11.08
N LYS D 183 49.05 -15.93 12.30
CA LYS D 183 50.33 -15.33 12.67
C LYS D 183 51.43 -16.37 12.74
N ALA D 184 51.10 -17.59 13.17
CA ALA D 184 52.10 -18.65 13.22
C ALA D 184 52.69 -18.93 11.84
N ASP D 185 51.83 -19.04 10.83
CA ASP D 185 52.32 -19.27 9.48
C ASP D 185 52.98 -18.02 8.89
N TYR D 186 52.58 -16.83 9.36
CA TYR D 186 53.18 -15.61 8.85
C TYR D 186 54.60 -15.43 9.37
N GLU D 187 54.84 -15.77 10.63
CA GLU D 187 56.16 -15.63 11.22
C GLU D 187 57.12 -16.75 10.83
N LYS D 188 56.63 -17.76 10.11
CA LYS D 188 57.50 -18.83 9.60
C LYS D 188 58.30 -18.40 8.39
N HIS D 189 57.95 -17.29 7.75
CA HIS D 189 58.57 -16.86 6.50
C HIS D 189 59.04 -15.42 6.61
N LYS D 190 59.80 -14.99 5.61
CA LYS D 190 60.48 -13.69 5.63
C LYS D 190 60.03 -12.78 4.49
N VAL D 191 60.08 -13.26 3.25
CA VAL D 191 59.80 -12.43 2.08
C VAL D 191 58.42 -12.76 1.56
N TYR D 192 57.54 -11.76 1.51
CA TYR D 192 56.20 -11.87 0.95
C TYR D 192 56.10 -10.90 -0.21
N ALA D 193 55.87 -11.43 -1.40
CA ALA D 193 55.87 -10.62 -2.63
C ALA D 193 54.50 -10.68 -3.30
N CYS D 194 54.15 -9.59 -3.97
CA CYS D 194 52.94 -9.49 -4.78
C CYS D 194 53.35 -9.13 -6.20
N GLU D 195 53.29 -10.10 -7.11
CA GLU D 195 53.64 -9.89 -8.51
C GLU D 195 52.37 -9.63 -9.31
N VAL D 196 52.39 -8.59 -10.14
CA VAL D 196 51.22 -8.12 -10.87
C VAL D 196 51.51 -8.24 -12.37
N THR D 197 50.61 -8.91 -13.09
CA THR D 197 50.69 -9.05 -14.54
C THR D 197 49.55 -8.28 -15.17
N HIS D 198 49.88 -7.27 -15.98
CA HIS D 198 48.87 -6.45 -16.62
C HIS D 198 49.34 -6.09 -18.03
N GLN D 199 48.38 -5.74 -18.87
CA GLN D 199 48.69 -5.41 -20.26
C GLN D 199 49.52 -4.14 -20.36
N GLY D 200 49.24 -3.16 -19.50
CA GLY D 200 49.97 -1.90 -19.53
C GLY D 200 51.36 -1.97 -18.95
N LEU D 201 51.75 -3.09 -18.36
CA LEU D 201 53.07 -3.26 -17.79
C LEU D 201 53.99 -3.96 -18.78
N SER D 202 55.22 -3.44 -18.90
CA SER D 202 56.22 -4.09 -19.74
C SER D 202 56.63 -5.43 -19.15
N SER D 203 57.08 -5.42 -17.90
CA SER D 203 57.42 -6.62 -17.16
C SER D 203 56.58 -6.67 -15.89
N PRO D 204 56.31 -7.88 -15.36
CA PRO D 204 55.51 -7.97 -14.14
C PRO D 204 56.16 -7.24 -12.97
N VAL D 205 55.36 -6.42 -12.29
CA VAL D 205 55.83 -5.63 -11.17
C VAL D 205 55.62 -6.40 -9.89
N THR D 206 56.66 -6.49 -9.06
CA THR D 206 56.64 -7.26 -7.82
C THR D 206 56.97 -6.34 -6.66
N LYS D 207 56.00 -6.16 -5.75
CA LYS D 207 56.20 -5.40 -4.52
C LYS D 207 56.29 -6.37 -3.35
N SER D 208 57.30 -6.18 -2.50
CA SER D 208 57.54 -7.11 -1.41
C SER D 208 58.16 -6.38 -0.23
N PHE D 209 58.16 -7.05 0.91
CA PHE D 209 58.80 -6.53 2.12
C PHE D 209 59.64 -7.66 2.72
N ASN D 210 60.00 -7.51 3.98
CA ASN D 210 60.69 -8.54 4.75
C ASN D 210 59.99 -8.69 6.09
N ARG D 211 60.44 -9.68 6.87
CA ARG D 211 59.78 -10.07 8.12
C ARG D 211 58.34 -10.50 7.85
N GLN E 1 -29.52 28.64 25.37
CA GLN E 1 -28.07 28.67 25.22
C GLN E 1 -27.53 27.26 25.03
N VAL E 2 -26.71 27.08 23.99
CA VAL E 2 -26.08 25.79 23.73
C VAL E 2 -24.85 25.67 24.61
N GLN E 3 -24.82 24.65 25.48
CA GLN E 3 -23.71 24.47 26.39
C GLN E 3 -23.58 23.00 26.74
N LEU E 4 -22.36 22.61 27.12
CA LEU E 4 -22.07 21.24 27.56
C LEU E 4 -21.27 21.34 28.85
N VAL E 5 -21.87 20.91 29.96
CA VAL E 5 -21.22 20.88 31.25
C VAL E 5 -20.93 19.43 31.61
N GLU E 6 -19.75 19.18 32.15
CA GLU E 6 -19.33 17.83 32.49
C GLU E 6 -18.65 17.82 33.85
N SER E 7 -18.76 16.68 34.53
CA SER E 7 -18.20 16.52 35.86
C SER E 7 -17.66 15.09 35.99
N GLY E 8 -17.31 14.71 37.21
CA GLY E 8 -16.69 13.42 37.46
C GLY E 8 -15.19 13.41 37.38
N GLY E 9 -14.55 14.58 37.28
CA GLY E 9 -13.11 14.66 37.17
C GLY E 9 -12.42 14.81 38.51
N GLY E 10 -11.47 13.92 38.79
CA GLY E 10 -10.73 14.00 40.03
C GLY E 10 -9.52 13.08 40.01
N VAL E 11 -8.88 12.98 41.16
CA VAL E 11 -7.71 12.12 41.31
C VAL E 11 -8.18 10.69 41.57
N VAL E 12 -7.63 9.75 40.81
CA VAL E 12 -7.98 8.34 40.93
C VAL E 12 -6.70 7.52 40.92
N GLN E 13 -6.66 6.48 41.76
CA GLN E 13 -5.55 5.56 41.89
C GLN E 13 -5.46 4.67 40.65
N PRO E 14 -4.25 4.38 40.16
CA PRO E 14 -4.12 3.59 38.92
C PRO E 14 -4.75 2.20 39.05
N GLY E 15 -5.18 1.68 37.91
CA GLY E 15 -5.84 0.39 37.85
C GLY E 15 -7.30 0.41 38.23
N ARG E 16 -7.87 1.57 38.55
CA ARG E 16 -9.23 1.68 39.05
C ARG E 16 -10.12 2.36 38.01
N SER E 17 -11.41 2.03 38.08
CA SER E 17 -12.39 2.52 37.11
C SER E 17 -12.92 3.89 37.49
N VAL E 18 -13.29 4.67 36.46
CA VAL E 18 -13.87 5.99 36.63
C VAL E 18 -15.00 6.16 35.62
N ARG E 19 -16.01 6.93 36.00
CA ARG E 19 -17.17 7.22 35.16
C ARG E 19 -17.25 8.72 34.94
N LEU E 20 -17.16 9.15 33.68
CA LEU E 20 -17.30 10.55 33.32
C LEU E 20 -18.74 10.86 32.93
N THR E 21 -19.19 12.06 33.29
CA THR E 21 -20.55 12.50 33.01
C THR E 21 -20.51 13.82 32.27
N CYS E 22 -21.24 13.90 31.14
CA CYS E 22 -21.37 15.13 30.38
C CYS E 22 -22.84 15.31 29.99
N ALA E 23 -23.45 16.39 30.47
CA ALA E 23 -24.83 16.70 30.17
C ALA E 23 -24.92 18.11 29.58
N GLY E 24 -25.82 18.30 28.62
CA GLY E 24 -25.96 19.57 27.96
C GLY E 24 -27.39 20.08 28.03
N SER E 25 -27.53 21.37 27.73
CA SER E 25 -28.82 22.04 27.68
C SER E 25 -28.80 23.05 26.54
N GLY E 26 -29.97 23.28 25.96
CA GLY E 26 -30.11 24.26 24.89
C GLY E 26 -30.06 23.72 23.49
N PHE E 27 -30.21 22.41 23.29
CA PHE E 27 -30.26 21.82 21.96
C PHE E 27 -30.88 20.44 22.06
N SER E 28 -31.37 19.95 20.93
CA SER E 28 -31.93 18.61 20.85
C SER E 28 -30.81 17.59 20.96
N PHE E 29 -30.65 17.01 22.14
CA PHE E 29 -29.52 16.11 22.40
C PHE E 29 -29.67 14.81 21.62
N SER E 30 -30.83 14.17 21.70
CA SER E 30 -31.09 12.92 20.99
C SER E 30 -31.13 13.09 19.47
N ASN E 31 -30.73 14.25 18.98
CA ASN E 31 -30.76 14.57 17.56
C ASN E 31 -29.39 14.58 16.90
N PHE E 32 -28.31 14.55 17.69
CA PHE E 32 -26.96 14.63 17.17
C PHE E 32 -26.09 13.57 17.84
N GLY E 33 -24.81 13.57 17.47
CA GLY E 33 -23.82 12.72 18.12
C GLY E 33 -22.97 13.51 19.11
N MET E 34 -22.10 12.77 19.80
CA MET E 34 -21.26 13.36 20.84
C MET E 34 -19.86 12.74 20.77
N ASN E 35 -18.87 13.54 21.15
CA ASN E 35 -17.47 13.14 21.10
C ASN E 35 -16.79 13.36 22.44
N TRP E 36 -15.69 12.63 22.65
CA TRP E 36 -14.79 12.84 23.77
C TRP E 36 -13.39 13.13 23.24
N VAL E 37 -12.73 14.11 23.85
CA VAL E 37 -11.40 14.55 23.43
C VAL E 37 -10.61 14.92 24.67
N ARG E 38 -9.45 14.30 24.87
CA ARG E 38 -8.59 14.59 26.01
C ARG E 38 -7.34 15.34 25.55
N GLN E 39 -6.74 16.07 26.49
CA GLN E 39 -5.55 16.87 26.21
C GLN E 39 -4.57 16.68 27.36
N ALA E 40 -3.46 15.98 27.07
CA ALA E 40 -2.41 15.81 28.07
C ALA E 40 -1.80 17.16 28.42
N PRO E 41 -1.21 17.27 29.61
CA PRO E 41 -0.57 18.55 30.00
C PRO E 41 0.57 18.90 29.07
N GLY E 42 0.46 20.07 28.43
CA GLY E 42 1.51 20.55 27.55
C GLY E 42 1.44 19.97 26.15
N LYS E 43 0.90 18.76 26.02
CA LYS E 43 0.80 18.10 24.73
C LYS E 43 -0.44 18.57 23.98
N GLY E 44 -0.61 18.08 22.75
CA GLY E 44 -1.71 18.45 21.91
C GLY E 44 -3.01 17.78 22.29
N LEU E 45 -4.02 17.94 21.42
CA LEU E 45 -5.33 17.37 21.64
C LEU E 45 -5.41 15.95 21.07
N GLU E 46 -6.00 15.04 21.83
CA GLU E 46 -6.12 13.65 21.46
C GLU E 46 -7.60 13.27 21.40
N TRP E 47 -8.06 12.85 20.23
CA TRP E 47 -9.44 12.40 20.07
C TRP E 47 -9.63 11.04 20.73
N LEU E 48 -10.87 10.75 21.12
CA LEU E 48 -11.15 9.55 21.91
C LEU E 48 -12.28 8.69 21.35
N ALA E 49 -13.50 9.22 21.29
CA ALA E 49 -14.64 8.37 20.95
C ALA E 49 -15.78 9.20 20.38
N ILE E 50 -16.74 8.50 19.77
CA ILE E 50 -17.91 9.09 19.14
C ILE E 50 -19.10 8.17 19.37
N ILE E 51 -20.28 8.76 19.59
CA ILE E 51 -21.54 8.03 19.61
C ILE E 51 -22.51 8.72 18.66
N SER E 52 -23.35 7.93 18.00
CA SER E 52 -24.44 8.49 17.23
C SER E 52 -25.65 8.75 18.13
N TYR E 53 -26.66 9.43 17.58
CA TYR E 53 -27.88 9.66 18.34
C TYR E 53 -28.60 8.35 18.64
N ASP E 54 -28.49 7.36 17.74
CA ASP E 54 -29.15 6.08 17.94
C ASP E 54 -28.53 5.29 19.09
N GLY E 55 -27.24 5.46 19.33
CA GLY E 55 -26.51 4.59 20.22
C GLY E 55 -26.04 3.30 19.58
N SER E 56 -26.34 3.08 18.30
CA SER E 56 -25.88 1.91 17.57
C SER E 56 -24.58 2.16 16.81
N LYS E 57 -24.04 3.37 16.86
CA LYS E 57 -22.77 3.71 16.22
C LYS E 57 -21.83 4.27 17.29
N LYS E 58 -20.87 3.45 17.73
CA LYS E 58 -19.85 3.87 18.67
C LYS E 58 -18.49 3.48 18.11
N TRP E 59 -17.50 4.35 18.31
CA TRP E 59 -16.15 4.09 17.82
C TRP E 59 -15.12 4.59 18.81
N TYR E 60 -14.06 3.80 18.99
CA TYR E 60 -13.06 4.03 20.03
C TYR E 60 -11.69 4.28 19.41
N ALA E 61 -10.82 4.92 20.19
CA ALA E 61 -9.60 5.54 19.68
C ALA E 61 -8.47 4.56 19.37
N ASP E 62 -8.64 3.27 19.68
CA ASP E 62 -7.62 2.23 19.49
C ASP E 62 -6.45 2.41 20.45
N SER E 63 -6.07 3.66 20.75
CA SER E 63 -5.23 3.94 21.90
C SER E 63 -6.03 3.95 23.19
N VAL E 64 -7.31 3.56 23.10
CA VAL E 64 -8.27 3.64 24.19
C VAL E 64 -9.22 2.44 24.06
N LYS E 65 -9.23 1.83 22.88
CA LYS E 65 -10.14 0.73 22.60
C LYS E 65 -9.99 -0.39 23.61
N GLY E 66 -11.12 -1.02 23.97
CA GLY E 66 -11.13 -2.10 24.92
C GLY E 66 -11.07 -1.61 26.35
N ARG E 67 -10.45 -0.46 26.55
CA ARG E 67 -10.29 0.11 27.90
C ARG E 67 -11.49 0.95 28.29
N PHE E 68 -11.88 1.91 27.46
CA PHE E 68 -13.00 2.78 27.77
C PHE E 68 -14.25 2.32 27.00
N THR E 69 -15.41 2.60 27.58
CA THR E 69 -16.69 2.40 26.92
C THR E 69 -17.50 3.67 27.06
N ILE E 70 -18.09 4.10 25.95
CA ILE E 70 -18.80 5.38 25.88
C ILE E 70 -20.29 5.09 25.77
N SER E 71 -21.09 5.87 26.49
CA SER E 71 -22.52 5.61 26.64
C SER E 71 -23.32 6.88 26.40
N ARG E 72 -24.63 6.70 26.17
CA ARG E 72 -25.53 7.81 25.90
C ARG E 72 -26.89 7.53 26.52
N ASP E 73 -27.48 8.56 27.14
CA ASP E 73 -28.85 8.50 27.65
C ASP E 73 -29.60 9.70 27.09
N ASP E 74 -30.49 9.43 26.13
CA ASP E 74 -31.20 10.52 25.45
C ASP E 74 -32.26 11.15 26.34
N ALA E 75 -32.79 10.42 27.32
CA ALA E 75 -33.82 10.98 28.18
C ALA E 75 -33.23 12.02 29.12
N LYS E 76 -32.09 11.72 29.73
CA LYS E 76 -31.44 12.65 30.64
C LYS E 76 -30.58 13.69 29.93
N ASN E 77 -30.39 13.56 28.62
CA ASN E 77 -29.48 14.40 27.86
C ASN E 77 -28.08 14.40 28.50
N THR E 78 -27.51 13.21 28.61
CA THR E 78 -26.25 13.02 29.31
C THR E 78 -25.36 12.05 28.54
N LEU E 79 -24.10 12.42 28.40
CA LEU E 79 -23.10 11.60 27.71
C LEU E 79 -22.09 11.09 28.74
N PHE E 80 -21.77 9.80 28.66
CA PHE E 80 -20.88 9.16 29.62
C PHE E 80 -19.64 8.63 28.93
N LEU E 81 -18.62 8.29 29.73
CA LEU E 81 -17.38 7.69 29.23
C LEU E 81 -16.78 6.87 30.38
N GLN E 82 -17.16 5.59 30.43
CA GLN E 82 -16.60 4.70 31.44
C GLN E 82 -15.13 4.43 31.14
N MET E 83 -14.30 4.46 32.18
CA MET E 83 -12.86 4.33 32.04
C MET E 83 -12.36 3.26 33.00
N ASN E 84 -11.84 2.15 32.44
CA ASN E 84 -11.34 1.05 33.23
C ASN E 84 -9.84 0.88 33.00
N SER E 85 -9.16 0.34 34.01
CA SER E 85 -7.72 0.06 33.95
C SER E 85 -6.93 1.30 33.56
N LEU E 86 -7.07 2.33 34.39
CA LEU E 86 -6.43 3.62 34.12
C LEU E 86 -4.93 3.55 34.42
N THR E 87 -4.14 4.10 33.51
CA THR E 87 -2.70 4.14 33.63
C THR E 87 -2.23 5.59 33.62
N ALA E 88 -1.00 5.79 34.12
CA ALA E 88 -0.46 7.14 34.33
C ALA E 88 -0.53 8.01 33.08
N GLU E 89 -0.63 7.41 31.89
CA GLU E 89 -0.70 8.21 30.67
C GLU E 89 -2.05 8.91 30.53
N ASP E 90 -3.12 8.31 31.05
CA ASP E 90 -4.46 8.81 30.77
C ASP E 90 -4.80 10.11 31.48
N THR E 91 -3.93 10.62 32.36
CA THR E 91 -4.16 11.91 33.00
C THR E 91 -4.25 13.01 31.93
N ALA E 92 -5.45 13.55 31.75
CA ALA E 92 -5.66 14.59 30.75
C ALA E 92 -6.95 15.32 31.06
N VAL E 93 -7.11 16.48 30.42
CA VAL E 93 -8.34 17.26 30.50
C VAL E 93 -9.28 16.74 29.43
N TYR E 94 -10.30 16.00 29.85
CA TYR E 94 -11.23 15.35 28.92
C TYR E 94 -12.36 16.31 28.58
N TYR E 95 -12.44 16.69 27.30
CA TYR E 95 -13.45 17.62 26.83
C TYR E 95 -14.65 16.87 26.26
N CYS E 96 -15.82 17.51 26.35
CA CYS E 96 -17.06 16.98 25.80
C CYS E 96 -17.48 17.87 24.64
N SER E 97 -17.64 17.27 23.46
CA SER E 97 -17.92 18.00 22.25
C SER E 97 -19.07 17.35 21.48
N LYS E 98 -19.55 18.06 20.47
CA LYS E 98 -20.75 17.68 19.72
C LYS E 98 -20.36 17.28 18.30
N ASP E 99 -20.98 16.21 17.81
CA ASP E 99 -20.65 15.64 16.51
C ASP E 99 -21.20 16.45 15.33
N ARG E 100 -22.07 17.43 15.59
CA ARG E 100 -22.80 18.18 14.56
C ARG E 100 -23.20 17.30 13.39
N GLY E 101 -23.68 16.09 13.68
CA GLY E 101 -23.97 15.12 12.65
C GLY E 101 -25.45 14.95 12.37
N ASP E 102 -26.30 15.64 13.14
CA ASP E 102 -27.75 15.60 12.94
C ASP E 102 -28.25 14.17 12.97
N VAL E 103 -29.49 13.95 12.52
CA VAL E 103 -29.98 12.64 12.21
C VAL E 103 -29.98 12.37 10.71
N TRP E 104 -30.24 13.39 9.89
CA TRP E 104 -30.32 13.29 8.44
C TRP E 104 -29.06 13.72 7.73
N SER E 105 -28.18 14.49 8.40
CA SER E 105 -26.90 14.88 7.83
C SER E 105 -25.93 13.71 7.94
N GLY E 106 -26.25 12.65 7.22
CA GLY E 106 -25.46 11.44 7.21
C GLY E 106 -25.84 10.55 6.05
N TYR E 107 -24.89 10.31 5.15
CA TYR E 107 -25.14 9.67 3.87
C TYR E 107 -24.32 8.38 3.74
N TYR E 108 -24.78 7.50 2.86
CA TYR E 108 -24.07 6.27 2.59
C TYR E 108 -22.98 6.50 1.56
N ARG E 109 -21.86 5.79 1.72
CA ARG E 109 -20.81 5.76 0.72
C ARG E 109 -20.57 4.31 0.31
N GLY E 110 -21.60 3.67 -0.22
CA GLY E 110 -21.52 2.27 -0.58
C GLY E 110 -21.29 1.37 0.62
N GLY E 111 -22.03 1.61 1.70
CA GLY E 111 -21.89 0.84 2.92
C GLY E 111 -21.05 1.48 4.01
N ASP E 112 -20.52 2.68 3.78
CA ASP E 112 -19.68 3.31 4.79
C ASP E 112 -20.52 4.07 5.81
N TYR E 113 -21.60 4.72 5.36
CA TYR E 113 -22.42 5.61 6.17
C TYR E 113 -21.57 6.61 6.93
N HIS E 114 -21.26 7.73 6.27
CA HIS E 114 -20.43 8.79 6.86
C HIS E 114 -21.30 9.62 7.79
N TYR E 115 -21.35 9.21 9.07
CA TYR E 115 -22.09 9.94 10.09
C TYR E 115 -21.21 10.87 10.91
N TYR E 116 -19.90 10.65 10.91
CA TYR E 116 -18.98 11.36 11.78
C TYR E 116 -18.53 12.67 11.15
N PHE E 117 -18.68 13.77 11.89
CA PHE E 117 -18.21 15.06 11.43
C PHE E 117 -17.41 15.75 12.54
N GLY E 118 -17.12 17.03 12.36
CA GLY E 118 -16.28 17.74 13.30
C GLY E 118 -16.99 18.05 14.61
N MET E 119 -16.34 18.90 15.39
CA MET E 119 -16.86 19.39 16.65
C MET E 119 -17.24 20.85 16.50
N ASP E 120 -18.41 21.22 17.00
CA ASP E 120 -18.88 22.60 16.95
C ASP E 120 -19.12 23.21 18.32
N VAL E 121 -19.62 22.43 19.28
CA VAL E 121 -19.88 22.91 20.63
C VAL E 121 -18.99 22.12 21.58
N TRP E 122 -18.12 22.83 22.29
CA TRP E 122 -17.15 22.21 23.19
C TRP E 122 -17.55 22.45 24.65
N GLY E 123 -17.15 21.51 25.50
CA GLY E 123 -17.34 21.66 26.93
C GLY E 123 -16.23 22.49 27.55
N GLN E 124 -16.08 22.36 28.86
CA GLN E 124 -15.03 23.06 29.58
C GLN E 124 -13.86 22.16 29.95
N GLY E 125 -14.09 20.85 30.08
CA GLY E 125 -13.01 19.93 30.37
C GLY E 125 -12.75 19.73 31.85
N THR E 126 -12.95 18.51 32.34
CA THR E 126 -12.64 18.17 33.72
C THR E 126 -11.23 17.60 33.79
N THR E 127 -10.50 17.98 34.84
CA THR E 127 -9.14 17.50 35.04
C THR E 127 -9.18 16.17 35.77
N VAL E 128 -8.67 15.13 35.11
CA VAL E 128 -8.61 13.78 35.68
C VAL E 128 -7.14 13.41 35.85
N THR E 129 -6.75 13.14 37.08
CA THR E 129 -5.38 12.78 37.41
C THR E 129 -5.34 11.34 37.90
N VAL E 130 -4.42 10.54 37.34
CA VAL E 130 -4.33 9.14 37.71
C VAL E 130 -2.98 8.84 38.34
N SER E 131 -2.42 9.83 39.05
CA SER E 131 -1.15 9.64 39.74
C SER E 131 -1.22 8.48 40.72
N GLY E 132 -2.02 8.63 41.76
CA GLY E 132 -2.25 7.55 42.72
C GLY E 132 -1.44 7.61 43.99
N ALA E 133 -0.78 8.72 44.27
CA ALA E 133 -0.09 8.93 45.53
C ALA E 133 -0.99 9.68 46.49
N SER E 134 -0.73 9.52 47.78
CA SER E 134 -1.58 10.15 48.79
C SER E 134 -1.34 11.67 48.83
N THR E 135 -2.36 12.39 49.30
CA THR E 135 -2.31 13.83 49.38
C THR E 135 -1.34 14.28 50.47
N LYS E 136 -0.62 15.37 50.20
CA LYS E 136 0.21 16.00 51.22
C LYS E 136 0.36 17.49 50.89
N GLY E 137 0.68 18.27 51.91
CA GLY E 137 0.87 19.69 51.75
C GLY E 137 2.28 20.03 51.29
N PRO E 138 2.45 21.20 50.70
CA PRO E 138 3.78 21.59 50.21
C PRO E 138 4.67 22.10 51.33
N SER E 139 5.98 21.93 51.13
CA SER E 139 7.00 22.47 52.01
C SER E 139 7.63 23.67 51.31
N VAL E 140 7.33 24.86 51.80
CA VAL E 140 7.76 26.11 51.17
C VAL E 140 9.12 26.51 51.72
N PHE E 141 10.06 26.77 50.83
CA PHE E 141 11.42 27.18 51.19
C PHE E 141 11.78 28.49 50.51
N PRO E 142 12.50 29.37 51.19
CA PRO E 142 12.80 30.69 50.61
C PRO E 142 13.93 30.63 49.60
N LEU E 143 13.78 31.39 48.52
CA LEU E 143 14.84 31.61 47.54
C LEU E 143 15.43 32.99 47.85
N ALA E 144 16.41 32.99 48.76
CA ALA E 144 16.90 34.23 49.32
C ALA E 144 17.70 35.02 48.29
N PRO E 145 17.56 36.34 48.26
CA PRO E 145 18.37 37.16 47.35
C PRO E 145 19.77 37.39 47.92
N SER E 146 20.71 37.63 47.01
CA SER E 146 22.10 37.89 47.37
C SER E 146 22.77 38.63 46.22
N SER E 147 24.10 38.67 46.24
CA SER E 147 24.83 39.31 45.16
C SER E 147 24.74 38.52 43.87
N LYS E 148 24.53 37.21 43.97
CA LYS E 148 24.36 36.36 42.79
C LYS E 148 22.97 36.48 42.18
N SER E 149 22.08 37.27 42.79
CA SER E 149 20.73 37.48 42.27
C SER E 149 20.47 38.95 41.98
N THR E 150 21.52 39.69 41.63
CA THR E 150 21.42 41.12 41.32
C THR E 150 21.88 41.35 39.90
N SER E 151 20.96 41.84 39.05
CA SER E 151 21.29 42.15 37.67
C SER E 151 21.92 43.54 37.57
N GLY E 152 21.08 44.57 37.55
CA GLY E 152 21.57 45.93 37.47
C GLY E 152 20.93 46.84 38.50
N GLY E 153 19.61 46.95 38.47
CA GLY E 153 18.89 47.81 39.39
C GLY E 153 17.89 47.07 40.26
N THR E 154 17.82 45.76 40.10
CA THR E 154 16.83 44.95 40.80
C THR E 154 17.50 43.73 41.41
N ALA E 155 16.75 43.04 42.27
CA ALA E 155 17.18 41.80 42.89
C ALA E 155 16.06 40.78 42.79
N ALA E 156 16.43 39.51 42.66
CA ALA E 156 15.48 38.43 42.48
C ALA E 156 15.37 37.60 43.75
N LEU E 157 14.14 37.32 44.17
CA LEU E 157 13.88 36.45 45.30
C LEU E 157 12.60 35.68 45.02
N GLY E 158 12.37 34.63 45.81
CA GLY E 158 11.18 33.83 45.60
C GLY E 158 11.02 32.77 46.66
N CYS E 159 10.09 31.86 46.39
CA CYS E 159 9.80 30.73 47.27
C CYS E 159 9.73 29.46 46.43
N LEU E 160 10.20 28.36 47.01
CA LEU E 160 10.21 27.06 46.34
C LEU E 160 9.10 26.21 46.93
N VAL E 161 7.95 26.20 46.27
CA VAL E 161 6.81 25.37 46.66
C VAL E 161 7.09 23.96 46.18
N LYS E 162 7.59 23.10 47.06
CA LYS E 162 8.08 21.78 46.70
C LYS E 162 7.30 20.68 47.41
N ASP E 163 7.03 19.60 46.67
CA ASP E 163 6.51 18.34 47.22
C ASP E 163 5.13 18.53 47.85
N TYR E 164 4.16 18.75 46.95
CA TYR E 164 2.75 18.69 47.29
C TYR E 164 2.05 17.80 46.27
N PHE E 165 0.80 17.50 46.56
CA PHE E 165 -0.10 16.74 45.68
C PHE E 165 -1.48 16.72 46.32
N PRO E 166 -2.56 16.90 45.55
CA PRO E 166 -2.52 17.16 44.11
C PRO E 166 -2.44 18.64 43.75
N GLU E 167 -2.59 18.93 42.46
CA GLU E 167 -2.67 20.30 41.99
C GLU E 167 -4.02 20.91 42.38
N PRO E 168 -4.10 22.25 42.47
CA PRO E 168 -3.00 23.20 42.31
C PRO E 168 -2.59 23.89 43.60
N VAL E 169 -1.71 24.89 43.49
CA VAL E 169 -1.35 25.76 44.60
C VAL E 169 -1.43 27.20 44.11
N THR E 170 -1.79 28.09 45.02
CA THR E 170 -1.89 29.52 44.73
C THR E 170 -0.83 30.26 45.54
N VAL E 171 -0.07 31.12 44.87
CA VAL E 171 1.02 31.86 45.50
C VAL E 171 0.81 33.35 45.22
N SER E 172 0.76 34.14 46.28
CA SER E 172 0.73 35.59 46.20
C SER E 172 1.86 36.16 47.04
N TRP E 173 2.14 37.44 46.85
CA TRP E 173 3.24 38.13 47.53
C TRP E 173 2.69 39.30 48.33
N ASN E 174 3.01 39.33 49.62
CA ASN E 174 2.55 40.39 50.53
C ASN E 174 1.03 40.51 50.52
N SER E 175 0.36 39.37 50.61
CA SER E 175 -1.11 39.30 50.63
C SER E 175 -1.69 39.93 49.36
N GLY E 176 -0.98 39.77 48.25
CA GLY E 176 -1.40 40.32 46.98
C GLY E 176 -0.99 41.75 46.72
N ALA E 177 -0.34 42.41 47.68
CA ALA E 177 0.09 43.78 47.48
C ALA E 177 1.23 43.89 46.48
N LEU E 178 1.96 42.80 46.23
CA LEU E 178 3.08 42.79 45.29
C LEU E 178 2.68 41.92 44.10
N THR E 179 2.45 42.55 42.95
CA THR E 179 2.06 41.84 41.74
C THR E 179 2.99 42.07 40.56
N SER E 180 3.59 43.25 40.45
CA SER E 180 4.47 43.54 39.32
C SER E 180 5.78 42.77 39.46
N GLY E 181 6.21 42.16 38.36
CA GLY E 181 7.43 41.38 38.36
C GLY E 181 7.32 39.99 38.96
N VAL E 182 6.11 39.56 39.31
CA VAL E 182 5.90 38.25 39.91
C VAL E 182 5.77 37.21 38.81
N HIS E 183 6.60 36.17 38.87
CA HIS E 183 6.54 35.05 37.93
C HIS E 183 6.34 33.76 38.72
N THR E 184 5.13 33.22 38.67
CA THR E 184 4.82 31.93 39.28
C THR E 184 4.77 30.89 38.17
N PHE E 185 5.76 30.02 38.14
CA PHE E 185 5.94 29.06 37.06
C PHE E 185 5.00 27.88 37.21
N PRO E 186 4.63 27.23 36.10
CA PRO E 186 3.87 25.99 36.19
C PRO E 186 4.64 24.93 36.95
N ALA E 187 3.91 24.06 37.64
CA ALA E 187 4.52 23.02 38.45
C ALA E 187 5.05 21.90 37.56
N VAL E 188 6.10 21.25 38.05
CA VAL E 188 6.69 20.10 37.37
C VAL E 188 6.40 18.85 38.20
N LEU E 189 6.23 17.73 37.52
CA LEU E 189 5.93 16.45 38.16
C LEU E 189 7.23 15.66 38.26
N GLN E 190 7.85 15.70 39.43
CA GLN E 190 9.08 14.95 39.66
C GLN E 190 8.78 13.46 39.87
N SER E 191 9.84 12.66 39.85
CA SER E 191 9.71 11.20 39.83
C SER E 191 9.02 10.64 41.07
N SER E 192 8.87 11.42 42.13
CA SER E 192 8.20 10.93 43.34
C SER E 192 6.69 11.01 43.25
N GLY E 193 6.13 11.45 42.12
CA GLY E 193 4.70 11.62 42.00
C GLY E 193 4.15 12.90 42.60
N LEU E 194 4.99 13.70 43.23
CA LEU E 194 4.58 14.97 43.82
C LEU E 194 4.94 16.12 42.89
N TYR E 195 4.26 17.24 43.08
CA TYR E 195 4.49 18.43 42.27
C TYR E 195 5.44 19.40 42.97
N SER E 196 5.97 20.34 42.20
CA SER E 196 6.88 21.34 42.72
C SER E 196 7.00 22.48 41.71
N LEU E 197 6.98 23.71 42.21
CA LEU E 197 7.16 24.89 41.37
C LEU E 197 7.93 25.94 42.16
N SER E 198 8.16 27.09 41.52
CA SER E 198 8.81 28.22 42.16
C SER E 198 8.15 29.50 41.68
N SER E 199 7.94 30.43 42.61
CA SER E 199 7.36 31.74 42.31
C SER E 199 8.37 32.80 42.68
N VAL E 200 8.79 33.59 41.70
CA VAL E 200 9.83 34.59 41.88
C VAL E 200 9.24 35.98 41.66
N VAL E 201 10.00 36.99 42.08
CA VAL E 201 9.62 38.38 41.89
C VAL E 201 10.89 39.23 41.91
N THR E 202 10.95 40.21 41.02
CA THR E 202 12.09 41.12 40.94
C THR E 202 11.72 42.43 41.63
N VAL E 203 12.51 42.81 42.62
CA VAL E 203 12.26 44.02 43.40
C VAL E 203 13.55 44.83 43.44
N PRO E 204 13.45 46.14 43.70
CA PRO E 204 14.66 46.95 43.88
C PRO E 204 15.47 46.45 45.06
N SER E 205 16.75 46.13 44.80
CA SER E 205 17.62 45.64 45.86
C SER E 205 17.88 46.68 46.94
N SER E 206 17.53 47.94 46.70
CA SER E 206 17.65 48.96 47.74
C SER E 206 16.78 48.64 48.93
N SER E 207 15.57 48.13 48.69
CA SER E 207 14.61 47.85 49.74
C SER E 207 14.80 46.48 50.38
N LEU E 208 15.85 45.75 50.02
CA LEU E 208 16.09 44.45 50.62
C LEU E 208 16.35 44.57 52.12
N GLY E 209 17.04 45.64 52.53
CA GLY E 209 17.29 45.85 53.94
C GLY E 209 16.14 46.42 54.74
N THR E 210 15.11 46.92 54.05
CA THR E 210 13.97 47.56 54.72
C THR E 210 12.65 46.88 54.42
N GLN E 211 12.35 46.63 53.15
CA GLN E 211 11.04 46.10 52.77
C GLN E 211 10.92 44.63 53.14
N THR E 212 9.75 44.25 53.64
CA THR E 212 9.46 42.86 54.00
C THR E 212 8.75 42.18 52.83
N TYR E 213 9.21 40.97 52.50
CA TYR E 213 8.65 40.19 51.39
C TYR E 213 8.21 38.84 51.93
N ILE E 214 6.94 38.51 51.73
CA ILE E 214 6.35 37.27 52.21
C ILE E 214 5.55 36.65 51.08
N CYS E 215 5.78 35.36 50.81
CA CYS E 215 5.00 34.62 49.83
C CYS E 215 3.89 33.87 50.54
N ASN E 216 2.69 33.91 49.94
CA ASN E 216 1.49 33.32 50.53
C ASN E 216 1.10 32.10 49.71
N VAL E 217 1.42 30.91 50.22
CA VAL E 217 1.13 29.65 49.54
C VAL E 217 -0.11 29.04 50.16
N ASN E 218 -1.03 28.60 49.31
CA ASN E 218 -2.28 27.98 49.76
C ASN E 218 -2.53 26.72 48.95
N HIS E 219 -2.85 25.62 49.64
CA HIS E 219 -3.09 24.31 49.01
C HIS E 219 -4.34 23.72 49.66
N LYS E 220 -5.49 23.96 49.03
CA LYS E 220 -6.78 23.55 49.57
C LYS E 220 -6.96 22.03 49.64
N PRO E 221 -6.46 21.24 48.68
CA PRO E 221 -6.56 19.78 48.83
C PRO E 221 -6.01 19.25 50.15
N SER E 222 -5.02 19.93 50.73
CA SER E 222 -4.52 19.60 52.06
C SER E 222 -5.00 20.58 53.12
N ASN E 223 -5.66 21.67 52.72
CA ASN E 223 -6.16 22.69 53.64
C ASN E 223 -5.03 23.28 54.47
N THR E 224 -3.98 23.72 53.80
CA THR E 224 -2.81 24.28 54.44
C THR E 224 -2.48 25.64 53.83
N LYS E 225 -2.36 26.65 54.69
CA LYS E 225 -1.90 27.97 54.29
C LYS E 225 -0.54 28.23 54.93
N VAL E 226 0.42 28.68 54.12
CA VAL E 226 1.80 28.87 54.56
C VAL E 226 2.24 30.27 54.17
N ASP E 227 2.81 31.01 55.11
CA ASP E 227 3.36 32.34 54.88
C ASP E 227 4.84 32.31 55.27
N LYS E 228 5.71 32.43 54.28
CA LYS E 228 7.16 32.36 54.48
C LYS E 228 7.79 33.71 54.18
N ARG E 229 8.66 34.17 55.08
CA ARG E 229 9.39 35.41 54.89
C ARG E 229 10.69 35.13 54.15
N VAL E 230 10.94 35.88 53.08
CA VAL E 230 12.15 35.75 52.27
C VAL E 230 13.07 36.90 52.64
N GLU E 231 14.16 36.59 53.36
CA GLU E 231 15.11 37.58 53.83
C GLU E 231 16.46 37.38 53.14
N PRO E 232 17.25 38.44 52.99
CA PRO E 232 18.57 38.30 52.38
C PRO E 232 19.48 37.38 53.19
N LYS E 233 20.46 36.80 52.50
CA LYS E 233 21.39 35.86 53.12
C LYS E 233 22.31 36.58 54.12
N ASP F 1 -6.59 5.00 9.84
CA ASP F 1 -5.42 5.57 10.49
C ASP F 1 -4.75 6.60 9.59
N ILE F 2 -5.27 7.81 9.61
CA ILE F 2 -4.77 8.91 8.77
C ILE F 2 -3.93 9.84 9.64
N GLN F 3 -2.74 10.16 9.16
CA GLN F 3 -1.82 11.05 9.88
C GLN F 3 -2.00 12.48 9.41
N MET F 4 -1.97 13.41 10.35
CA MET F 4 -2.13 14.83 10.07
C MET F 4 -0.87 15.57 10.51
N THR F 5 -0.13 16.10 9.54
CA THR F 5 1.08 16.86 9.82
C THR F 5 0.80 18.35 9.65
N GLN F 6 1.21 19.14 10.62
CA GLN F 6 0.92 20.57 10.66
C GLN F 6 2.23 21.35 10.69
N SER F 7 2.37 22.29 9.76
CA SER F 7 3.59 23.08 9.65
C SER F 7 3.25 24.56 9.52
N PRO F 8 3.99 25.45 10.21
CA PRO F 8 5.07 25.06 11.12
C PRO F 8 4.54 24.70 12.51
N SER F 9 5.42 24.20 13.38
CA SER F 9 5.01 23.96 14.76
C SER F 9 4.72 25.25 15.50
N SER F 10 5.40 26.34 15.12
CA SER F 10 5.18 27.65 15.71
C SER F 10 5.77 28.70 14.79
N LEU F 11 5.43 29.96 15.06
CA LEU F 11 5.98 31.07 14.29
C LEU F 11 5.79 32.36 15.09
N SER F 12 6.35 33.44 14.56
CA SER F 12 6.30 34.74 15.21
C SER F 12 6.14 35.82 14.15
N THR F 13 5.05 36.58 14.23
CA THR F 13 4.79 37.68 13.31
C THR F 13 4.31 38.89 14.10
N SER F 14 4.33 40.05 13.44
CA SER F 14 3.89 41.29 14.03
C SER F 14 2.37 41.44 13.90
N VAL F 15 1.85 42.55 14.41
CA VAL F 15 0.42 42.84 14.31
C VAL F 15 0.11 43.33 12.90
N GLY F 16 -0.91 42.75 12.28
CA GLY F 16 -1.34 43.15 10.96
C GLY F 16 -0.72 42.38 9.82
N ASP F 17 0.26 41.52 10.08
CA ASP F 17 0.90 40.76 9.02
C ASP F 17 0.08 39.53 8.65
N ARG F 18 0.22 39.10 7.41
CA ARG F 18 -0.50 37.93 6.91
C ARG F 18 0.15 36.66 7.45
N VAL F 19 -0.63 35.85 8.14
CA VAL F 19 -0.18 34.58 8.72
C VAL F 19 -0.84 33.45 7.96
N THR F 20 -0.05 32.45 7.56
CA THR F 20 -0.55 31.31 6.81
C THR F 20 0.10 30.04 7.33
N ILE F 21 -0.71 29.11 7.81
CA ILE F 21 -0.23 27.83 8.32
C ILE F 21 -0.84 26.70 7.50
N THR F 22 -0.25 25.52 7.62
CA THR F 22 -0.59 24.38 6.78
C THR F 22 -1.16 23.23 7.61
N CYS F 23 -1.59 22.19 6.90
CA CYS F 23 -2.02 20.92 7.48
C CYS F 23 -2.07 19.88 6.37
N GLN F 24 -1.18 18.89 6.44
CA GLN F 24 -1.02 17.90 5.38
C GLN F 24 -1.55 16.55 5.85
N ALA F 25 -2.41 15.94 5.04
CA ALA F 25 -3.02 14.67 5.35
C ALA F 25 -2.28 13.54 4.63
N SER F 26 -2.19 12.39 5.31
CA SER F 26 -1.49 11.24 4.75
C SER F 26 -2.21 10.62 3.56
N GLN F 27 -3.49 10.94 3.35
CA GLN F 27 -4.23 10.47 2.19
C GLN F 27 -5.34 11.46 1.87
N ASP F 28 -5.97 11.26 0.72
CA ASP F 28 -7.04 12.16 0.28
C ASP F 28 -8.21 12.11 1.25
N ILE F 29 -8.55 13.26 1.83
CA ILE F 29 -9.66 13.37 2.77
C ILE F 29 -10.76 14.28 2.22
N SER F 30 -10.74 14.57 0.93
CA SER F 30 -11.73 15.44 0.27
C SER F 30 -11.68 16.79 0.98
N ASN F 31 -12.84 17.39 1.30
CA ASN F 31 -12.88 18.66 2.01
C ASN F 31 -13.20 18.48 3.50
N PHE F 32 -13.21 17.24 3.98
CA PHE F 32 -13.57 16.93 5.37
C PHE F 32 -12.38 17.29 6.28
N LEU F 33 -12.26 18.59 6.56
CA LEU F 33 -11.16 19.12 7.34
C LEU F 33 -11.63 20.37 8.07
N ASN F 34 -11.30 20.47 9.35
CA ASN F 34 -11.74 21.58 10.19
C ASN F 34 -10.55 22.25 10.86
N TRP F 35 -10.76 23.49 11.30
CA TRP F 35 -9.73 24.28 11.98
C TRP F 35 -10.28 24.79 13.29
N TYR F 36 -9.50 24.63 14.36
CA TYR F 36 -9.89 25.06 15.70
C TYR F 36 -8.85 25.99 16.29
N GLN F 37 -9.30 26.79 17.27
CA GLN F 37 -8.45 27.73 17.97
C GLN F 37 -8.58 27.47 19.47
N GLN F 38 -7.45 27.32 20.15
CA GLN F 38 -7.41 27.09 21.59
C GLN F 38 -6.58 28.19 22.24
N LYS F 39 -7.25 29.16 22.82
CA LYS F 39 -6.56 30.22 23.54
C LYS F 39 -5.94 29.66 24.82
N PRO F 40 -4.91 30.32 25.36
CA PRO F 40 -4.20 29.78 26.53
C PRO F 40 -5.14 29.53 27.70
N GLY F 41 -5.25 28.26 28.08
CA GLY F 41 -6.07 27.86 29.21
C GLY F 41 -7.52 27.60 28.90
N LYS F 42 -7.99 27.95 27.71
CA LYS F 42 -9.40 27.79 27.35
C LYS F 42 -9.60 26.49 26.57
N ALA F 43 -10.84 26.29 26.12
CA ALA F 43 -11.24 25.12 25.34
C ALA F 43 -11.16 25.43 23.85
N PRO F 44 -11.09 24.41 23.00
CA PRO F 44 -11.02 24.66 21.55
C PRO F 44 -12.27 25.38 21.04
N GLU F 45 -12.04 26.40 20.23
CA GLU F 45 -13.10 27.15 19.56
C GLU F 45 -13.04 26.88 18.07
N LEU F 46 -14.18 26.47 17.50
CA LEU F 46 -14.25 26.16 16.08
C LEU F 46 -14.19 27.44 15.25
N LEU F 47 -13.38 27.40 14.19
CA LEU F 47 -13.23 28.55 13.29
C LEU F 47 -13.59 28.22 11.85
N ILE F 48 -12.91 27.24 11.25
CA ILE F 48 -13.16 26.85 9.86
C ILE F 48 -13.71 25.43 9.85
N TYR F 49 -14.83 25.24 9.15
CA TYR F 49 -15.42 23.93 8.97
C TYR F 49 -15.59 23.64 7.48
N ASP F 50 -15.51 22.35 7.14
CA ASP F 50 -15.55 21.90 5.75
C ASP F 50 -14.49 22.61 4.91
N ALA F 51 -13.32 22.81 5.51
CA ALA F 51 -12.11 23.31 4.85
C ALA F 51 -12.20 24.78 4.45
N SER F 52 -13.36 25.24 3.99
CA SER F 52 -13.48 26.57 3.42
C SER F 52 -14.46 27.49 4.13
N TYR F 53 -15.41 26.96 4.89
CA TYR F 53 -16.45 27.78 5.49
C TYR F 53 -16.03 28.31 6.85
N LEU F 54 -16.53 29.51 7.17
CA LEU F 54 -16.21 30.19 8.42
C LEU F 54 -17.42 30.14 9.35
N GLN F 55 -17.15 29.93 10.64
CA GLN F 55 -18.22 29.74 11.61
C GLN F 55 -18.80 31.08 12.05
N GLY F 56 -20.09 31.06 12.37
CA GLY F 56 -20.80 32.26 12.80
C GLY F 56 -20.14 32.97 13.97
N GLY F 57 -19.94 34.28 13.84
CA GLY F 57 -19.30 35.07 14.88
C GLY F 57 -17.80 35.18 14.77
N VAL F 58 -17.18 34.52 13.79
CA VAL F 58 -15.73 34.56 13.60
C VAL F 58 -15.40 35.73 12.68
N PRO F 59 -14.36 36.52 12.99
CA PRO F 59 -14.00 37.63 12.11
C PRO F 59 -13.65 37.16 10.70
N SER F 60 -13.81 38.06 9.74
CA SER F 60 -13.55 37.71 8.34
C SER F 60 -12.06 37.58 8.04
N ARG F 61 -11.19 38.05 8.93
CA ARG F 61 -9.75 37.92 8.69
C ARG F 61 -9.30 36.47 8.63
N PHE F 62 -10.04 35.56 9.26
CA PHE F 62 -9.76 34.13 9.13
C PHE F 62 -10.41 33.60 7.86
N SER F 63 -9.80 32.57 7.29
CA SER F 63 -10.31 31.94 6.08
C SER F 63 -9.57 30.63 5.86
N GLY F 64 -10.24 29.70 5.16
CA GLY F 64 -9.66 28.41 4.86
C GLY F 64 -9.79 28.08 3.39
N SER F 65 -8.89 27.21 2.93
CA SER F 65 -8.85 26.80 1.54
C SER F 65 -8.10 25.48 1.43
N GLY F 66 -8.39 24.75 0.35
CA GLY F 66 -7.69 23.50 0.08
C GLY F 66 -8.62 22.31 -0.09
N SER F 67 -8.10 21.25 -0.71
CA SER F 67 -8.86 20.03 -0.91
C SER F 67 -7.89 18.90 -1.24
N GLY F 68 -8.22 17.69 -0.77
CA GLY F 68 -7.41 16.53 -1.07
C GLY F 68 -6.46 16.16 0.06
N THR F 69 -5.21 16.63 -0.04
CA THR F 69 -4.19 16.31 0.94
C THR F 69 -3.63 17.52 1.66
N ASP F 70 -3.70 18.72 1.07
CA ASP F 70 -3.11 19.91 1.65
C ASP F 70 -4.16 21.01 1.75
N PHE F 71 -4.27 21.61 2.93
CA PHE F 71 -5.23 22.66 3.20
C PHE F 71 -4.51 23.85 3.81
N SER F 72 -5.08 25.04 3.62
CA SER F 72 -4.47 26.27 4.08
C SER F 72 -5.35 26.94 5.13
N PHE F 73 -4.72 27.56 6.12
CA PHE F 73 -5.39 28.41 7.09
C PHE F 73 -4.68 29.76 7.09
N THR F 74 -5.44 30.83 6.89
CA THR F 74 -4.86 32.15 6.66
C THR F 74 -5.55 33.18 7.54
N ILE F 75 -4.74 34.06 8.14
CA ILE F 75 -5.20 35.24 8.86
C ILE F 75 -4.71 36.46 8.09
N SER F 76 -5.64 37.24 7.55
CA SER F 76 -5.26 38.36 6.69
C SER F 76 -4.49 39.42 7.47
N SER F 77 -4.99 39.80 8.65
CA SER F 77 -4.34 40.79 9.50
C SER F 77 -4.30 40.25 10.92
N LEU F 78 -3.10 39.99 11.42
CA LEU F 78 -2.95 39.44 12.76
C LEU F 78 -3.29 40.48 13.82
N GLN F 79 -4.03 40.05 14.84
CA GLN F 79 -4.43 40.90 15.93
C GLN F 79 -3.93 40.34 17.26
N PRO F 80 -3.67 41.20 18.25
CA PRO F 80 -3.16 40.71 19.54
C PRO F 80 -4.03 39.66 20.21
N GLU F 81 -5.33 39.63 19.91
CA GLU F 81 -6.23 38.62 20.47
C GLU F 81 -6.25 37.33 19.64
N ASP F 82 -5.22 37.10 18.83
CA ASP F 82 -5.11 35.89 18.02
C ASP F 82 -3.97 34.98 18.47
N ILE F 83 -3.24 35.35 19.51
CA ILE F 83 -2.16 34.52 20.05
C ILE F 83 -2.77 33.24 20.60
N ALA F 84 -2.64 32.15 19.85
CA ALA F 84 -3.21 30.87 20.27
C ALA F 84 -2.53 29.75 19.51
N THR F 85 -3.00 28.52 19.73
CA THR F 85 -2.50 27.33 19.06
C THR F 85 -3.62 26.75 18.23
N TYR F 86 -3.45 26.74 16.91
CA TYR F 86 -4.48 26.32 15.98
C TYR F 86 -4.22 24.87 15.54
N TYR F 87 -5.25 24.04 15.67
CA TYR F 87 -5.19 22.65 15.28
C TYR F 87 -6.01 22.41 14.02
N CYS F 88 -5.78 21.27 13.37
CA CYS F 88 -6.59 20.84 12.25
C CYS F 88 -7.10 19.43 12.52
N GLN F 89 -8.36 19.19 12.13
CA GLN F 89 -9.02 17.93 12.41
C GLN F 89 -9.71 17.42 11.15
N GLN F 90 -9.58 16.14 10.88
CA GLN F 90 -10.25 15.49 9.77
C GLN F 90 -11.52 14.80 10.25
N TYR F 91 -12.30 14.33 9.28
CA TYR F 91 -13.39 13.40 9.56
C TYR F 91 -13.70 12.60 8.31
N ASN F 92 -12.65 12.26 7.55
CA ASN F 92 -12.83 11.45 6.35
C ASN F 92 -13.24 10.03 6.72
N SER F 93 -12.48 9.38 7.59
CA SER F 93 -12.81 8.04 8.04
C SER F 93 -12.38 7.88 9.49
N LEU F 94 -12.99 6.90 10.16
CA LEU F 94 -12.62 6.61 11.54
C LEU F 94 -11.25 5.95 11.58
N PRO F 95 -10.41 6.29 12.57
CA PRO F 95 -10.69 7.25 13.65
C PRO F 95 -10.44 8.70 13.26
N ILE F 96 -11.23 9.61 13.85
CA ILE F 96 -11.01 11.03 13.65
C ILE F 96 -9.72 11.45 14.35
N THR F 97 -8.82 12.10 13.61
CA THR F 97 -7.51 12.45 14.11
C THR F 97 -7.26 13.95 13.99
N PHE F 98 -6.48 14.48 14.92
CA PHE F 98 -6.17 15.90 14.98
C PHE F 98 -4.80 16.18 14.39
N GLY F 99 -4.38 17.44 14.46
CA GLY F 99 -3.07 17.85 14.02
C GLY F 99 -2.10 18.09 15.19
N GLN F 100 -0.86 18.38 14.83
CA GLN F 100 0.18 18.57 15.84
C GLN F 100 0.00 19.89 16.59
N GLY F 101 -0.57 20.90 15.96
CA GLY F 101 -0.75 22.19 16.59
C GLY F 101 0.25 23.23 16.15
N THR F 102 -0.21 24.47 15.98
CA THR F 102 0.63 25.58 15.51
C THR F 102 0.50 26.74 16.49
N ARG F 103 1.55 27.00 17.26
CA ARG F 103 1.53 28.07 18.25
C ARG F 103 1.95 29.40 17.61
N LEU F 104 1.20 30.45 17.92
CA LEU F 104 1.54 31.79 17.47
C LEU F 104 2.33 32.52 18.56
N GLU F 105 3.01 33.60 18.15
CA GLU F 105 3.89 34.31 19.05
C GLU F 105 4.04 35.74 18.57
N ILE F 106 4.06 36.69 19.52
CA ILE F 106 4.37 38.07 19.18
C ILE F 106 5.80 38.17 18.71
N LYS F 107 6.04 38.96 17.66
CA LYS F 107 7.39 39.06 17.09
C LYS F 107 8.37 39.55 18.14
N ARG F 108 8.04 40.64 18.84
CA ARG F 108 8.85 41.15 19.95
C ARG F 108 10.25 41.53 19.47
N THR F 109 11.11 41.95 20.40
CA THR F 109 12.49 42.27 20.13
C THR F 109 13.39 41.28 20.87
N VAL F 110 14.67 41.28 20.51
CA VAL F 110 15.64 40.43 21.18
C VAL F 110 15.84 40.94 22.61
N ALA F 111 15.97 40.00 23.56
CA ALA F 111 16.09 40.33 24.96
C ALA F 111 17.23 39.56 25.60
N ALA F 112 17.78 40.13 26.67
CA ALA F 112 18.86 39.51 27.41
C ALA F 112 18.31 38.84 28.65
N PRO F 113 18.46 37.53 28.81
CA PRO F 113 17.94 36.86 30.01
C PRO F 113 18.73 37.27 31.25
N SER F 114 18.03 37.75 32.27
CA SER F 114 18.63 38.03 33.56
C SER F 114 18.75 36.72 34.33
N VAL F 115 19.98 36.32 34.64
CA VAL F 115 20.25 35.02 35.24
C VAL F 115 20.44 35.19 36.74
N PHE F 116 19.75 34.34 37.51
CA PHE F 116 19.86 34.34 38.96
C PHE F 116 19.93 32.90 39.45
N ILE F 117 20.68 32.68 40.52
CA ILE F 117 20.83 31.35 41.10
C ILE F 117 20.50 31.41 42.59
N PHE F 118 19.92 30.33 43.09
CA PHE F 118 19.49 30.25 44.48
C PHE F 118 19.97 28.94 45.10
N PRO F 119 20.91 28.98 46.03
CA PRO F 119 21.32 27.76 46.73
C PRO F 119 20.17 27.20 47.55
N PRO F 120 20.24 25.91 47.93
CA PRO F 120 19.17 25.34 48.74
C PRO F 120 19.11 25.99 50.12
N SER F 121 17.90 26.33 50.55
CA SER F 121 17.72 26.93 51.86
C SER F 121 18.08 25.93 52.96
N ASP F 122 18.45 26.46 54.12
CA ASP F 122 18.83 25.61 55.25
C ASP F 122 17.65 24.81 55.78
N GLU F 123 16.41 25.29 55.57
CA GLU F 123 15.25 24.53 56.02
C GLU F 123 15.02 23.29 55.16
N GLN F 124 15.30 23.39 53.86
CA GLN F 124 15.17 22.22 52.99
C GLN F 124 16.27 21.20 53.26
N LEU F 125 17.46 21.65 53.65
CA LEU F 125 18.53 20.73 53.98
C LEU F 125 18.18 19.91 55.21
N LYS F 126 17.47 20.50 56.17
CA LYS F 126 17.09 19.76 57.37
C LYS F 126 16.18 18.58 57.03
N SER F 127 15.38 18.70 55.97
CA SER F 127 14.52 17.60 55.57
C SER F 127 15.29 16.48 54.89
N GLY F 128 16.47 16.77 54.35
CA GLY F 128 17.32 15.77 53.73
C GLY F 128 17.53 15.95 52.25
N THR F 129 16.85 16.90 51.62
CA THR F 129 16.98 17.14 50.19
C THR F 129 17.58 18.52 49.94
N ALA F 130 17.97 18.76 48.69
CA ALA F 130 18.56 20.03 48.30
C ALA F 130 18.19 20.33 46.86
N SER F 131 17.65 21.52 46.62
CA SER F 131 17.24 21.95 45.29
C SER F 131 17.90 23.29 44.98
N VAL F 132 18.73 23.32 43.95
CA VAL F 132 19.40 24.53 43.49
C VAL F 132 18.60 25.10 42.33
N VAL F 133 18.04 26.29 42.51
CA VAL F 133 17.16 26.91 41.53
C VAL F 133 17.95 27.93 40.73
N CYS F 134 17.79 27.90 39.40
CA CYS F 134 18.38 28.88 38.51
C CYS F 134 17.26 29.57 37.75
N LEU F 135 17.31 30.91 37.72
CA LEU F 135 16.21 31.71 37.19
C LEU F 135 16.65 32.46 35.93
N LEU F 136 15.91 32.25 34.85
CA LEU F 136 16.03 33.05 33.64
C LEU F 136 14.79 33.93 33.57
N ASN F 137 14.96 35.25 33.69
CA ASN F 137 13.86 36.18 33.84
C ASN F 137 13.80 37.13 32.65
N ASN F 138 12.65 37.18 32.00
CA ASN F 138 12.37 38.11 30.90
C ASN F 138 13.40 38.00 29.78
N PHE F 139 13.18 37.05 28.86
CA PHE F 139 14.04 36.89 27.70
C PHE F 139 13.19 36.54 26.49
N TYR F 140 13.78 36.75 25.30
CA TYR F 140 13.15 36.41 24.05
C TYR F 140 14.27 36.12 23.05
N PRO F 141 14.14 35.09 22.21
CA PRO F 141 12.98 34.19 22.09
C PRO F 141 12.92 33.07 23.13
N ARG F 142 12.04 32.09 22.86
CA ARG F 142 11.83 30.99 23.80
C ARG F 142 13.07 30.11 23.91
N GLU F 143 13.79 29.93 22.80
CA GLU F 143 14.94 29.03 22.79
C GLU F 143 16.01 29.49 23.78
N ALA F 144 16.19 28.70 24.85
CA ALA F 144 17.18 28.99 25.87
C ALA F 144 17.77 27.69 26.36
N LYS F 145 19.10 27.67 26.49
CA LYS F 145 19.85 26.47 26.87
C LYS F 145 20.45 26.69 28.25
N VAL F 146 20.14 25.79 29.18
CA VAL F 146 20.58 25.89 30.57
C VAL F 146 21.22 24.58 30.97
N GLN F 147 22.49 24.64 31.40
CA GLN F 147 23.22 23.50 31.90
C GLN F 147 23.59 23.72 33.36
N TRP F 148 23.82 22.62 34.07
CA TRP F 148 24.24 22.66 35.47
C TRP F 148 25.67 22.14 35.59
N LYS F 149 26.48 22.83 36.37
CA LYS F 149 27.87 22.47 36.60
C LYS F 149 28.09 22.26 38.09
N VAL F 150 28.59 21.09 38.47
CA VAL F 150 28.89 20.75 39.85
C VAL F 150 30.39 20.43 39.91
N ASP F 151 31.17 21.34 40.47
CA ASP F 151 32.63 21.23 40.50
C ASP F 151 33.19 21.06 39.09
N ASN F 152 32.78 21.97 38.20
CA ASN F 152 33.23 22.06 36.81
C ASN F 152 32.82 20.86 35.96
N ALA F 153 31.91 20.02 36.44
CA ALA F 153 31.45 18.85 35.70
C ALA F 153 30.02 19.08 35.24
N LEU F 154 29.78 18.86 33.95
CA LEU F 154 28.45 19.06 33.39
C LEU F 154 27.49 17.99 33.91
N GLN F 155 26.26 18.41 34.21
CA GLN F 155 25.24 17.55 34.77
C GLN F 155 24.17 17.25 33.73
N SER F 156 23.37 16.22 34.03
CA SER F 156 22.30 15.80 33.12
C SER F 156 21.36 14.88 33.88
N GLY F 157 20.08 14.93 33.50
CA GLY F 157 19.08 14.02 34.03
C GLY F 157 18.70 14.22 35.48
N ASN F 158 19.27 15.21 36.17
CA ASN F 158 18.93 15.48 37.56
C ASN F 158 18.41 16.90 37.73
N SER F 159 17.80 17.46 36.69
CA SER F 159 17.28 18.81 36.73
C SER F 159 15.98 18.89 35.93
N GLN F 160 15.12 19.82 36.33
CA GLN F 160 13.86 20.06 35.64
C GLN F 160 13.64 21.56 35.52
N GLU F 161 13.06 21.97 34.39
CA GLU F 161 12.82 23.37 34.10
C GLU F 161 11.34 23.60 33.80
N SER F 162 10.92 24.85 33.93
CA SER F 162 9.55 25.26 33.68
C SER F 162 9.56 26.67 33.09
N VAL F 163 8.70 26.90 32.11
CA VAL F 163 8.65 28.16 31.38
C VAL F 163 7.24 28.74 31.49
N THR F 164 7.15 30.03 31.80
CA THR F 164 5.88 30.72 31.85
C THR F 164 5.41 31.08 30.43
N GLU F 165 4.22 31.63 30.34
CA GLU F 165 3.73 32.17 29.08
C GLU F 165 4.35 33.54 28.82
N GLN F 166 4.14 34.05 27.62
CA GLN F 166 4.64 35.37 27.28
C GLN F 166 3.97 36.43 28.15
N ASP F 167 4.78 37.31 28.74
CA ASP F 167 4.23 38.38 29.56
C ASP F 167 3.34 39.29 28.72
N SER F 168 2.22 39.71 29.29
CA SER F 168 1.25 40.53 28.56
C SER F 168 1.80 41.91 28.23
N LYS F 169 2.90 42.34 28.84
CA LYS F 169 3.46 43.67 28.63
C LYS F 169 4.63 43.66 27.65
N ASP F 170 5.65 42.85 27.89
CA ASP F 170 6.85 42.85 27.06
C ASP F 170 7.05 41.54 26.29
N SER F 171 6.07 40.64 26.31
CA SER F 171 6.06 39.43 25.47
C SER F 171 7.31 38.57 25.68
N THR F 172 7.89 38.61 26.87
CA THR F 172 9.09 37.85 27.17
C THR F 172 8.74 36.58 27.95
N TYR F 173 9.64 35.61 27.90
CA TYR F 173 9.51 34.36 28.62
C TYR F 173 10.35 34.39 29.89
N SER F 174 9.98 33.53 30.83
CA SER F 174 10.73 33.33 32.05
C SER F 174 10.91 31.84 32.28
N LEU F 175 12.11 31.45 32.72
CA LEU F 175 12.47 30.05 32.89
C LEU F 175 13.07 29.82 34.27
N SER F 176 12.76 28.68 34.85
CA SER F 176 13.25 28.31 36.19
C SER F 176 13.72 26.86 36.14
N SER F 177 15.01 26.64 36.27
CA SER F 177 15.60 25.31 36.28
C SER F 177 15.95 24.92 37.71
N THR F 178 15.59 23.69 38.10
CA THR F 178 15.76 23.22 39.47
C THR F 178 16.64 21.98 39.47
N LEU F 179 17.83 22.10 40.05
CA LEU F 179 18.76 20.98 40.21
C LEU F 179 18.45 20.29 41.53
N THR F 180 17.92 19.08 41.47
CA THR F 180 17.49 18.35 42.65
C THR F 180 18.53 17.29 43.03
N LEU F 181 18.97 17.34 44.29
CA LEU F 181 19.93 16.38 44.82
C LEU F 181 19.60 16.11 46.28
N SER F 182 20.13 15.01 46.80
CA SER F 182 20.06 14.74 48.21
C SER F 182 21.05 15.63 48.97
N LYS F 183 20.81 15.82 50.27
CA LYS F 183 21.71 16.64 51.06
C LYS F 183 23.11 16.03 51.11
N ALA F 184 23.19 14.71 51.21
CA ALA F 184 24.50 14.05 51.22
C ALA F 184 25.25 14.33 49.93
N ASP F 185 24.57 14.22 48.79
CA ASP F 185 25.21 14.53 47.51
C ASP F 185 25.50 16.03 47.38
N TYR F 186 24.68 16.87 48.01
CA TYR F 186 24.92 18.31 47.93
C TYR F 186 26.13 18.72 48.76
N GLU F 187 26.34 18.06 49.89
CA GLU F 187 27.46 18.40 50.77
C GLU F 187 28.78 17.78 50.33
N LYS F 188 28.77 16.94 49.29
CA LYS F 188 30.01 16.37 48.78
C LYS F 188 30.77 17.34 47.88
N HIS F 189 30.11 18.37 47.36
CA HIS F 189 30.71 19.26 46.39
C HIS F 189 30.69 20.71 46.89
N LYS F 190 31.44 21.56 46.19
CA LYS F 190 31.63 22.94 46.60
C LYS F 190 30.99 23.92 45.62
N VAL F 191 31.39 23.92 44.36
CA VAL F 191 30.94 24.90 43.39
C VAL F 191 29.74 24.35 42.64
N TYR F 192 28.67 25.15 42.56
CA TYR F 192 27.48 24.81 41.80
C TYR F 192 27.18 25.97 40.85
N ALA F 193 27.35 25.73 39.55
CA ALA F 193 27.24 26.77 38.54
C ALA F 193 26.06 26.52 37.62
N CYS F 194 25.50 27.62 37.12
CA CYS F 194 24.40 27.59 36.15
C CYS F 194 24.82 28.42 34.94
N GLU F 195 25.05 27.76 33.81
CA GLU F 195 25.47 28.42 32.58
C GLU F 195 24.28 28.50 31.62
N VAL F 196 24.06 29.68 31.05
CA VAL F 196 22.93 29.94 30.17
C VAL F 196 23.45 30.31 28.79
N THR F 197 22.93 29.64 27.77
CA THR F 197 23.24 29.93 26.38
C THR F 197 21.99 30.50 25.71
N HIS F 198 22.05 31.77 25.32
CA HIS F 198 20.91 32.44 24.73
C HIS F 198 21.39 33.30 23.56
N GLN F 199 20.45 33.60 22.66
CA GLN F 199 20.80 34.39 21.48
C GLN F 199 21.19 35.81 21.85
N GLY F 200 20.45 36.43 22.77
CA GLY F 200 20.75 37.79 23.19
C GLY F 200 22.05 37.95 23.95
N LEU F 201 22.66 36.84 24.38
CA LEU F 201 23.92 36.88 25.10
C LEU F 201 25.08 36.71 24.13
N SER F 202 26.09 37.59 24.25
CA SER F 202 27.27 37.46 23.42
C SER F 202 28.10 36.24 23.82
N SER F 203 28.14 35.94 25.11
CA SER F 203 28.83 34.78 25.65
C SER F 203 27.99 34.17 26.75
N PRO F 204 28.13 32.86 26.99
CA PRO F 204 27.32 32.22 28.03
C PRO F 204 27.56 32.82 29.40
N VAL F 205 26.49 33.08 30.13
CA VAL F 205 26.53 33.69 31.45
C VAL F 205 26.49 32.57 32.50
N THR F 206 27.46 32.59 33.41
CA THR F 206 27.59 31.57 34.45
C THR F 206 27.41 32.22 35.81
N LYS F 207 26.41 31.76 36.56
CA LYS F 207 26.18 32.18 37.93
C LYS F 207 26.43 31.00 38.86
N SER F 208 27.17 31.23 39.94
CA SER F 208 27.58 30.16 40.83
C SER F 208 27.80 30.69 42.23
N PHE F 209 27.77 29.77 43.19
CA PHE F 209 28.10 30.06 44.59
C PHE F 209 29.13 29.04 45.07
N ASN F 210 29.36 29.00 46.37
CA ASN F 210 30.23 28.02 46.99
C ASN F 210 29.48 27.30 48.09
N ARG F 211 30.11 26.27 48.65
CA ARG F 211 29.48 25.36 49.60
C ARG F 211 28.28 24.66 48.97
#